data_7NIU
#
_entry.id   7NIU
#
loop_
_entity.id
_entity.type
_entity.pdbx_description
1 polymer 'Isoform 2 of Phosphatidylcholine translocator ABCB4'
2 polymer 'QA2 Fab-fragment light chain'
3 polymer 'QA2 Fab-fragment heavy chain'
4 polymer '4B1 Fab-fragment light chain'
5 polymer '4B1 Fab-fragment heavy chain'
6 non-polymer CHOLESTEROL
#
loop_
_entity_poly.entity_id
_entity_poly.type
_entity_poly.pdbx_seq_one_letter_code
_entity_poly.pdbx_strand_id
1 'polypeptide(L)'
;MDLEAAKNGTAWRPTSAEGDFELGISSKQKRKKTKTVKMIGVLTLFRYSDWQDKLFMSLGTIMAIAHGSGLPLMMIVFGE
MTDKFVDTAGNFSFPVNFSLSLLNPGKILEEEMTRYAYYYSGLGAGVLVAAYIQVSFWTLAAGRQIRKIRQKFFHAILRQ
EIGWFDINDTTELNTRLTDDISKISEGIGDKVGMFFQAVATFFAGFIVGFIRGWKLTLVIMAISPILGLSAAVWAKILSA
FSDKELAAYAKAGAVAEEALGAIRTVIAFGGQNKELERYQKHLENAKEIGIKKAISANISMGIAFLLIYASYALAFWYGS
TLVISKEYTIGNAMTVFFSILIGAFSVGQAAPCIDAFANARGAAYVIFDIIDNNPKIDSFSERGHKPDSIKGNLEFNDVH
FSYPSRANVKILKGLNLKVQSGQTVALVGSSGCGKSTTVQLIQRLYDPDEGTINIDGQDIRNFNVNYLREIIGVVSQEPV
LFSTTIAENICYGRGNVTMDEIKKAVKEANAYEFIMKLPQKFDTLVGERGAQLSGGQKQRIAIARALVRNPKILLLDEAT
SALDTESEAEVQAALDKAREGRTTIVIAHRLSTVRNADVIAGFEDGVIVEQGSHSELMKKEGVYFKLVNMQTSGSQIQSE
EFELNDEKAATRMAPNGWKSRLFRHSTQKNLKNSQMCQKSLDVETDGLEANVPPVSFLKVLKLNKTEWPYFVVGTVCAIA
NGGLQPAFSVIFSEIIAIFGPGDDAVKQQKCNIFSLIFLFLGIISFFTFFLQGFTFGKAGEILTRRLRSMAFKAMLRQDM
SWFDDHKNSTGALSTRLATDAAQVQGATGTRLALIAQNIANLGTGIIISFIYGWQLTLLLLAVVPIIAVSGIVEMKLLAG
NAKRDKKELEAAGKIATEAIENIRTVVSLTQERKFESMYVEKLYGPYRNSVQKAHIYGITFSISQAFMYFSYAGCFRFGA
YLIVNGHMRFRDVILVFSAIVFGAVALGHASSFAPDYAKAKLSAAHLFMLFERQPLIDSYSEEGLKPDKFEGNITFNEVV
FNYPTRANVPVLQGLSLEVKKGQTLALVGSSGCGKSTVVQLLERFYDPLAGTVLLDGQEAKKLNVQWLRAQLGIVSQEPI
LFDCSIAENIAYGDNSRVVSQDEIVSAAKAANIHPFIETLPHKYETRVGDKGTQLSGGQKQRIAIARALIRQPQILLLDE
ATSALDTESEKVVQEALDKAREGRTCIVIAHRLSTIQNADLIVVFQNGRVKEHGTHQQLLAQKGIYFSMVSVQAGTQNL
;
A
2 'polypeptide(L)'
;SDIQMTQSPSSLSASVGDRVTITCRASQSVSSAVAWYQQKPGKAPKLLIYSASSLYSGVPSRFSGSRSGTDFTLTISSLQ
PEDFATYYCQQSSSSLITFGQGTKVEIKRTVAAPSVFIFPPSDSQLKSGTASVVCLLNNFYPREAKVQWKVDNALQSGNS
QESVTEQDSKDSTYSLSSTLTLSKADYEKHKVYACEVTHQGLSSPVTKSFNRGEC
;
D
3 'polypeptide(L)'
;EISEVQLVESGGGLVQPGGSLRLSCAASGFNFSSSSIHWVRQAPGKGLEWVASISSSSGSTSYADSVKGRFTISADTSKN
TAYLQMNSLRAEDTAVYYCARAYIWWYQMRQAMDYWGQGTLVTVSSASTKGPSVFPLAPSSKSTSGGTAALGCLVKDYFP
EPVTVSWNSGALTSGVHTFPAVLQSSGLYSLSSVVTVPSSSLGTQTYICNVNHKPSNTKVDKKVEPKSCDKTHT
;
E
4 'polypeptide(L)'
;SDIQMTQSPSSLSASVGDRVTITCRASQSVSSAVAWYQQKPGKAPKLLIYSASSLYSGVPSRFSGSRSGTDFTLTISSLQ
PEDFATYYCQQGYSKLITFGQGTKVEIKRTVAAPSVFIFPPSDSQLKSGTASVVCLLNNFYPREAKVQWKVDNALQSGNS
QESVTEQDSKDSTYSLSSTLTLSKADYEKHKVYACEVTHQGLSSPVTKSFNRGEC
;
B
5 'polypeptide(L)'
;EISEVQLVESGGGLVQPGGSLRLSCAASGFNLYSSYIHWVRQAPGKGLEWVAYISSYYGSTSYADSVKGRFTISADTSKN
TAYLQMNSLRAEDTAVYYCARSFSINGSYSWWWDQAAYGLDYWGQGTLVTVSSASTKGPSVFPLAPSSKSTSGGTAALGC
LVKDYFPEPVTVSWNSGALTSGVHTFPAVLQSSGLYSLSSVVTVPSSSLGTQTYICNVNHKPSNTKVDKKVEPKSCDKTH
T
;
C
#
loop_
_chem_comp.id
_chem_comp.type
_chem_comp.name
_chem_comp.formula
CLR non-polymer CHOLESTEROL 'C27 H46 O'
#
# COMPACT_ATOMS: atom_id res chain seq x y z
N THR A 44 -7.46 30.14 4.31
CA THR A 44 -8.33 29.79 5.42
C THR A 44 -8.64 28.31 5.33
N LEU A 45 -9.07 27.69 6.44
CA LEU A 45 -9.51 26.30 6.39
C LEU A 45 -10.78 26.16 5.58
N PHE A 46 -11.83 26.83 6.01
CA PHE A 46 -13.16 26.63 5.44
C PHE A 46 -13.27 27.03 3.97
N ARG A 47 -12.21 27.57 3.37
CA ARG A 47 -12.32 28.16 2.04
C ARG A 47 -12.87 27.18 1.03
N TYR A 48 -12.89 25.89 1.36
CA TYR A 48 -13.54 24.90 0.52
C TYR A 48 -14.86 24.54 1.18
N SER A 49 -15.92 25.14 0.69
CA SER A 49 -17.26 24.91 1.22
C SER A 49 -18.27 25.41 0.21
N ASP A 50 -19.15 24.53 -0.26
CA ASP A 50 -20.27 24.94 -1.09
C ASP A 50 -21.33 25.61 -0.22
N TRP A 51 -22.44 26.01 -0.82
CA TRP A 51 -23.50 26.59 -0.01
C TRP A 51 -23.97 25.57 1.02
N GLN A 52 -24.45 24.40 0.59
CA GLN A 52 -25.05 23.49 1.54
C GLN A 52 -24.01 23.02 2.54
N ASP A 53 -22.74 23.01 2.15
CA ASP A 53 -21.69 22.86 3.14
C ASP A 53 -21.91 23.88 4.25
N LYS A 54 -22.01 25.16 3.88
CA LYS A 54 -22.09 26.19 4.90
C LYS A 54 -23.38 26.07 5.70
N LEU A 55 -24.42 25.47 5.11
CA LEU A 55 -25.65 25.32 5.88
C LEU A 55 -25.55 24.17 6.87
N PHE A 56 -24.93 23.07 6.47
CA PHE A 56 -24.46 22.09 7.44
C PHE A 56 -23.73 22.79 8.59
N MET A 57 -22.74 23.61 8.25
CA MET A 57 -21.95 24.28 9.28
C MET A 57 -22.83 25.09 10.21
N SER A 58 -23.47 26.13 9.67
CA SER A 58 -24.15 27.12 10.51
C SER A 58 -25.26 26.49 11.33
N LEU A 59 -25.97 25.51 10.78
CA LEU A 59 -26.96 24.83 11.60
C LEU A 59 -26.28 24.02 12.70
N GLY A 60 -25.12 23.44 12.41
CA GLY A 60 -24.39 22.77 13.46
C GLY A 60 -23.89 23.71 14.52
N THR A 61 -23.52 24.92 14.13
CA THR A 61 -22.93 25.86 15.07
C THR A 61 -23.97 26.49 15.98
N ILE A 62 -25.12 26.91 15.43
CA ILE A 62 -26.15 27.42 16.32
C ILE A 62 -26.68 26.30 17.21
N MET A 63 -26.76 25.08 16.68
CA MET A 63 -27.25 24.02 17.55
C MET A 63 -26.19 23.63 18.57
N ALA A 64 -24.92 23.91 18.28
CA ALA A 64 -23.89 23.77 19.30
C ALA A 64 -24.03 24.85 20.37
N ILE A 65 -24.39 26.06 19.97
CA ILE A 65 -24.66 27.10 20.95
C ILE A 65 -25.74 26.65 21.91
N ALA A 66 -26.81 26.04 21.39
CA ALA A 66 -27.88 25.61 22.28
C ALA A 66 -27.45 24.41 23.11
N HIS A 67 -26.68 23.50 22.50
CA HIS A 67 -26.03 22.46 23.28
C HIS A 67 -25.33 23.04 24.49
N GLY A 68 -24.55 24.11 24.30
CA GLY A 68 -23.79 24.67 25.39
C GLY A 68 -24.64 25.37 26.42
N SER A 69 -25.52 26.26 25.98
CA SER A 69 -26.42 26.99 26.88
C SER A 69 -27.33 26.06 27.66
N GLY A 70 -27.35 24.77 27.35
CA GLY A 70 -28.11 23.84 28.17
C GLY A 70 -27.86 23.98 29.66
N LEU A 71 -26.67 23.59 30.13
CA LEU A 71 -26.49 23.35 31.57
C LEU A 71 -26.42 24.61 32.44
N PRO A 72 -25.87 25.75 31.99
CA PRO A 72 -26.07 26.96 32.79
C PRO A 72 -27.53 27.28 33.04
N LEU A 73 -28.36 27.27 32.00
CA LEU A 73 -29.79 27.45 32.25
C LEU A 73 -30.32 26.33 33.13
N MET A 74 -29.72 25.14 33.05
CA MET A 74 -30.10 24.11 34.00
C MET A 74 -29.76 24.55 35.41
N MET A 75 -28.75 25.41 35.57
CA MET A 75 -28.43 25.92 36.90
C MET A 75 -29.29 27.13 37.26
N ILE A 76 -29.79 27.87 36.27
CA ILE A 76 -30.73 28.92 36.62
C ILE A 76 -32.00 28.30 37.18
N VAL A 77 -32.42 27.18 36.61
CA VAL A 77 -33.55 26.48 37.21
C VAL A 77 -33.07 25.76 38.46
N PHE A 78 -31.80 25.35 38.52
CA PHE A 78 -31.25 24.97 39.79
C PHE A 78 -31.56 26.02 40.83
N GLY A 79 -31.46 27.28 40.44
CA GLY A 79 -31.54 28.35 41.42
C GLY A 79 -32.97 28.64 41.83
N GLU A 80 -33.89 28.67 40.87
CA GLU A 80 -35.29 28.68 41.27
C GLU A 80 -35.56 27.57 42.26
N MET A 81 -35.06 26.37 41.97
CA MET A 81 -35.25 25.25 42.87
C MET A 81 -34.54 25.47 44.18
N THR A 82 -33.35 26.06 44.14
CA THR A 82 -32.53 26.19 45.33
C THR A 82 -33.16 27.20 46.26
N ASP A 83 -33.41 28.40 45.77
CA ASP A 83 -34.21 29.37 46.50
C ASP A 83 -35.45 28.73 47.11
N LYS A 84 -36.38 28.26 46.26
CA LYS A 84 -37.66 27.84 46.79
C LYS A 84 -37.50 26.68 47.75
N PHE A 85 -36.67 25.69 47.41
CA PHE A 85 -36.70 24.46 48.17
C PHE A 85 -35.79 24.55 49.39
N VAL A 86 -34.76 25.41 49.35
CA VAL A 86 -34.00 25.67 50.56
C VAL A 86 -34.84 26.46 51.53
N ASP A 87 -35.75 27.29 51.01
CA ASP A 87 -36.67 27.97 51.91
C ASP A 87 -37.65 26.98 52.52
N THR A 88 -38.04 25.97 51.75
CA THR A 88 -38.76 24.82 52.33
C THR A 88 -37.95 24.15 53.42
N ALA A 89 -36.75 23.66 53.09
CA ALA A 89 -35.94 22.89 54.04
C ALA A 89 -35.59 23.70 55.28
N GLY A 90 -34.85 24.78 55.11
CA GLY A 90 -34.54 25.63 56.24
C GLY A 90 -35.75 26.03 57.04
N ASN A 91 -36.79 26.57 56.37
CA ASN A 91 -37.97 27.02 57.09
C ASN A 91 -38.60 25.90 57.89
N PHE A 92 -38.43 24.66 57.42
CA PHE A 92 -38.91 23.51 58.18
C PHE A 92 -38.04 22.28 57.92
N GLY A 106 -45.68 23.68 52.20
CA GLY A 106 -44.96 23.18 51.04
C GLY A 106 -45.45 21.83 50.58
N LYS A 107 -46.67 21.47 50.99
CA LYS A 107 -47.19 20.14 50.69
C LYS A 107 -47.33 19.90 49.20
N ILE A 108 -47.20 20.96 48.40
CA ILE A 108 -47.04 20.78 46.96
C ILE A 108 -45.68 20.19 46.67
N LEU A 109 -44.92 19.84 47.71
CA LEU A 109 -43.54 19.43 47.54
C LEU A 109 -43.35 18.52 46.33
N GLU A 110 -44.03 17.37 46.31
CA GLU A 110 -43.90 16.46 45.20
C GLU A 110 -44.32 17.12 43.89
N GLU A 111 -45.42 17.89 43.93
CA GLU A 111 -45.88 18.58 42.73
C GLU A 111 -44.78 19.43 42.13
N GLU A 112 -44.34 20.44 42.87
CA GLU A 112 -43.31 21.34 42.38
C GLU A 112 -42.06 20.59 42.00
N MET A 113 -41.71 19.55 42.74
CA MET A 113 -40.45 18.89 42.47
C MET A 113 -40.50 18.16 41.13
N THR A 114 -41.52 17.35 40.91
CA THR A 114 -41.64 16.71 39.61
C THR A 114 -41.82 17.74 38.51
N ARG A 115 -42.37 18.90 38.84
CA ARG A 115 -42.46 19.96 37.84
C ARG A 115 -41.07 20.36 37.37
N TYR A 116 -40.22 20.73 38.32
CA TYR A 116 -38.84 21.03 37.97
C TYR A 116 -38.21 19.86 37.21
N ALA A 117 -38.56 18.64 37.61
CA ALA A 117 -38.07 17.45 36.93
C ALA A 117 -38.40 17.48 35.45
N TYR A 118 -39.67 17.63 35.12
CA TYR A 118 -40.06 17.59 33.72
C TYR A 118 -39.49 18.78 32.97
N TYR A 119 -39.17 19.86 33.68
CA TYR A 119 -38.40 20.92 33.04
C TYR A 119 -37.02 20.42 32.61
N TYR A 120 -36.30 19.76 33.51
CA TYR A 120 -34.98 19.25 33.13
C TYR A 120 -35.09 18.17 32.06
N SER A 121 -36.20 17.44 32.05
CA SER A 121 -36.40 16.42 31.00
C SER A 121 -36.62 17.07 29.65
N GLY A 122 -37.41 18.13 29.62
CA GLY A 122 -37.50 18.93 28.42
C GLY A 122 -36.13 19.36 27.95
N LEU A 123 -35.29 19.84 28.87
CA LEU A 123 -33.94 20.15 28.43
C LEU A 123 -33.19 18.89 28.01
N GLY A 124 -33.61 17.73 28.51
CA GLY A 124 -32.99 16.51 28.07
C GLY A 124 -33.18 16.28 26.58
N ALA A 125 -34.43 16.31 26.14
CA ALA A 125 -34.69 16.28 24.70
C ALA A 125 -33.95 17.40 23.98
N GLY A 126 -33.85 18.57 24.64
CA GLY A 126 -33.21 19.70 23.99
C GLY A 126 -31.73 19.46 23.72
N VAL A 127 -31.01 18.94 24.71
CA VAL A 127 -29.60 18.67 24.51
C VAL A 127 -29.41 17.46 23.60
N LEU A 128 -30.36 16.53 23.57
CA LEU A 128 -30.28 15.43 22.63
C LEU A 128 -30.25 15.93 21.20
N VAL A 129 -31.32 16.60 20.79
CA VAL A 129 -31.37 17.14 19.44
C VAL A 129 -30.16 18.02 19.19
N ALA A 130 -29.78 18.81 20.17
CA ALA A 130 -28.63 19.65 19.96
C ALA A 130 -27.38 18.84 19.67
N ALA A 131 -27.15 17.81 20.48
CA ALA A 131 -25.92 17.06 20.36
C ALA A 131 -25.79 16.46 18.97
N TYR A 132 -26.82 15.76 18.52
CA TYR A 132 -26.57 15.01 17.31
C TYR A 132 -26.80 15.84 16.07
N ILE A 133 -27.53 16.94 16.14
CA ILE A 133 -27.45 17.82 14.97
C ILE A 133 -26.08 18.46 14.93
N GLN A 134 -25.53 18.79 16.09
CA GLN A 134 -24.17 19.30 16.11
C GLN A 134 -23.23 18.33 15.41
N VAL A 135 -23.18 17.09 15.89
CA VAL A 135 -22.16 16.17 15.42
C VAL A 135 -22.44 15.73 14.00
N SER A 136 -23.70 15.37 13.71
CA SER A 136 -24.09 15.07 12.35
C SER A 136 -23.59 16.11 11.39
N PHE A 137 -24.04 17.36 11.54
CA PHE A 137 -23.78 18.31 10.48
C PHE A 137 -22.34 18.78 10.51
N TRP A 138 -21.69 18.69 11.67
CA TRP A 138 -20.29 19.04 11.69
C TRP A 138 -19.45 18.02 10.94
N THR A 139 -19.63 16.73 11.25
CA THR A 139 -18.85 15.71 10.56
C THR A 139 -19.24 15.62 9.10
N LEU A 140 -20.50 15.87 8.76
CA LEU A 140 -20.90 15.82 7.36
C LEU A 140 -20.24 16.94 6.57
N ALA A 141 -20.29 18.15 7.08
CA ALA A 141 -19.59 19.20 6.36
C ALA A 141 -18.11 18.90 6.33
N ALA A 142 -17.59 18.31 7.40
CA ALA A 142 -16.18 17.95 7.40
C ALA A 142 -15.88 16.99 6.27
N GLY A 143 -16.72 15.98 6.07
CA GLY A 143 -16.44 14.97 5.08
C GLY A 143 -16.57 15.48 3.66
N ARG A 144 -17.62 16.24 3.39
CA ARG A 144 -17.75 16.79 2.05
C ARG A 144 -16.61 17.76 1.77
N GLN A 145 -16.21 18.55 2.75
CA GLN A 145 -15.03 19.39 2.56
C GLN A 145 -13.80 18.55 2.33
N ILE A 146 -13.70 17.40 3.00
CA ILE A 146 -12.51 16.57 2.88
C ILE A 146 -12.36 16.07 1.46
N ARG A 147 -13.42 15.48 0.92
CA ARG A 147 -13.34 14.94 -0.43
C ARG A 147 -13.11 16.05 -1.45
N LYS A 148 -13.69 17.22 -1.24
CA LYS A 148 -13.42 18.29 -2.19
C LYS A 148 -11.98 18.76 -2.10
N ILE A 149 -11.45 18.87 -0.88
CA ILE A 149 -10.04 19.15 -0.68
C ILE A 149 -9.20 18.16 -1.46
N ARG A 150 -9.55 16.88 -1.36
CA ARG A 150 -8.72 15.84 -1.92
C ARG A 150 -8.79 15.85 -3.43
N GLN A 151 -9.98 16.09 -3.98
CA GLN A 151 -10.11 16.16 -5.42
C GLN A 151 -9.31 17.31 -5.98
N LYS A 152 -9.49 18.51 -5.44
CA LYS A 152 -8.80 19.65 -6.00
C LYS A 152 -7.31 19.60 -5.72
N PHE A 153 -6.91 19.09 -4.55
CA PHE A 153 -5.51 18.83 -4.28
C PHE A 153 -4.91 17.86 -5.30
N PHE A 154 -5.37 16.60 -5.31
CA PHE A 154 -4.80 15.61 -6.23
C PHE A 154 -4.84 16.10 -7.66
N HIS A 155 -5.88 16.83 -8.02
CA HIS A 155 -5.83 17.58 -9.26
C HIS A 155 -4.59 18.45 -9.31
N ALA A 156 -4.31 19.18 -8.25
CA ALA A 156 -3.22 20.12 -8.34
C ALA A 156 -1.88 19.41 -8.45
N ILE A 157 -1.73 18.29 -7.75
CA ILE A 157 -0.47 17.56 -7.82
C ILE A 157 -0.28 16.99 -9.21
N LEU A 158 -1.34 16.47 -9.82
CA LEU A 158 -1.19 16.09 -11.22
C LEU A 158 -0.93 17.32 -12.07
N ARG A 159 -1.23 18.51 -11.55
CA ARG A 159 -1.06 19.74 -12.31
C ARG A 159 0.30 20.37 -12.09
N GLN A 160 0.83 20.29 -10.86
CA GLN A 160 2.13 20.89 -10.59
C GLN A 160 3.25 20.12 -11.26
N GLU A 161 4.24 20.87 -11.73
CA GLU A 161 5.21 20.48 -12.73
C GLU A 161 5.98 19.23 -12.31
N ILE A 162 6.77 18.70 -13.24
CA ILE A 162 7.72 17.65 -12.89
C ILE A 162 8.87 18.23 -12.06
N GLY A 163 9.25 19.47 -12.33
CA GLY A 163 10.24 20.11 -11.49
C GLY A 163 9.91 19.95 -10.02
N TRP A 164 8.79 20.53 -9.59
CA TRP A 164 8.31 20.35 -8.23
C TRP A 164 8.33 18.89 -7.82
N PHE A 165 8.24 17.97 -8.79
CA PHE A 165 8.25 16.55 -8.44
C PHE A 165 9.65 16.08 -8.09
N ASP A 166 10.68 16.73 -8.63
CA ASP A 166 12.03 16.30 -8.25
C ASP A 166 12.62 17.23 -7.19
N ILE A 167 11.76 18.03 -6.54
CA ILE A 167 12.18 18.76 -5.35
C ILE A 167 11.55 18.15 -4.12
N ASN A 168 10.33 17.65 -4.24
CA ASN A 168 9.76 16.76 -3.24
C ASN A 168 10.01 15.34 -3.71
N ASP A 169 9.53 14.36 -2.94
CA ASP A 169 9.72 12.98 -3.34
C ASP A 169 8.47 12.14 -3.05
N THR A 170 8.37 11.02 -3.75
CA THR A 170 7.10 10.32 -3.89
C THR A 170 6.51 9.92 -2.56
N THR A 171 7.16 9.00 -1.84
CA THR A 171 6.56 8.52 -0.59
C THR A 171 6.27 9.68 0.34
N GLU A 172 7.07 10.73 0.26
CA GLU A 172 6.74 11.95 0.98
C GLU A 172 5.43 12.54 0.47
N LEU A 173 5.22 12.57 -0.86
CA LEU A 173 3.92 13.01 -1.37
C LEU A 173 2.79 12.18 -0.79
N ASN A 174 2.76 10.89 -1.13
CA ASN A 174 1.64 10.06 -0.72
C ASN A 174 1.40 10.15 0.77
N THR A 175 2.47 10.19 1.56
CA THR A 175 2.29 10.26 3.00
C THR A 175 1.68 11.60 3.40
N ARG A 176 2.13 12.69 2.77
CA ARG A 176 1.51 13.98 3.01
C ARG A 176 0.03 13.91 2.70
N LEU A 177 -0.32 13.57 1.47
CA LEU A 177 -1.73 13.44 1.10
C LEU A 177 -2.50 12.69 2.16
N THR A 178 -2.16 11.43 2.41
CA THR A 178 -2.99 10.63 3.28
C THR A 178 -3.06 11.22 4.69
N ASP A 179 -1.92 11.50 5.31
CA ASP A 179 -1.95 11.82 6.73
C ASP A 179 -2.30 13.27 6.97
N ASP A 180 -1.71 14.19 6.21
CA ASP A 180 -2.22 15.54 6.14
C ASP A 180 -3.74 15.54 6.14
N ILE A 181 -4.35 14.86 5.16
CA ILE A 181 -5.79 14.94 5.05
C ILE A 181 -6.46 14.38 6.29
N SER A 182 -6.22 13.12 6.64
CA SER A 182 -6.90 12.52 7.79
C SER A 182 -6.74 13.39 9.04
N LYS A 183 -5.56 14.00 9.19
CA LYS A 183 -5.38 14.99 10.24
C LYS A 183 -6.41 16.08 10.13
N ILE A 184 -6.60 16.64 8.93
CA ILE A 184 -7.55 17.73 8.78
C ILE A 184 -8.97 17.24 9.03
N SER A 185 -9.23 15.99 8.67
CA SER A 185 -10.55 15.39 8.87
C SER A 185 -10.94 15.44 10.35
N GLU A 186 -10.07 14.95 11.22
CA GLU A 186 -10.44 15.02 12.63
C GLU A 186 -10.26 16.43 13.19
N GLY A 187 -9.32 17.20 12.63
CA GLY A 187 -9.21 18.58 13.02
C GLY A 187 -10.54 19.30 12.96
N ILE A 188 -11.06 19.51 11.74
CA ILE A 188 -12.29 20.25 11.58
C ILE A 188 -13.52 19.36 11.61
N GLY A 189 -13.39 18.11 12.03
CA GLY A 189 -14.56 17.24 12.01
C GLY A 189 -15.59 17.63 13.04
N ASP A 190 -15.31 17.34 14.30
CA ASP A 190 -16.25 17.65 15.39
C ASP A 190 -15.62 18.38 16.55
N LYS A 191 -14.31 18.25 16.76
CA LYS A 191 -13.64 19.04 17.77
C LYS A 191 -14.22 20.45 17.85
N VAL A 192 -14.29 21.14 16.72
CA VAL A 192 -14.86 22.49 16.71
C VAL A 192 -16.22 22.50 17.37
N GLY A 193 -16.95 21.40 17.28
CA GLY A 193 -18.25 21.34 17.93
C GLY A 193 -18.14 21.38 19.44
N MET A 194 -17.38 20.46 20.03
CA MET A 194 -17.20 20.51 21.47
C MET A 194 -16.72 21.88 21.88
N PHE A 195 -15.81 22.47 21.12
CA PHE A 195 -15.27 23.75 21.55
C PHE A 195 -16.34 24.81 21.57
N PHE A 196 -17.21 24.84 20.57
CA PHE A 196 -18.20 25.89 20.58
C PHE A 196 -19.24 25.64 21.66
N GLN A 197 -19.55 24.38 21.95
CA GLN A 197 -20.42 24.12 23.09
C GLN A 197 -19.77 24.56 24.40
N ALA A 198 -18.49 24.29 24.56
CA ALA A 198 -17.81 24.50 25.84
C ALA A 198 -17.57 25.98 26.09
N VAL A 199 -17.40 26.76 25.03
CA VAL A 199 -17.30 28.21 25.24
C VAL A 199 -18.69 28.81 25.38
N ALA A 200 -19.71 28.18 24.78
CA ALA A 200 -21.07 28.62 25.00
C ALA A 200 -21.46 28.55 26.46
N THR A 201 -21.13 27.44 27.13
CA THR A 201 -21.63 27.28 28.50
C THR A 201 -20.96 28.27 29.48
N PHE A 202 -19.63 28.44 29.38
CA PHE A 202 -18.96 29.49 30.15
C PHE A 202 -19.44 30.87 29.78
N PHE A 203 -19.77 31.10 28.52
CA PHE A 203 -20.15 32.45 28.14
C PHE A 203 -21.61 32.69 28.49
N ALA A 204 -22.34 31.62 28.78
CA ALA A 204 -23.71 31.74 29.24
C ALA A 204 -23.77 32.00 30.73
N GLY A 205 -22.75 31.53 31.45
CA GLY A 205 -22.61 31.95 32.84
C GLY A 205 -22.68 33.45 33.01
N PHE A 206 -22.10 34.19 32.06
CA PHE A 206 -22.13 35.66 32.08
C PHE A 206 -23.57 36.17 32.24
N ILE A 207 -24.38 35.96 31.21
CA ILE A 207 -25.73 36.50 31.17
C ILE A 207 -26.59 35.90 32.27
N VAL A 208 -26.35 34.63 32.62
CA VAL A 208 -27.19 34.00 33.64
C VAL A 208 -26.94 34.62 35.00
N GLY A 209 -25.68 34.85 35.34
CA GLY A 209 -25.39 35.61 36.53
C GLY A 209 -26.10 36.94 36.53
N PHE A 210 -26.03 37.65 35.40
CA PHE A 210 -26.59 39.01 35.39
C PHE A 210 -28.10 39.01 35.53
N ILE A 211 -28.78 38.14 34.78
CA ILE A 211 -30.24 38.16 34.79
C ILE A 211 -30.78 37.60 36.09
N ARG A 212 -30.12 36.59 36.65
CA ARG A 212 -30.67 35.92 37.82
C ARG A 212 -30.49 36.77 39.08
N GLY A 213 -29.26 37.02 39.48
CA GLY A 213 -29.04 38.02 40.52
C GLY A 213 -27.90 38.92 40.14
N TRP A 214 -28.18 40.20 39.92
CA TRP A 214 -27.16 41.14 39.45
C TRP A 214 -26.36 41.67 40.63
N LYS A 215 -25.78 40.77 41.41
CA LYS A 215 -24.92 41.34 42.42
C LYS A 215 -23.48 40.85 42.34
N LEU A 216 -23.30 39.53 42.40
CA LEU A 216 -21.96 38.99 42.60
C LEU A 216 -21.24 38.90 41.27
N THR A 217 -22.01 38.82 40.19
CA THR A 217 -21.42 38.89 38.87
C THR A 217 -20.65 40.19 38.72
N LEU A 218 -21.12 41.25 39.37
CA LEU A 218 -20.36 42.50 39.36
C LEU A 218 -18.91 42.27 39.75
N VAL A 219 -18.67 41.75 40.96
CA VAL A 219 -17.32 41.57 41.47
C VAL A 219 -16.53 40.63 40.58
N ILE A 220 -17.11 39.49 40.22
CA ILE A 220 -16.35 38.46 39.51
C ILE A 220 -15.96 38.93 38.12
N MET A 221 -16.92 39.48 37.38
CA MET A 221 -16.59 40.35 36.25
C MET A 221 -15.38 41.21 36.57
N ALA A 222 -15.48 42.08 37.57
CA ALA A 222 -14.46 43.11 37.75
C ALA A 222 -13.10 42.48 37.99
N ILE A 223 -13.07 41.19 38.30
CA ILE A 223 -11.80 40.47 38.38
C ILE A 223 -11.38 39.91 37.04
N SER A 224 -12.32 39.68 36.12
CA SER A 224 -11.98 39.03 34.85
C SER A 224 -10.76 39.58 34.11
N PRO A 225 -10.55 40.89 33.95
CA PRO A 225 -9.45 41.32 33.06
C PRO A 225 -8.08 40.85 33.53
N ILE A 226 -7.84 40.90 34.84
CA ILE A 226 -6.52 40.53 35.33
C ILE A 226 -6.22 39.08 34.95
N LEU A 227 -7.23 38.23 35.00
CA LEU A 227 -7.09 36.90 34.40
C LEU A 227 -6.87 37.03 32.90
N GLY A 228 -7.44 38.05 32.28
CA GLY A 228 -7.10 38.33 30.92
C GLY A 228 -5.60 38.42 30.75
N LEU A 229 -4.94 39.06 31.71
CA LEU A 229 -3.48 39.15 31.67
C LEU A 229 -2.85 37.80 31.97
N SER A 230 -3.40 37.09 32.95
CA SER A 230 -2.88 35.76 33.25
C SER A 230 -2.78 34.92 31.99
N ALA A 231 -3.90 34.68 31.32
CA ALA A 231 -3.87 33.88 30.10
C ALA A 231 -3.19 34.63 28.96
N ALA A 232 -3.11 35.95 29.06
CA ALA A 232 -2.31 36.70 28.10
C ALA A 232 -0.88 36.20 28.12
N VAL A 233 -0.21 36.37 29.26
CA VAL A 233 1.16 35.92 29.38
C VAL A 233 1.26 34.41 29.19
N TRP A 234 0.19 33.67 29.49
CA TRP A 234 0.16 32.25 29.11
C TRP A 234 0.52 32.09 27.64
N ALA A 235 -0.30 32.67 26.76
CA ALA A 235 -0.07 32.44 25.34
C ALA A 235 1.18 33.16 24.87
N LYS A 236 1.49 34.30 25.47
CA LYS A 236 2.68 35.04 25.09
C LYS A 236 3.93 34.21 25.31
N ILE A 237 4.07 33.60 26.48
CA ILE A 237 5.31 32.92 26.80
C ILE A 237 5.33 31.50 26.22
N LEU A 238 4.19 30.80 26.22
CA LEU A 238 4.15 29.53 25.49
C LEU A 238 4.56 29.74 24.04
N SER A 239 3.98 30.73 23.37
CA SER A 239 4.28 30.98 21.97
C SER A 239 5.74 31.37 21.78
N ALA A 240 6.22 32.33 22.57
CA ALA A 240 7.63 32.71 22.51
C ALA A 240 8.54 31.50 22.60
N PHE A 241 8.38 30.70 23.66
CA PHE A 241 9.22 29.53 23.78
C PHE A 241 9.06 28.58 22.62
N SER A 242 7.88 27.97 22.46
CA SER A 242 7.77 26.90 21.48
C SER A 242 8.23 27.34 20.10
N ASP A 243 8.11 28.65 19.79
CA ASP A 243 8.62 29.12 18.51
C ASP A 243 10.14 29.08 18.48
N LYS A 244 10.79 29.58 19.55
CA LYS A 244 12.26 29.45 19.60
C LYS A 244 12.68 27.99 19.61
N GLU A 245 11.90 27.15 20.29
CA GLU A 245 12.22 25.72 20.40
C GLU A 245 12.20 25.05 19.03
N LEU A 246 11.19 25.33 18.22
CA LEU A 246 11.16 24.74 16.88
C LEU A 246 12.21 25.36 15.99
N ALA A 247 12.33 26.69 16.02
CA ALA A 247 13.31 27.37 15.18
C ALA A 247 14.72 26.85 15.44
N ALA A 248 14.97 26.35 16.65
CA ALA A 248 16.22 25.67 16.90
C ALA A 248 16.16 24.20 16.48
N TYR A 249 15.27 23.44 17.10
CA TYR A 249 15.19 21.98 16.93
C TYR A 249 15.22 21.56 15.47
N ALA A 250 14.65 22.37 14.58
CA ALA A 250 14.65 21.98 13.17
C ALA A 250 16.06 21.71 12.66
N LYS A 251 17.07 22.25 13.36
CA LYS A 251 18.45 21.91 13.02
C LYS A 251 18.81 20.51 13.51
N ALA A 252 18.37 20.13 14.70
CA ALA A 252 18.56 18.76 15.16
C ALA A 252 17.91 17.79 14.22
N GLY A 253 16.88 18.25 13.52
CA GLY A 253 16.26 17.42 12.50
C GLY A 253 17.04 17.39 11.19
N ALA A 254 17.52 18.55 10.73
CA ALA A 254 18.24 18.59 9.47
C ALA A 254 19.57 17.87 9.56
N VAL A 255 20.13 17.76 10.76
CA VAL A 255 21.37 16.99 10.88
C VAL A 255 21.10 15.50 10.78
N ALA A 256 19.97 15.05 11.31
CA ALA A 256 19.53 13.70 11.02
C ALA A 256 19.32 13.51 9.53
N GLU A 257 18.69 14.49 8.88
CA GLU A 257 18.44 14.38 7.45
C GLU A 257 19.74 14.25 6.67
N GLU A 258 20.75 15.06 7.01
CA GLU A 258 21.99 15.03 6.25
C GLU A 258 22.88 13.86 6.63
N ALA A 259 22.75 13.35 7.85
CA ALA A 259 23.53 12.18 8.23
C ALA A 259 22.96 10.92 7.62
N LEU A 260 21.66 10.68 7.83
CA LEU A 260 21.03 9.58 7.12
C LEU A 260 20.98 9.87 5.62
N GLY A 261 21.47 11.04 5.20
CA GLY A 261 21.39 11.41 3.80
C GLY A 261 22.39 10.68 2.93
N ALA A 262 23.57 10.37 3.45
CA ALA A 262 24.49 9.45 2.80
C ALA A 262 24.95 8.43 3.83
N ILE A 263 24.10 7.43 4.07
CA ILE A 263 24.48 6.38 5.00
C ILE A 263 25.72 5.68 4.50
N ARG A 264 26.01 5.83 3.21
CA ARG A 264 27.16 5.15 2.64
C ARG A 264 28.44 5.53 3.36
N THR A 265 28.87 6.78 3.25
CA THR A 265 30.09 7.16 3.94
C THR A 265 29.99 6.94 5.43
N VAL A 266 28.88 7.38 6.04
CA VAL A 266 28.70 7.28 7.47
C VAL A 266 28.94 5.86 7.95
N ILE A 267 28.83 4.89 7.04
CA ILE A 267 29.29 3.55 7.39
C ILE A 267 30.70 3.31 6.86
N ALA A 268 31.05 3.96 5.75
CA ALA A 268 32.28 3.64 5.06
C ALA A 268 33.48 4.08 5.86
N PHE A 269 33.25 4.75 6.97
CA PHE A 269 34.34 5.16 7.82
C PHE A 269 34.03 5.01 9.28
N GLY A 270 33.09 4.13 9.62
CA GLY A 270 32.75 3.85 10.99
C GLY A 270 32.27 5.06 11.75
N GLY A 271 32.31 6.22 11.11
CA GLY A 271 31.94 7.43 11.80
C GLY A 271 30.48 7.50 12.08
N GLN A 272 29.89 6.44 12.61
CA GLN A 272 28.56 6.55 13.18
C GLN A 272 28.57 7.48 14.39
N ASN A 273 29.59 7.34 15.23
CA ASN A 273 29.44 7.88 16.57
C ASN A 273 29.52 9.40 16.58
N LYS A 274 30.42 9.99 15.79
CA LYS A 274 30.46 11.46 15.73
C LYS A 274 29.08 12.04 15.43
N GLU A 275 28.29 11.37 14.61
CA GLU A 275 27.00 11.94 14.22
C GLU A 275 25.92 11.67 15.24
N LEU A 276 25.99 10.53 15.92
CA LEU A 276 25.09 10.35 17.05
C LEU A 276 25.26 11.48 18.05
N GLU A 277 26.50 11.89 18.31
CA GLU A 277 26.70 12.97 19.26
C GLU A 277 26.26 14.29 18.68
N ARG A 278 26.43 14.50 17.37
CA ARG A 278 25.91 15.73 16.78
C ARG A 278 24.41 15.87 17.03
N TYR A 279 23.69 14.77 16.79
CA TYR A 279 22.28 14.69 17.17
C TYR A 279 22.09 15.10 18.62
N GLN A 280 22.66 14.32 19.53
CA GLN A 280 22.42 14.56 20.95
C GLN A 280 22.77 15.99 21.35
N LYS A 281 23.63 16.65 20.59
CA LYS A 281 23.96 18.03 20.92
C LYS A 281 22.80 18.98 20.63
N HIS A 282 22.36 19.00 19.38
CA HIS A 282 21.27 19.93 19.10
C HIS A 282 20.00 19.52 19.85
N LEU A 283 19.80 18.23 20.02
CA LEU A 283 18.75 17.75 20.89
C LEU A 283 18.97 18.21 22.32
N GLU A 284 20.22 18.40 22.72
CA GLU A 284 20.49 18.91 24.07
C GLU A 284 19.88 20.28 24.24
N ASN A 285 20.20 21.20 23.34
CA ASN A 285 19.66 22.56 23.50
C ASN A 285 18.13 22.56 23.47
N ALA A 286 17.54 21.86 22.50
CA ALA A 286 16.09 21.85 22.42
C ALA A 286 15.48 21.27 23.68
N LYS A 287 15.89 20.06 24.06
CA LYS A 287 15.36 19.46 25.26
C LYS A 287 15.54 20.38 26.46
N GLU A 288 16.63 21.14 26.51
CA GLU A 288 16.81 22.08 27.59
C GLU A 288 15.61 22.99 27.70
N ILE A 289 15.29 23.71 26.63
CA ILE A 289 14.19 24.67 26.79
C ILE A 289 12.86 23.94 26.83
N GLY A 290 12.87 22.63 26.61
CA GLY A 290 11.67 21.84 26.83
C GLY A 290 11.04 22.06 28.19
N ILE A 291 11.72 21.63 29.26
CA ILE A 291 11.14 21.77 30.60
C ILE A 291 10.89 23.23 30.92
N LYS A 292 11.70 24.14 30.36
CA LYS A 292 11.49 25.56 30.62
C LYS A 292 10.11 25.99 30.18
N LYS A 293 9.76 25.70 28.92
CA LYS A 293 8.42 26.05 28.46
C LYS A 293 7.37 25.30 29.25
N ALA A 294 7.66 24.07 29.65
CA ALA A 294 6.75 23.35 30.52
C ALA A 294 6.45 24.15 31.78
N ILE A 295 7.49 24.62 32.46
CA ILE A 295 7.31 25.51 33.61
C ILE A 295 6.41 26.65 33.21
N SER A 296 6.85 27.47 32.25
CA SER A 296 6.13 28.70 31.96
C SER A 296 4.64 28.44 31.79
N ALA A 297 4.28 27.41 31.01
CA ALA A 297 2.87 27.15 30.81
C ALA A 297 2.18 26.73 32.09
N ASN A 298 2.88 25.98 32.96
CA ASN A 298 2.20 25.52 34.18
C ASN A 298 2.13 26.60 35.25
N ILE A 299 3.20 27.39 35.37
CA ILE A 299 3.13 28.66 36.08
C ILE A 299 1.87 29.40 35.68
N SER A 300 1.63 29.53 34.38
CA SER A 300 0.48 30.28 33.92
C SER A 300 -0.82 29.66 34.40
N MET A 301 -0.99 28.37 34.17
CA MET A 301 -2.25 27.76 34.59
C MET A 301 -2.43 27.87 36.10
N GLY A 302 -1.33 27.80 36.86
CA GLY A 302 -1.44 27.96 38.29
C GLY A 302 -1.87 29.35 38.70
N ILE A 303 -1.33 30.37 38.03
CA ILE A 303 -1.81 31.72 38.21
C ILE A 303 -3.31 31.79 37.94
N ALA A 304 -3.72 31.23 36.80
CA ALA A 304 -5.13 31.26 36.43
C ALA A 304 -6.00 30.70 37.54
N PHE A 305 -5.58 29.61 38.15
CA PHE A 305 -6.46 29.02 39.16
C PHE A 305 -6.33 29.72 40.51
N LEU A 306 -5.15 30.24 40.82
CA LEU A 306 -5.04 31.08 42.01
C LEU A 306 -6.03 32.23 41.93
N LEU A 307 -6.11 32.86 40.77
CA LEU A 307 -6.94 34.05 40.64
C LEU A 307 -8.40 33.68 40.60
N ILE A 308 -8.77 32.56 39.98
CA ILE A 308 -10.16 32.15 40.10
C ILE A 308 -10.52 31.95 41.56
N TYR A 309 -9.61 31.39 42.34
CA TYR A 309 -10.02 31.02 43.69
C TYR A 309 -10.10 32.23 44.61
N ALA A 310 -9.09 33.10 44.59
CA ALA A 310 -9.21 34.30 45.40
C ALA A 310 -10.33 35.19 44.91
N SER A 311 -10.67 35.09 43.62
CA SER A 311 -11.85 35.80 43.12
C SER A 311 -13.09 35.28 43.79
N TYR A 312 -13.24 33.97 43.83
CA TYR A 312 -14.34 33.38 44.60
C TYR A 312 -14.26 33.80 46.05
N ALA A 313 -13.06 34.09 46.55
CA ALA A 313 -12.96 34.58 47.93
C ALA A 313 -13.67 35.90 48.08
N LEU A 314 -13.24 36.89 47.30
CA LEU A 314 -13.95 38.18 47.30
C LEU A 314 -15.44 37.97 47.16
N ALA A 315 -15.84 37.15 46.19
CA ALA A 315 -17.25 36.98 45.94
C ALA A 315 -17.95 36.42 47.15
N PHE A 316 -17.37 35.40 47.77
CA PHE A 316 -18.11 34.74 48.82
C PHE A 316 -18.31 35.66 49.99
N TRP A 317 -17.30 36.46 50.34
CA TRP A 317 -17.48 37.32 51.50
C TRP A 317 -18.39 38.52 51.19
N TYR A 318 -18.16 39.16 50.05
CA TYR A 318 -19.03 40.27 49.65
C TYR A 318 -20.48 39.83 49.62
N GLY A 319 -20.77 38.70 48.99
CA GLY A 319 -22.14 38.25 48.90
C GLY A 319 -22.65 37.68 50.21
N SER A 320 -21.74 37.26 51.08
CA SER A 320 -22.16 36.94 52.43
C SER A 320 -22.74 38.16 53.12
N THR A 321 -22.08 39.30 52.96
CA THR A 321 -22.67 40.54 53.45
C THR A 321 -24.08 40.73 52.90
N LEU A 322 -24.27 40.48 51.60
CA LEU A 322 -25.57 40.75 51.00
C LEU A 322 -26.64 39.85 51.59
N VAL A 323 -26.39 38.53 51.60
CA VAL A 323 -27.42 37.64 52.11
C VAL A 323 -27.68 37.90 53.58
N ILE A 324 -26.68 38.37 54.32
CA ILE A 324 -26.95 38.67 55.72
C ILE A 324 -27.65 40.01 55.86
N SER A 325 -27.64 40.81 54.79
CA SER A 325 -28.53 41.97 54.77
C SER A 325 -29.97 41.54 54.51
N LYS A 326 -30.25 40.25 54.61
CA LYS A 326 -31.55 39.66 54.31
C LYS A 326 -32.08 40.14 52.97
N GLU A 327 -31.18 40.65 52.13
CA GLU A 327 -31.55 41.14 50.81
C GLU A 327 -31.69 39.96 49.84
N TYR A 328 -32.26 40.25 48.67
CA TYR A 328 -32.52 39.26 47.60
C TYR A 328 -32.86 37.85 48.08
N THR A 329 -32.08 36.86 47.64
CA THR A 329 -32.31 35.48 48.03
C THR A 329 -31.09 34.61 47.80
N ILE A 330 -30.96 33.57 48.62
CA ILE A 330 -29.86 32.61 48.50
C ILE A 330 -29.78 32.08 47.08
N GLY A 331 -30.91 32.06 46.39
CA GLY A 331 -30.92 31.60 45.01
C GLY A 331 -30.03 32.43 44.12
N ASN A 332 -30.32 33.72 43.99
CA ASN A 332 -29.55 34.54 43.07
C ASN A 332 -28.05 34.36 43.30
N ALA A 333 -27.60 34.61 44.51
CA ALA A 333 -26.17 34.47 44.76
C ALA A 333 -25.70 33.06 44.45
N MET A 334 -26.19 32.08 45.20
CA MET A 334 -25.63 30.74 45.11
C MET A 334 -25.62 30.23 43.68
N THR A 335 -26.57 30.67 42.86
CA THR A 335 -26.41 30.44 41.44
C THR A 335 -25.22 31.19 40.88
N VAL A 336 -25.21 32.52 40.98
CA VAL A 336 -24.13 33.29 40.38
C VAL A 336 -22.79 32.67 40.70
N PHE A 337 -22.70 31.97 41.82
CA PHE A 337 -21.57 31.09 42.06
C PHE A 337 -21.61 29.88 41.14
N PHE A 338 -22.63 29.04 41.26
CA PHE A 338 -22.64 27.76 40.55
C PHE A 338 -22.55 27.92 39.04
N SER A 339 -23.40 28.81 38.50
CA SER A 339 -23.46 29.05 37.03
C SER A 339 -22.15 29.66 36.52
N ILE A 340 -21.32 30.18 37.43
CA ILE A 340 -20.02 30.80 37.02
C ILE A 340 -18.87 29.83 37.36
N LEU A 341 -19.21 28.62 37.81
CA LEU A 341 -18.18 27.60 38.17
C LEU A 341 -18.04 26.60 37.02
N ILE A 342 -19.13 25.91 36.69
CA ILE A 342 -19.15 24.89 35.60
C ILE A 342 -18.49 25.48 34.34
N GLY A 343 -19.09 26.53 33.78
CA GLY A 343 -18.57 27.16 32.60
C GLY A 343 -17.08 27.36 32.70
N ALA A 344 -16.60 27.84 33.85
CA ALA A 344 -15.22 28.28 33.89
C ALA A 344 -14.25 27.12 33.81
N PHE A 345 -14.37 26.13 34.70
CA PHE A 345 -13.39 25.05 34.61
C PHE A 345 -13.62 24.23 33.35
N SER A 346 -14.87 24.21 32.85
CA SER A 346 -15.12 23.51 31.59
C SER A 346 -14.35 24.14 30.45
N VAL A 347 -14.68 25.39 30.10
CA VAL A 347 -13.91 26.09 29.08
C VAL A 347 -12.44 26.02 29.42
N GLY A 348 -12.10 25.85 30.69
CA GLY A 348 -10.75 25.49 31.04
C GLY A 348 -10.37 24.15 30.46
N GLN A 349 -11.09 23.10 30.89
CA GLN A 349 -10.83 21.73 30.39
C GLN A 349 -11.12 21.68 28.89
N ALA A 350 -10.43 22.52 28.11
CA ALA A 350 -10.61 22.59 26.67
C ALA A 350 -9.30 22.52 25.92
N ALA A 351 -8.21 22.09 26.54
CA ALA A 351 -6.92 22.13 25.86
C ALA A 351 -6.85 21.23 24.63
N PRO A 352 -7.23 19.94 24.69
CA PRO A 352 -7.02 19.07 23.52
C PRO A 352 -7.76 19.52 22.28
N CYS A 353 -8.93 20.14 22.41
CA CYS A 353 -9.66 20.55 21.22
C CYS A 353 -8.96 21.68 20.49
N ILE A 354 -8.38 22.64 21.23
CA ILE A 354 -7.62 23.68 20.55
C ILE A 354 -6.27 23.12 20.11
N ASP A 355 -5.80 22.06 20.76
CA ASP A 355 -4.69 21.28 20.21
C ASP A 355 -5.03 20.76 18.82
N ALA A 356 -6.18 20.09 18.70
CA ALA A 356 -6.62 19.53 17.43
C ALA A 356 -6.66 20.60 16.35
N PHE A 357 -7.37 21.69 16.60
CA PHE A 357 -7.45 22.70 15.55
C PHE A 357 -6.07 23.26 15.22
N ALA A 358 -5.19 23.38 16.20
CA ALA A 358 -3.84 23.82 15.90
C ALA A 358 -3.18 22.91 14.89
N ASN A 359 -3.18 21.61 15.17
CA ASN A 359 -2.62 20.64 14.24
C ASN A 359 -3.29 20.75 12.88
N ALA A 360 -4.59 20.99 12.84
CA ALA A 360 -5.31 20.97 11.59
C ALA A 360 -4.96 22.17 10.73
N ARG A 361 -4.81 23.34 11.33
CA ARG A 361 -4.38 24.49 10.55
C ARG A 361 -2.96 24.29 10.05
N GLY A 362 -2.08 23.79 10.91
CA GLY A 362 -0.73 23.49 10.45
C GLY A 362 -0.72 22.55 9.26
N ALA A 363 -1.55 21.51 9.32
CA ALA A 363 -1.70 20.64 8.16
C ALA A 363 -2.14 21.43 6.94
N ALA A 364 -3.36 21.97 6.97
CA ALA A 364 -3.93 22.58 5.77
C ALA A 364 -3.01 23.63 5.17
N TYR A 365 -2.06 24.12 5.94
CA TYR A 365 -1.19 25.17 5.41
C TYR A 365 -0.51 24.73 4.12
N VAL A 366 0.36 23.72 4.18
CA VAL A 366 1.14 23.40 2.99
C VAL A 366 0.25 22.80 1.90
N ILE A 367 -0.86 22.17 2.29
CA ILE A 367 -1.78 21.65 1.28
C ILE A 367 -2.33 22.81 0.45
N PHE A 368 -2.66 23.94 1.07
CA PHE A 368 -3.19 25.05 0.31
C PHE A 368 -2.07 25.76 -0.43
N ASP A 369 -0.86 25.70 0.12
CA ASP A 369 0.33 26.08 -0.64
C ASP A 369 0.39 25.33 -1.96
N ILE A 370 0.02 24.04 -1.92
CA ILE A 370 0.04 23.21 -3.12
C ILE A 370 -1.12 23.55 -4.05
N ILE A 371 -2.31 23.73 -3.49
CA ILE A 371 -3.51 23.94 -4.31
C ILE A 371 -3.44 25.27 -5.03
N ASP A 372 -3.23 26.37 -4.30
CA ASP A 372 -3.33 27.68 -4.94
C ASP A 372 -2.28 27.87 -6.02
N ASN A 373 -1.32 26.96 -6.11
CA ASN A 373 -0.18 27.17 -6.98
C ASN A 373 -0.56 27.17 -8.45
N ASN A 374 0.43 27.46 -9.30
CA ASN A 374 0.26 27.62 -10.73
C ASN A 374 1.65 27.62 -11.38
N PRO A 375 1.89 26.81 -12.43
CA PRO A 375 3.17 26.90 -13.13
C PRO A 375 3.13 27.81 -14.34
N LYS A 376 4.28 28.06 -14.96
CA LYS A 376 4.31 28.81 -16.21
C LYS A 376 3.89 27.96 -17.39
N ILE A 377 4.13 26.66 -17.33
CA ILE A 377 3.65 25.69 -18.30
C ILE A 377 2.65 24.79 -17.59
N ASP A 378 1.45 24.68 -18.16
CA ASP A 378 0.30 24.07 -17.49
C ASP A 378 -0.14 22.82 -18.22
N SER A 379 -0.84 21.95 -17.52
CA SER A 379 -1.40 20.74 -18.10
C SER A 379 -2.92 20.75 -18.19
N PHE A 380 -3.58 21.85 -17.86
CA PHE A 380 -5.03 21.88 -17.84
C PHE A 380 -5.56 23.17 -18.43
N SER A 381 -5.07 23.59 -19.59
CA SER A 381 -5.66 24.79 -20.18
C SER A 381 -5.31 24.92 -21.65
N GLU A 382 -6.16 25.64 -22.36
CA GLU A 382 -5.88 26.11 -23.73
C GLU A 382 -5.07 27.41 -23.69
N ARG A 383 -3.97 27.39 -22.97
CA ARG A 383 -3.20 28.59 -22.69
C ARG A 383 -2.57 29.22 -23.92
N GLY A 384 -2.80 28.69 -25.12
CA GLY A 384 -2.17 29.27 -26.28
C GLY A 384 -2.76 28.74 -27.56
N HIS A 385 -1.92 28.71 -28.59
CA HIS A 385 -2.35 28.18 -29.87
C HIS A 385 -2.52 26.66 -29.80
N LYS A 386 -3.30 26.14 -30.74
CA LYS A 386 -3.53 24.70 -30.89
C LYS A 386 -3.93 24.42 -32.33
N PRO A 387 -2.96 24.46 -33.24
CA PRO A 387 -3.28 24.42 -34.68
C PRO A 387 -3.53 23.01 -35.19
N ASP A 388 -4.12 22.93 -36.38
CA ASP A 388 -4.39 21.64 -37.00
C ASP A 388 -3.25 21.19 -37.91
N SER A 389 -2.97 21.93 -38.97
CA SER A 389 -2.07 21.50 -40.03
C SER A 389 -0.64 21.61 -39.52
N ILE A 390 -0.01 20.46 -39.27
CA ILE A 390 1.34 20.40 -38.74
C ILE A 390 2.12 19.33 -39.50
N LYS A 391 3.29 19.70 -39.99
CA LYS A 391 4.30 18.74 -40.42
C LYS A 391 5.31 18.60 -39.29
N GLY A 392 5.64 17.35 -38.96
CA GLY A 392 6.35 17.06 -37.72
C GLY A 392 7.78 17.58 -37.68
N ASN A 393 7.93 18.89 -37.81
CA ASN A 393 9.24 19.52 -37.65
C ASN A 393 9.56 19.68 -36.16
N LEU A 394 10.85 19.82 -35.87
CA LEU A 394 11.31 20.02 -34.50
C LEU A 394 12.77 20.46 -34.56
N GLU A 395 13.09 21.57 -33.92
CA GLU A 395 14.43 22.14 -34.01
C GLU A 395 14.82 22.73 -32.67
N PHE A 396 15.87 22.18 -32.05
CA PHE A 396 16.42 22.76 -30.84
C PHE A 396 16.86 24.20 -31.08
N ASN A 397 17.09 24.94 -30.01
CA ASN A 397 17.43 26.34 -30.15
C ASN A 397 18.26 26.78 -28.95
N ASP A 398 19.57 26.83 -29.13
CA ASP A 398 20.51 27.47 -28.19
C ASP A 398 20.13 27.13 -26.75
N VAL A 399 19.99 25.84 -26.48
CA VAL A 399 19.40 25.39 -25.24
C VAL A 399 20.45 25.43 -24.13
N HIS A 400 20.14 26.16 -23.06
CA HIS A 400 20.96 26.23 -21.85
C HIS A 400 20.04 25.87 -20.69
N PHE A 401 19.96 24.59 -20.37
CA PHE A 401 18.96 24.05 -19.46
C PHE A 401 19.62 23.26 -18.34
N SER A 402 19.03 23.37 -17.15
CA SER A 402 19.47 22.60 -15.99
C SER A 402 18.30 22.32 -15.07
N TYR A 403 18.48 21.33 -14.21
CA TYR A 403 17.42 20.78 -13.40
C TYR A 403 16.96 21.79 -12.36
N PRO A 404 15.80 21.55 -11.72
CA PRO A 404 15.40 22.37 -10.58
C PRO A 404 15.74 21.69 -9.27
N SER A 405 16.25 20.46 -9.36
CA SER A 405 16.83 19.80 -8.20
C SER A 405 18.34 19.98 -8.18
N ARG A 406 19.02 19.45 -9.18
CA ARG A 406 20.46 19.52 -9.28
C ARG A 406 20.87 20.72 -10.15
N ALA A 407 20.46 21.91 -9.69
CA ALA A 407 20.52 23.10 -10.51
C ALA A 407 21.93 23.41 -10.99
N ASN A 408 22.92 23.29 -10.11
CA ASN A 408 24.25 23.85 -10.36
C ASN A 408 24.90 23.28 -11.63
N VAL A 409 24.64 22.02 -11.96
CA VAL A 409 25.22 21.39 -13.14
C VAL A 409 24.29 21.69 -14.31
N LYS A 410 24.86 22.18 -15.41
CA LYS A 410 24.09 22.37 -16.64
C LYS A 410 24.55 21.36 -17.67
N ILE A 411 23.59 20.82 -18.43
CA ILE A 411 23.81 19.64 -19.27
C ILE A 411 23.81 20.02 -20.76
N LEU A 412 22.86 20.84 -21.18
CA LEU A 412 22.76 21.29 -22.56
C LEU A 412 22.94 22.79 -22.58
N LYS A 413 23.99 23.26 -23.27
CA LYS A 413 24.43 24.65 -23.24
C LYS A 413 24.58 25.20 -24.66
N GLY A 414 23.56 24.99 -25.48
CA GLY A 414 23.50 25.55 -26.82
C GLY A 414 23.60 24.52 -27.91
N LEU A 415 22.46 24.09 -28.44
CA LEU A 415 22.38 23.02 -29.43
C LEU A 415 21.53 23.48 -30.60
N ASN A 416 22.17 23.60 -31.77
CA ASN A 416 21.55 24.12 -32.99
C ASN A 416 21.34 22.95 -33.96
N LEU A 417 20.22 22.25 -33.80
CA LEU A 417 19.90 21.03 -34.52
C LEU A 417 19.03 21.37 -35.73
N LYS A 418 18.54 20.32 -36.40
CA LYS A 418 17.54 20.47 -37.45
C LYS A 418 16.92 19.11 -37.75
N VAL A 419 15.59 19.04 -37.69
CA VAL A 419 14.84 17.86 -38.08
C VAL A 419 13.70 18.32 -38.99
N GLN A 420 13.34 17.50 -39.97
CA GLN A 420 12.17 17.77 -40.80
C GLN A 420 11.13 16.67 -40.64
N SER A 421 9.92 16.97 -41.11
CA SER A 421 8.82 16.03 -41.02
C SER A 421 9.05 14.88 -41.99
N GLY A 422 8.94 13.65 -41.50
CA GLY A 422 9.08 12.49 -42.35
C GLY A 422 10.45 11.86 -42.27
N GLN A 423 11.49 12.68 -42.18
CA GLN A 423 12.86 12.18 -42.19
C GLN A 423 13.34 11.93 -40.76
N THR A 424 13.91 10.74 -40.55
CA THR A 424 14.38 10.33 -39.24
C THR A 424 15.86 10.64 -39.08
N VAL A 425 16.25 11.01 -37.86
CA VAL A 425 17.63 11.32 -37.54
C VAL A 425 18.04 10.47 -36.34
N ALA A 426 19.28 10.01 -36.34
CA ALA A 426 19.77 9.07 -35.36
C ALA A 426 20.51 9.80 -34.25
N LEU A 427 20.26 9.41 -33.01
CA LEU A 427 20.84 10.02 -31.83
C LEU A 427 21.70 8.98 -31.12
N VAL A 428 23.03 9.08 -31.28
CA VAL A 428 23.97 8.11 -30.75
C VAL A 428 25.25 8.84 -30.35
N GLY A 429 26.09 8.13 -29.62
CA GLY A 429 27.36 8.64 -29.14
C GLY A 429 27.80 7.84 -27.92
N SER A 430 28.19 8.56 -26.87
CA SER A 430 28.46 7.97 -25.56
C SER A 430 27.35 8.36 -24.59
N SER A 431 27.28 7.66 -23.45
CA SER A 431 26.22 7.85 -22.48
C SER A 431 26.47 9.09 -21.64
N GLY A 432 25.37 9.68 -21.16
CA GLY A 432 25.41 10.95 -20.46
C GLY A 432 25.58 12.16 -21.34
N CYS A 433 25.92 11.98 -22.62
CA CYS A 433 26.19 13.11 -23.51
C CYS A 433 24.96 13.97 -23.76
N GLY A 434 23.75 13.45 -23.53
CA GLY A 434 22.58 14.29 -23.69
C GLY A 434 21.35 13.64 -24.31
N LYS A 435 21.40 12.33 -24.52
CA LYS A 435 20.27 11.63 -25.13
C LYS A 435 18.98 11.86 -24.34
N SER A 436 18.97 11.46 -23.06
CA SER A 436 17.76 11.63 -22.25
C SER A 436 17.47 13.10 -22.02
N THR A 437 18.52 13.91 -21.83
CA THR A 437 18.35 15.35 -21.73
C THR A 437 17.86 15.96 -23.03
N THR A 438 17.98 15.23 -24.15
CA THR A 438 17.38 15.64 -25.41
C THR A 438 15.91 15.23 -25.50
N VAL A 439 15.58 14.04 -24.99
CA VAL A 439 14.21 13.55 -25.16
C VAL A 439 13.26 14.26 -24.19
N GLN A 440 13.70 14.49 -22.95
CA GLN A 440 12.80 15.07 -21.96
C GLN A 440 12.37 16.49 -22.34
N LEU A 441 13.29 17.28 -22.89
CA LEU A 441 13.07 18.70 -23.07
C LEU A 441 12.22 18.97 -24.32
N ILE A 442 11.82 17.91 -25.01
CA ILE A 442 10.96 18.04 -26.18
C ILE A 442 9.49 18.06 -25.79
N GLN A 443 9.06 17.13 -24.94
CA GLN A 443 7.70 17.16 -24.43
C GLN A 443 7.54 18.13 -23.27
N ARG A 444 8.55 18.98 -23.07
CA ARG A 444 8.51 20.09 -22.12
C ARG A 444 8.13 19.62 -20.73
N LEU A 445 8.74 18.50 -20.29
CA LEU A 445 8.75 18.23 -18.88
C LEU A 445 9.35 19.39 -18.13
N TYR A 446 10.63 19.65 -18.34
CA TYR A 446 11.32 20.71 -17.64
C TYR A 446 11.39 21.90 -18.56
N ASP A 447 10.62 22.94 -18.24
CA ASP A 447 10.67 24.19 -19.01
C ASP A 447 12.11 24.56 -19.27
N PRO A 448 12.53 24.64 -20.50
CA PRO A 448 13.92 24.96 -20.79
C PRO A 448 14.33 26.25 -20.10
N ASP A 449 15.39 26.19 -19.28
CA ASP A 449 15.77 27.34 -18.48
C ASP A 449 16.00 28.56 -19.35
N GLU A 450 16.77 28.38 -20.43
CA GLU A 450 16.98 29.44 -21.41
C GLU A 450 16.78 28.93 -22.83
N GLY A 451 16.77 27.61 -23.02
CA GLY A 451 16.57 27.02 -24.32
C GLY A 451 15.14 27.22 -24.77
N THR A 452 14.87 26.90 -26.03
CA THR A 452 13.51 26.87 -26.53
C THR A 452 13.45 25.85 -27.66
N ILE A 453 12.27 25.29 -27.88
CA ILE A 453 12.05 24.32 -28.95
C ILE A 453 10.73 24.67 -29.62
N ASN A 454 10.73 24.69 -30.95
CA ASN A 454 9.62 25.23 -31.72
C ASN A 454 9.30 24.33 -32.90
N ILE A 455 8.01 24.19 -33.18
CA ILE A 455 7.51 23.48 -34.36
C ILE A 455 6.95 24.52 -35.32
N ASP A 456 7.52 24.59 -36.52
CA ASP A 456 7.12 25.54 -37.56
C ASP A 456 7.53 26.97 -37.20
N GLY A 457 8.42 27.11 -36.22
CA GLY A 457 9.05 28.38 -35.93
C GLY A 457 8.32 29.30 -34.98
N GLN A 458 7.33 28.80 -34.22
CA GLN A 458 6.60 29.63 -33.27
C GLN A 458 6.69 29.04 -31.86
N ASP A 459 6.20 29.80 -30.90
CA ASP A 459 6.33 29.47 -29.48
C ASP A 459 5.56 28.20 -29.15
N ILE A 460 6.29 27.12 -28.86
CA ILE A 460 5.66 25.94 -28.30
C ILE A 460 5.10 26.26 -26.92
N ARG A 461 5.70 27.21 -26.21
CA ARG A 461 5.04 27.76 -25.04
C ARG A 461 3.62 28.21 -25.37
N ASN A 462 3.37 28.61 -26.62
CA ASN A 462 2.03 28.89 -27.10
C ASN A 462 1.38 27.71 -27.78
N PHE A 463 2.10 26.61 -27.98
CA PHE A 463 1.45 25.36 -28.35
C PHE A 463 0.78 24.80 -27.12
N ASN A 464 -0.52 24.73 -27.15
CA ASN A 464 -1.24 24.18 -26.02
C ASN A 464 -0.77 22.75 -25.77
N VAL A 465 -0.20 22.51 -24.59
CA VAL A 465 0.53 21.25 -24.38
C VAL A 465 -0.40 20.07 -24.36
N ASN A 466 -1.65 20.25 -23.95
CA ASN A 466 -2.61 19.16 -24.02
C ASN A 466 -2.76 18.65 -25.44
N TYR A 467 -2.31 19.42 -26.42
CA TYR A 467 -2.23 19.04 -27.82
C TYR A 467 -0.83 18.55 -28.18
N LEU A 468 0.20 19.21 -27.66
CA LEU A 468 1.58 18.81 -27.93
C LEU A 468 1.84 17.39 -27.46
N ARG A 469 1.79 17.16 -26.14
CA ARG A 469 2.09 15.82 -25.62
C ARG A 469 1.07 14.79 -26.00
N GLU A 470 0.08 15.16 -26.82
CA GLU A 470 -0.87 14.22 -27.36
C GLU A 470 -0.71 13.97 -28.85
N ILE A 471 0.04 14.80 -29.58
CA ILE A 471 0.27 14.49 -30.97
C ILE A 471 1.56 13.71 -31.22
N ILE A 472 2.56 13.87 -30.36
CA ILE A 472 3.84 13.22 -30.56
C ILE A 472 3.98 12.12 -29.52
N GLY A 473 4.57 11.00 -29.91
CA GLY A 473 4.67 9.89 -28.99
C GLY A 473 6.04 9.28 -28.95
N VAL A 474 6.70 9.37 -27.81
CA VAL A 474 8.05 8.85 -27.63
C VAL A 474 7.95 7.57 -26.81
N VAL A 475 8.09 6.44 -27.47
CA VAL A 475 8.08 5.14 -26.79
C VAL A 475 9.23 5.15 -25.79
N SER A 476 8.89 5.07 -24.50
CA SER A 476 9.78 5.45 -23.40
C SER A 476 11.17 4.82 -23.46
N GLN A 477 12.13 5.48 -22.82
CA GLN A 477 13.50 5.00 -22.76
C GLN A 477 13.55 3.58 -22.21
N GLU A 478 13.15 3.42 -20.95
CA GLU A 478 12.87 2.09 -20.40
C GLU A 478 11.38 1.88 -20.47
N PRO A 479 10.89 0.86 -21.16
CA PRO A 479 9.45 0.64 -21.23
C PRO A 479 8.84 0.41 -19.86
N VAL A 480 8.02 1.37 -19.42
CA VAL A 480 7.29 1.29 -18.18
C VAL A 480 5.90 0.76 -18.46
N LEU A 481 5.39 -0.10 -17.59
CA LEU A 481 4.03 -0.60 -17.70
C LEU A 481 3.24 -0.22 -16.45
N PHE A 482 1.98 -0.65 -16.42
CA PHE A 482 1.06 -0.37 -15.33
C PHE A 482 0.33 -1.64 -14.96
N SER A 483 -0.30 -1.60 -13.79
CA SER A 483 -1.03 -2.76 -13.24
C SER A 483 -2.36 -2.93 -13.98
N THR A 484 -2.25 -3.26 -15.26
CA THR A 484 -3.40 -3.32 -16.16
C THR A 484 -3.40 -4.64 -16.92
N THR A 485 -4.41 -4.81 -17.77
CA THR A 485 -4.34 -5.77 -18.85
C THR A 485 -3.53 -5.16 -19.99
N ILE A 486 -3.13 -5.99 -20.94
CA ILE A 486 -2.49 -5.47 -22.13
C ILE A 486 -3.44 -4.56 -22.89
N ALA A 487 -4.73 -4.86 -22.81
CA ALA A 487 -5.75 -4.02 -23.42
C ALA A 487 -5.66 -2.59 -22.90
N GLU A 488 -5.92 -2.38 -21.61
CA GLU A 488 -5.83 -1.04 -21.02
C GLU A 488 -4.42 -0.50 -21.14
N ASN A 489 -3.41 -1.37 -21.00
CA ASN A 489 -2.03 -0.94 -21.14
C ASN A 489 -1.86 -0.13 -22.42
N ILE A 490 -2.16 -0.73 -23.57
CA ILE A 490 -2.04 0.03 -24.81
C ILE A 490 -3.10 1.11 -24.89
N CYS A 491 -4.30 0.83 -24.36
CA CYS A 491 -5.37 1.82 -24.33
C CYS A 491 -4.87 3.16 -23.84
N TYR A 492 -3.88 3.14 -22.95
CA TYR A 492 -3.25 4.39 -22.54
C TYR A 492 -2.57 5.11 -23.68
N GLY A 493 -2.61 4.56 -24.90
CA GLY A 493 -2.32 5.38 -26.04
C GLY A 493 -3.24 6.58 -26.05
N ARG A 494 -4.54 6.33 -26.20
CA ARG A 494 -5.52 7.40 -26.13
C ARG A 494 -6.69 7.10 -25.20
N GLY A 495 -7.18 5.86 -25.18
CA GLY A 495 -8.33 5.57 -24.37
C GLY A 495 -9.53 5.01 -25.13
N ASN A 496 -9.87 5.59 -26.27
CA ASN A 496 -10.98 5.08 -27.09
C ASN A 496 -10.37 4.31 -28.25
N VAL A 497 -10.10 3.04 -28.01
CA VAL A 497 -9.52 2.14 -29.00
C VAL A 497 -10.38 0.89 -29.06
N THR A 498 -11.10 0.73 -30.17
CA THR A 498 -11.91 -0.46 -30.35
C THR A 498 -11.00 -1.66 -30.55
N MET A 499 -11.54 -2.85 -30.23
CA MET A 499 -10.72 -4.06 -30.17
C MET A 499 -9.90 -4.25 -31.43
N ASP A 500 -10.45 -3.86 -32.59
CA ASP A 500 -9.68 -3.95 -33.83
C ASP A 500 -8.59 -2.88 -33.85
N GLU A 501 -8.93 -1.64 -33.47
CA GLU A 501 -7.91 -0.60 -33.37
C GLU A 501 -6.76 -1.06 -32.48
N ILE A 502 -7.07 -1.90 -31.48
CA ILE A 502 -6.01 -2.50 -30.68
C ILE A 502 -5.24 -3.52 -31.52
N LYS A 503 -5.91 -4.59 -31.94
CA LYS A 503 -5.21 -5.77 -32.45
C LYS A 503 -4.39 -5.44 -33.70
N LYS A 504 -4.97 -4.64 -34.60
CA LYS A 504 -4.31 -4.36 -35.87
C LYS A 504 -2.94 -3.72 -35.67
N ALA A 505 -2.87 -2.69 -34.83
CA ALA A 505 -1.59 -2.07 -34.55
C ALA A 505 -0.78 -2.81 -33.50
N VAL A 506 -1.42 -3.75 -32.77
CA VAL A 506 -0.67 -4.63 -31.88
C VAL A 506 0.24 -5.54 -32.67
N LYS A 507 -0.31 -6.18 -33.71
CA LYS A 507 0.47 -7.12 -34.51
C LYS A 507 1.69 -6.47 -35.15
N GLU A 508 1.72 -5.14 -35.22
CA GLU A 508 2.85 -4.42 -35.80
C GLU A 508 4.11 -4.51 -34.97
N ALA A 509 4.13 -5.35 -33.92
CA ALA A 509 5.34 -5.69 -33.19
C ALA A 509 5.36 -7.15 -32.78
N ASN A 510 4.54 -8.00 -33.43
CA ASN A 510 4.40 -9.41 -33.08
C ASN A 510 4.10 -9.59 -31.60
N ALA A 511 2.94 -9.10 -31.18
CA ALA A 511 2.46 -9.29 -29.83
C ALA A 511 1.22 -10.16 -29.86
N TYR A 512 1.28 -11.24 -30.65
CA TYR A 512 0.09 -12.05 -30.91
C TYR A 512 0.24 -13.49 -30.45
N GLU A 513 1.44 -13.92 -30.06
CA GLU A 513 1.60 -15.30 -29.59
C GLU A 513 1.57 -15.35 -28.07
N PHE A 514 2.44 -14.60 -27.40
CA PHE A 514 2.49 -14.62 -25.94
C PHE A 514 1.33 -13.85 -25.33
N ILE A 515 0.59 -13.09 -26.13
CA ILE A 515 -0.62 -12.47 -25.61
C ILE A 515 -1.84 -13.34 -25.88
N MET A 516 -1.93 -13.94 -27.07
CA MET A 516 -3.03 -14.86 -27.34
C MET A 516 -2.79 -16.23 -26.72
N LYS A 517 -1.70 -16.41 -25.98
CA LYS A 517 -1.38 -17.69 -25.37
C LYS A 517 -1.97 -17.85 -23.98
N LEU A 518 -1.99 -16.78 -23.19
CA LEU A 518 -2.33 -16.90 -21.79
C LEU A 518 -3.80 -17.30 -21.61
N PRO A 519 -4.12 -18.02 -20.52
CA PRO A 519 -5.52 -18.13 -20.10
C PRO A 519 -6.08 -16.75 -19.80
N GLN A 520 -7.22 -16.43 -20.43
CA GLN A 520 -7.69 -15.05 -20.57
C GLN A 520 -6.64 -14.22 -21.33
N LYS A 521 -6.54 -14.55 -22.62
CA LYS A 521 -5.42 -14.15 -23.48
C LYS A 521 -4.96 -12.72 -23.24
N PHE A 522 -5.81 -11.75 -23.58
CA PHE A 522 -5.51 -10.36 -23.31
C PHE A 522 -5.85 -10.01 -21.87
N ASP A 523 -6.98 -10.52 -21.38
CA ASP A 523 -7.54 -10.14 -20.09
C ASP A 523 -6.80 -10.76 -18.91
N THR A 524 -5.60 -11.28 -19.14
CA THR A 524 -4.74 -11.61 -18.01
C THR A 524 -3.87 -10.40 -17.68
N LEU A 525 -3.38 -10.36 -16.44
CA LEU A 525 -2.91 -9.13 -15.82
C LEU A 525 -1.42 -8.93 -16.10
N VAL A 526 -1.07 -7.77 -16.67
CA VAL A 526 0.30 -7.31 -16.60
C VAL A 526 0.56 -6.77 -15.21
N GLY A 527 1.58 -7.31 -14.55
CA GLY A 527 1.78 -7.10 -13.13
C GLY A 527 2.48 -5.81 -12.74
N GLU A 528 3.32 -5.90 -11.72
CA GLU A 528 3.97 -4.76 -11.07
C GLU A 528 5.25 -4.42 -11.83
N ARG A 529 5.27 -3.25 -12.48
CA ARG A 529 6.27 -2.94 -13.48
C ARG A 529 6.29 -4.00 -14.58
N GLY A 530 5.12 -4.58 -14.85
CA GLY A 530 5.02 -5.72 -15.73
C GLY A 530 5.44 -7.02 -15.10
N ALA A 531 5.34 -7.15 -13.77
CA ALA A 531 5.90 -8.30 -13.06
C ALA A 531 5.39 -9.63 -13.57
N GLN A 532 4.34 -9.63 -14.38
CA GLN A 532 3.89 -10.83 -15.07
C GLN A 532 4.44 -10.87 -16.49
N LEU A 533 5.58 -10.21 -16.69
CA LEU A 533 6.33 -10.22 -17.94
C LEU A 533 7.80 -10.01 -17.62
N SER A 534 8.62 -10.12 -18.66
CA SER A 534 9.98 -9.61 -18.61
C SER A 534 10.34 -9.02 -19.97
N GLY A 535 11.62 -8.68 -20.17
CA GLY A 535 12.02 -7.96 -21.36
C GLY A 535 11.65 -8.63 -22.67
N GLY A 536 11.73 -9.97 -22.72
CA GLY A 536 11.36 -10.68 -23.93
C GLY A 536 9.89 -10.62 -24.28
N GLN A 537 9.05 -10.13 -23.36
CA GLN A 537 7.63 -9.95 -23.61
C GLN A 537 7.16 -8.53 -23.36
N LYS A 538 7.91 -7.76 -22.58
CA LYS A 538 7.46 -6.45 -22.15
C LYS A 538 7.71 -5.39 -23.21
N GLN A 539 8.95 -5.28 -23.68
CA GLN A 539 9.34 -4.20 -24.58
C GLN A 539 8.62 -4.29 -25.92
N ARG A 540 7.75 -5.28 -26.08
CA ARG A 540 6.95 -5.39 -27.30
C ARG A 540 5.66 -4.58 -27.22
N ILE A 541 4.99 -4.64 -26.06
CA ILE A 541 3.71 -3.96 -25.91
C ILE A 541 3.90 -2.45 -25.91
N ALA A 542 5.08 -1.99 -25.52
CA ALA A 542 5.32 -0.55 -25.43
C ALA A 542 5.44 0.09 -26.81
N ILE A 543 6.35 -0.41 -27.64
CA ILE A 543 6.68 0.27 -28.89
C ILE A 543 5.51 0.28 -29.87
N ALA A 544 4.54 -0.61 -29.69
CA ALA A 544 3.28 -0.47 -30.40
C ALA A 544 2.20 0.21 -29.58
N ARG A 545 2.39 0.32 -28.27
CA ARG A 545 1.36 0.89 -27.40
C ARG A 545 1.08 2.34 -27.77
N ALA A 546 2.04 3.22 -27.50
CA ALA A 546 1.80 4.62 -27.82
C ALA A 546 1.83 4.88 -29.31
N LEU A 547 2.05 3.85 -30.14
CA LEU A 547 1.91 4.00 -31.57
C LEU A 547 0.46 4.32 -31.94
N VAL A 548 -0.50 3.66 -31.29
CA VAL A 548 -1.90 3.79 -31.64
C VAL A 548 -2.37 5.23 -31.61
N ARG A 549 -1.59 6.13 -31.01
CA ARG A 549 -1.80 7.55 -31.17
C ARG A 549 -1.58 7.99 -32.60
N ASN A 550 -0.91 7.17 -33.40
CA ASN A 550 -0.39 7.55 -34.72
C ASN A 550 0.35 8.87 -34.54
N PRO A 551 1.46 8.87 -33.84
CA PRO A 551 2.10 10.14 -33.46
C PRO A 551 2.47 10.97 -34.67
N LYS A 552 2.12 12.24 -34.63
CA LYS A 552 2.66 13.17 -35.61
C LYS A 552 4.18 13.19 -35.55
N ILE A 553 4.76 12.84 -34.41
CA ILE A 553 6.18 12.52 -34.31
C ILE A 553 6.34 11.40 -33.31
N LEU A 554 6.68 10.21 -33.78
CA LEU A 554 7.20 9.18 -32.90
C LEU A 554 8.66 9.49 -32.62
N LEU A 555 9.15 9.05 -31.47
CA LEU A 555 10.56 9.18 -31.13
C LEU A 555 11.01 7.91 -30.43
N LEU A 556 12.13 7.36 -30.88
CA LEU A 556 12.67 6.12 -30.33
C LEU A 556 13.93 6.45 -29.54
N ASP A 557 14.10 5.79 -28.40
CA ASP A 557 15.23 6.00 -27.51
C ASP A 557 15.53 4.72 -26.73
N GLU A 558 16.48 3.93 -27.24
CA GLU A 558 16.91 2.70 -26.56
C GLU A 558 15.70 1.85 -26.15
N ALA A 559 14.66 1.88 -26.99
CA ALA A 559 13.35 1.37 -26.63
C ALA A 559 13.10 -0.06 -27.09
N THR A 560 14.08 -0.72 -27.68
CA THR A 560 13.94 -2.07 -28.22
C THR A 560 15.17 -2.91 -27.89
N SER A 561 15.65 -2.83 -26.65
CA SER A 561 16.96 -3.35 -26.28
C SER A 561 16.91 -4.61 -25.44
N ALA A 562 15.73 -5.21 -25.22
CA ALA A 562 15.59 -6.28 -24.23
C ALA A 562 14.96 -7.56 -24.78
N LEU A 563 15.07 -7.83 -26.07
CA LEU A 563 14.54 -9.05 -26.67
C LEU A 563 15.55 -9.64 -27.65
N ASP A 564 15.08 -10.64 -28.40
CA ASP A 564 15.82 -11.10 -29.57
C ASP A 564 15.72 -10.07 -30.69
N THR A 565 16.73 -10.06 -31.55
CA THR A 565 16.78 -9.03 -32.57
C THR A 565 15.64 -9.15 -33.59
N GLU A 566 14.90 -10.25 -33.59
CA GLU A 566 13.76 -10.38 -34.48
C GLU A 566 12.66 -9.38 -34.12
N SER A 567 12.15 -9.44 -32.89
CA SER A 567 11.18 -8.46 -32.45
C SER A 567 11.73 -7.04 -32.56
N GLU A 568 13.04 -6.88 -32.34
CA GLU A 568 13.66 -5.59 -32.54
C GLU A 568 13.49 -5.10 -33.97
N ALA A 569 13.77 -5.96 -34.94
CA ALA A 569 13.56 -5.59 -36.34
C ALA A 569 12.09 -5.34 -36.63
N GLU A 570 11.20 -6.12 -36.01
CA GLU A 570 9.78 -5.93 -36.23
C GLU A 570 9.35 -4.52 -35.82
N VAL A 571 9.68 -4.12 -34.60
CA VAL A 571 9.31 -2.79 -34.13
C VAL A 571 10.05 -1.71 -34.90
N GLN A 572 11.26 -2.01 -35.40
CA GLN A 572 12.07 -0.98 -36.05
C GLN A 572 11.58 -0.70 -37.47
N ALA A 573 11.48 -1.75 -38.29
CA ALA A 573 11.07 -1.59 -39.68
C ALA A 573 9.57 -1.38 -39.81
N ALA A 574 8.76 -2.08 -38.99
CA ALA A 574 7.34 -1.79 -38.95
C ALA A 574 7.06 -0.38 -38.48
N LEU A 575 8.04 0.29 -37.86
CA LEU A 575 7.99 1.72 -37.60
C LEU A 575 9.06 2.48 -38.37
N ASP A 576 9.61 1.88 -39.43
CA ASP A 576 10.40 2.61 -40.42
C ASP A 576 9.56 3.02 -41.61
N LYS A 577 8.61 2.17 -41.98
CA LYS A 577 7.71 2.46 -43.10
C LYS A 577 6.42 3.11 -42.59
N ALA A 578 6.22 3.07 -41.27
CA ALA A 578 5.04 3.65 -40.65
C ALA A 578 5.22 5.15 -40.44
N ARG A 579 6.46 5.60 -40.51
CA ARG A 579 6.79 7.01 -40.34
C ARG A 579 6.97 7.65 -41.71
N GLU A 580 5.98 7.47 -42.58
CA GLU A 580 6.04 8.01 -43.93
C GLU A 580 6.03 9.53 -43.96
N GLY A 581 5.36 10.15 -42.99
CA GLY A 581 5.29 11.60 -42.95
C GLY A 581 5.69 12.15 -41.60
N ARG A 582 5.95 11.24 -40.66
CA ARG A 582 6.36 11.60 -39.31
C ARG A 582 7.84 11.27 -39.14
N THR A 583 8.58 12.19 -38.53
CA THR A 583 9.95 11.90 -38.23
C THR A 583 10.03 10.99 -37.00
N THR A 584 11.23 10.45 -36.77
CA THR A 584 11.47 9.64 -35.58
C THR A 584 12.95 9.71 -35.26
N ILE A 585 13.30 10.52 -34.27
CA ILE A 585 14.68 10.76 -33.92
C ILE A 585 15.13 9.65 -32.98
N VAL A 586 16.09 8.86 -33.43
CA VAL A 586 16.34 7.53 -32.88
C VAL A 586 17.55 7.55 -31.95
N ILE A 587 17.35 7.06 -30.72
CA ILE A 587 18.44 6.69 -29.83
C ILE A 587 18.42 5.16 -29.77
N ALA A 588 19.34 4.53 -30.50
CA ALA A 588 19.26 3.10 -30.78
C ALA A 588 20.42 2.35 -30.12
N HIS A 589 20.56 1.09 -30.49
CA HIS A 589 21.49 0.16 -29.87
C HIS A 589 22.62 -0.23 -30.80
N ARG A 590 22.31 -0.76 -31.98
CA ARG A 590 23.31 -1.32 -32.87
C ARG A 590 23.75 -0.30 -33.91
N LEU A 591 24.96 -0.51 -34.43
CA LEU A 591 25.58 0.41 -35.38
C LEU A 591 25.20 0.12 -36.83
N SER A 592 24.16 -0.68 -37.04
CA SER A 592 23.44 -0.72 -38.30
C SER A 592 22.00 -0.26 -38.17
N THR A 593 21.39 -0.40 -36.98
CA THR A 593 20.07 0.10 -36.68
C THR A 593 20.08 1.53 -36.16
N VAL A 594 21.27 2.12 -36.01
CA VAL A 594 21.36 3.56 -35.96
C VAL A 594 21.19 4.14 -37.36
N ARG A 595 21.59 3.37 -38.38
CA ARG A 595 21.68 3.89 -39.75
C ARG A 595 20.33 3.95 -40.45
N ASN A 596 19.25 3.45 -39.84
CA ASN A 596 17.95 3.61 -40.48
C ASN A 596 17.47 5.02 -40.21
N ALA A 597 18.35 5.99 -40.47
CA ALA A 597 18.08 7.40 -40.25
C ALA A 597 18.75 8.18 -41.37
N ASP A 598 17.98 9.04 -42.04
CA ASP A 598 18.52 9.81 -43.15
C ASP A 598 19.70 10.67 -42.72
N VAL A 599 19.76 11.03 -41.44
CA VAL A 599 20.87 11.79 -40.88
C VAL A 599 21.25 11.16 -39.56
N ILE A 600 22.55 11.11 -39.27
CA ILE A 600 23.06 10.65 -37.99
C ILE A 600 23.63 11.85 -37.25
N ALA A 601 23.71 11.75 -35.92
CA ALA A 601 24.07 12.89 -35.09
C ALA A 601 25.27 12.58 -34.20
N GLY A 602 25.89 13.64 -33.70
CA GLY A 602 26.96 13.52 -32.72
C GLY A 602 26.67 14.41 -31.52
N PHE A 603 26.72 13.80 -30.33
CA PHE A 603 26.41 14.46 -29.07
C PHE A 603 27.69 14.96 -28.44
N GLU A 604 27.87 16.27 -28.41
CA GLU A 604 29.10 16.85 -27.89
C GLU A 604 28.76 18.04 -27.02
N ASP A 605 28.73 17.81 -25.71
CA ASP A 605 28.88 18.83 -24.66
C ASP A 605 28.22 20.16 -25.01
N GLY A 606 26.90 20.10 -25.21
CA GLY A 606 26.11 21.31 -25.36
C GLY A 606 26.48 22.20 -26.52
N VAL A 607 27.05 21.63 -27.58
CA VAL A 607 27.32 22.33 -28.83
C VAL A 607 27.08 21.38 -29.98
N ILE A 608 26.23 21.78 -30.92
CA ILE A 608 25.93 20.99 -32.11
C ILE A 608 26.82 21.50 -33.23
N VAL A 609 27.85 20.73 -33.58
CA VAL A 609 28.82 21.15 -34.58
C VAL A 609 29.10 20.01 -35.57
N GLU A 610 28.72 18.79 -35.20
CA GLU A 610 29.10 17.62 -36.00
C GLU A 610 27.93 16.65 -36.04
N GLN A 611 27.40 16.42 -37.23
CA GLN A 611 26.24 15.56 -37.46
C GLN A 611 26.00 15.48 -38.97
N GLY A 612 25.22 14.49 -39.39
CA GLY A 612 24.83 14.41 -40.78
C GLY A 612 24.54 12.98 -41.20
N SER A 613 24.38 12.82 -42.52
CA SER A 613 23.99 11.58 -43.17
C SER A 613 25.17 10.61 -43.27
N HIS A 614 24.91 9.45 -43.89
CA HIS A 614 25.89 8.37 -43.95
C HIS A 614 27.20 8.86 -44.56
N SER A 615 27.14 9.36 -45.79
CA SER A 615 28.30 9.97 -46.46
C SER A 615 28.63 11.35 -45.92
N GLU A 616 27.87 11.82 -44.92
CA GLU A 616 28.04 13.15 -44.35
C GLU A 616 28.77 13.13 -43.03
N LEU A 617 28.90 11.97 -42.39
CA LEU A 617 29.55 11.88 -41.09
C LEU A 617 30.80 11.03 -41.11
N MET A 618 30.72 9.80 -41.61
CA MET A 618 31.85 8.88 -41.55
C MET A 618 33.14 9.51 -42.10
N LYS A 619 33.01 10.43 -43.04
CA LYS A 619 34.15 11.09 -43.66
C LYS A 619 34.58 12.35 -42.93
N LYS A 620 33.95 12.67 -41.79
CA LYS A 620 34.17 13.94 -41.11
C LYS A 620 35.08 13.81 -39.88
N GLU A 621 35.31 12.60 -39.39
CA GLU A 621 36.16 12.37 -38.22
C GLU A 621 35.66 13.15 -37.01
N GLY A 622 34.36 13.02 -36.75
CA GLY A 622 33.78 13.55 -35.54
C GLY A 622 33.52 12.43 -34.55
N VAL A 623 32.28 11.94 -34.53
CA VAL A 623 31.94 10.78 -33.73
C VAL A 623 31.61 9.56 -34.57
N TYR A 624 31.10 9.75 -35.80
CA TYR A 624 30.55 8.60 -36.53
C TYR A 624 31.62 7.75 -37.20
N PHE A 625 32.79 8.32 -37.54
CA PHE A 625 33.92 7.46 -37.84
C PHE A 625 34.57 6.95 -36.57
N LYS A 626 34.36 7.66 -35.46
CA LYS A 626 34.85 7.19 -34.17
C LYS A 626 33.92 6.14 -33.58
N LEU A 627 32.61 6.26 -33.83
CA LEU A 627 31.65 5.36 -33.18
C LEU A 627 31.73 3.97 -33.78
N VAL A 628 31.74 3.85 -35.10
CA VAL A 628 31.69 2.54 -35.72
C VAL A 628 32.95 1.72 -35.46
N ASN A 629 34.02 2.37 -35.02
CA ASN A 629 35.29 1.68 -34.80
C ASN A 629 35.48 1.30 -33.34
N VAL A 692 4.20 -5.78 10.87
CA VAL A 692 3.85 -5.00 12.05
C VAL A 692 3.45 -5.90 13.23
N PRO A 693 4.38 -6.74 13.69
CA PRO A 693 4.08 -7.62 14.81
C PRO A 693 3.75 -6.80 16.05
N PRO A 694 2.49 -6.77 16.46
CA PRO A 694 2.06 -5.74 17.41
C PRO A 694 2.83 -5.84 18.71
N VAL A 695 3.16 -4.69 19.26
CA VAL A 695 3.87 -4.60 20.52
C VAL A 695 2.84 -4.36 21.60
N SER A 696 3.29 -4.39 22.84
CA SER A 696 2.32 -4.46 23.92
C SER A 696 2.06 -3.12 24.54
N PHE A 697 0.91 -3.06 25.21
CA PHE A 697 0.74 -2.15 26.32
C PHE A 697 2.05 -2.03 27.10
N LEU A 698 2.69 -3.17 27.40
CA LEU A 698 3.82 -3.14 28.31
C LEU A 698 5.06 -2.52 27.69
N LYS A 699 5.37 -2.83 26.43
CA LYS A 699 6.64 -2.33 25.90
C LYS A 699 6.61 -0.81 25.76
N VAL A 700 5.47 -0.26 25.34
CA VAL A 700 5.34 1.19 25.37
C VAL A 700 5.49 1.70 26.78
N LEU A 701 4.77 1.10 27.73
CA LEU A 701 4.79 1.61 29.10
C LEU A 701 6.13 1.36 29.78
N LYS A 702 6.98 0.54 29.17
CA LYS A 702 8.24 0.17 29.81
C LYS A 702 9.41 0.94 29.23
N LEU A 703 9.24 1.54 28.06
CA LEU A 703 10.30 2.39 27.55
C LEU A 703 10.60 3.56 28.47
N ASN A 704 9.63 3.95 29.30
CA ASN A 704 9.82 4.95 30.35
C ASN A 704 9.75 4.26 31.71
N LYS A 705 10.89 3.72 32.15
CA LYS A 705 11.00 2.98 33.40
C LYS A 705 11.98 3.63 34.37
N THR A 706 13.08 4.21 33.88
CA THR A 706 14.03 4.85 34.76
C THR A 706 13.35 5.95 35.58
N GLU A 707 12.49 6.74 34.95
CA GLU A 707 11.93 7.94 35.55
C GLU A 707 10.58 7.67 36.19
N TRP A 708 10.52 6.66 37.04
CA TRP A 708 9.25 6.41 37.72
C TRP A 708 8.81 7.58 38.60
N PRO A 709 9.71 8.21 39.38
CA PRO A 709 9.19 9.16 40.36
C PRO A 709 8.47 10.30 39.70
N TYR A 710 8.84 10.64 38.47
CA TYR A 710 8.11 11.70 37.80
C TYR A 710 6.67 11.29 37.57
N PHE A 711 6.44 10.01 37.31
CA PHE A 711 5.07 9.57 37.12
C PHE A 711 4.33 9.47 38.44
N VAL A 712 5.03 9.06 39.51
CA VAL A 712 4.35 9.01 40.81
C VAL A 712 3.88 10.41 41.19
N VAL A 713 4.72 11.41 40.92
CA VAL A 713 4.38 12.78 41.23
C VAL A 713 3.22 13.24 40.37
N GLY A 714 3.31 12.98 39.06
CA GLY A 714 2.22 13.36 38.17
C GLY A 714 0.88 12.80 38.59
N THR A 715 0.86 11.53 39.01
CA THR A 715 -0.43 10.88 39.31
C THR A 715 -0.98 11.33 40.66
N VAL A 716 -0.12 11.53 41.66
CA VAL A 716 -0.64 12.01 42.94
C VAL A 716 -1.24 13.39 42.78
N CYS A 717 -0.49 14.31 42.15
CA CYS A 717 -1.05 15.63 41.92
C CYS A 717 -2.26 15.55 41.00
N ALA A 718 -2.34 14.49 40.19
CA ALA A 718 -3.52 14.30 39.36
C ALA A 718 -4.75 14.02 40.19
N ILE A 719 -4.66 13.07 41.13
CA ILE A 719 -5.82 12.78 41.98
C ILE A 719 -6.26 14.03 42.74
N ALA A 720 -5.29 14.82 43.22
CA ALA A 720 -5.67 16.07 43.86
C ALA A 720 -6.45 16.97 42.90
N ASN A 721 -5.81 17.40 41.81
CA ASN A 721 -6.45 18.28 40.85
C ASN A 721 -7.83 17.79 40.49
N GLY A 722 -7.99 16.50 40.30
CA GLY A 722 -9.28 15.99 39.90
C GLY A 722 -10.30 16.11 41.00
N GLY A 723 -10.13 15.34 42.07
CA GLY A 723 -11.14 15.30 43.11
C GLY A 723 -11.41 16.60 43.82
N LEU A 724 -10.69 17.65 43.45
CA LEU A 724 -10.92 18.94 44.08
C LEU A 724 -12.32 19.50 43.80
N GLN A 725 -13.03 18.95 42.80
CA GLN A 725 -14.33 19.53 42.44
C GLN A 725 -15.47 19.12 43.37
N PRO A 726 -15.83 17.82 43.50
CA PRO A 726 -16.83 17.48 44.52
C PRO A 726 -16.47 18.02 45.90
N ALA A 727 -15.19 18.23 46.14
CA ALA A 727 -14.84 19.11 47.24
C ALA A 727 -15.63 20.40 47.15
N PHE A 728 -15.68 21.01 45.97
CA PHE A 728 -16.45 22.24 45.86
C PHE A 728 -17.92 21.97 46.08
N SER A 729 -18.37 20.76 45.78
CA SER A 729 -19.73 20.40 46.16
C SER A 729 -19.92 20.56 47.67
N VAL A 730 -18.96 20.08 48.47
CA VAL A 730 -19.10 20.15 49.94
C VAL A 730 -18.93 21.58 50.43
N ILE A 731 -17.95 22.30 49.90
CA ILE A 731 -17.85 23.72 50.19
C ILE A 731 -19.22 24.35 50.09
N PHE A 732 -19.80 24.29 48.89
CA PHE A 732 -21.02 25.04 48.64
C PHE A 732 -22.21 24.42 49.36
N SER A 733 -22.11 23.15 49.72
CA SER A 733 -23.24 22.49 50.38
C SER A 733 -23.34 22.85 51.85
N GLU A 734 -22.27 22.68 52.62
CA GLU A 734 -22.33 23.20 53.99
C GLU A 734 -22.47 24.70 53.99
N ILE A 735 -22.13 25.36 52.87
CA ILE A 735 -22.43 26.77 52.75
C ILE A 735 -23.92 27.03 52.77
N ILE A 736 -24.69 26.28 51.98
CA ILE A 736 -26.15 26.48 51.96
C ILE A 736 -26.72 26.51 53.36
N ALA A 737 -26.40 25.48 54.15
CA ALA A 737 -27.00 25.36 55.48
C ALA A 737 -26.63 26.54 56.35
N ILE A 738 -25.33 26.79 56.52
CA ILE A 738 -24.88 27.93 57.30
C ILE A 738 -25.57 29.21 56.84
N PHE A 739 -25.78 29.33 55.53
CA PHE A 739 -26.45 30.51 55.00
C PHE A 739 -27.86 30.61 55.51
N GLY A 740 -28.53 29.45 55.66
CA GLY A 740 -29.92 29.45 56.05
C GLY A 740 -30.26 30.26 57.28
N PRO A 741 -29.90 29.79 58.49
CA PRO A 741 -30.48 30.40 59.70
C PRO A 741 -29.95 31.79 60.03
N GLY A 742 -28.63 31.92 60.15
CA GLY A 742 -28.04 33.16 60.61
C GLY A 742 -28.40 33.60 62.01
N ASP A 743 -28.50 32.68 62.98
CA ASP A 743 -28.92 33.05 64.32
C ASP A 743 -27.94 34.01 64.97
N ASP A 744 -26.72 34.12 64.42
CA ASP A 744 -25.77 35.11 64.90
C ASP A 744 -25.20 35.88 63.71
N ALA A 745 -24.15 36.65 63.98
CA ALA A 745 -23.51 37.49 62.96
C ALA A 745 -22.58 36.63 62.11
N VAL A 746 -23.16 35.58 61.54
CA VAL A 746 -22.48 34.58 60.72
C VAL A 746 -21.50 35.01 59.61
N LYS A 747 -21.90 35.92 58.73
CA LYS A 747 -21.06 36.35 57.61
C LYS A 747 -19.57 36.65 57.88
N GLN A 748 -19.32 37.77 58.52
CA GLN A 748 -17.99 38.28 58.84
C GLN A 748 -17.41 37.56 60.06
N GLN A 749 -18.16 36.63 60.63
CA GLN A 749 -17.67 35.88 61.78
C GLN A 749 -17.31 34.45 61.37
N LYS A 750 -18.09 33.85 60.48
CA LYS A 750 -17.75 32.58 59.86
C LYS A 750 -17.23 32.75 58.46
N CYS A 751 -18.02 33.33 57.56
CA CYS A 751 -17.72 33.22 56.14
C CYS A 751 -16.37 33.83 55.80
N ASN A 752 -15.84 34.68 56.67
CA ASN A 752 -14.44 35.05 56.54
C ASN A 752 -13.56 33.80 56.44
N ILE A 753 -13.84 32.81 57.29
CA ILE A 753 -13.13 31.53 57.25
C ILE A 753 -13.26 30.89 55.87
N PHE A 754 -14.43 30.99 55.25
CA PHE A 754 -14.62 30.31 53.98
C PHE A 754 -13.91 31.03 52.86
N SER A 755 -13.91 32.36 52.90
CA SER A 755 -13.07 33.09 51.96
C SER A 755 -11.62 32.66 52.12
N LEU A 756 -11.19 32.42 53.35
CA LEU A 756 -9.85 31.88 53.55
C LEU A 756 -9.69 30.53 52.86
N ILE A 757 -10.49 29.54 53.25
CA ILE A 757 -10.39 28.21 52.65
C ILE A 757 -10.26 28.31 51.15
N PHE A 758 -11.01 29.23 50.55
CA PHE A 758 -10.82 29.47 49.12
C PHE A 758 -9.40 29.90 48.85
N LEU A 759 -8.83 30.77 49.69
CA LEU A 759 -7.44 31.13 49.45
C LEU A 759 -6.52 29.93 49.54
N PHE A 760 -6.71 29.10 50.55
CA PHE A 760 -5.83 27.96 50.78
C PHE A 760 -5.89 27.02 49.59
N LEU A 761 -7.09 26.72 49.10
CA LEU A 761 -7.20 25.88 47.92
C LEU A 761 -6.67 26.59 46.69
N GLY A 762 -6.66 27.92 46.69
CA GLY A 762 -6.03 28.61 45.60
C GLY A 762 -4.53 28.37 45.54
N ILE A 763 -3.86 28.54 46.67
CA ILE A 763 -2.41 28.33 46.65
C ILE A 763 -2.07 26.85 46.52
N ILE A 764 -2.88 25.98 47.15
CA ILE A 764 -2.70 24.55 46.98
C ILE A 764 -2.90 24.16 45.52
N SER A 765 -3.77 24.87 44.81
CA SER A 765 -3.98 24.56 43.42
C SER A 765 -2.81 25.03 42.60
N PHE A 766 -2.26 26.19 42.93
CA PHE A 766 -1.06 26.60 42.22
C PHE A 766 0.00 25.53 42.35
N PHE A 767 0.24 25.06 43.57
CA PHE A 767 1.31 24.10 43.77
C PHE A 767 0.99 22.78 43.08
N THR A 768 -0.21 22.27 43.26
CA THR A 768 -0.55 20.98 42.67
C THR A 768 -0.60 21.04 41.14
N PHE A 769 -1.19 22.08 40.57
CA PHE A 769 -1.14 22.27 39.13
C PHE A 769 0.29 22.31 38.65
N PHE A 770 1.02 23.36 39.01
CA PHE A 770 2.40 23.47 38.56
C PHE A 770 3.12 22.15 38.68
N LEU A 771 2.89 21.41 39.78
CA LEU A 771 3.55 20.13 39.94
C LEU A 771 3.14 19.13 38.86
N GLN A 772 1.86 18.83 38.73
CA GLN A 772 1.52 17.74 37.82
C GLN A 772 1.83 18.11 36.37
N GLY A 773 1.49 19.33 35.97
CA GLY A 773 1.85 19.78 34.65
C GLY A 773 3.35 19.74 34.40
N PHE A 774 4.12 20.32 35.30
CA PHE A 774 5.56 20.36 35.11
C PHE A 774 6.16 18.97 35.07
N THR A 775 5.72 18.10 35.96
CA THR A 775 6.35 16.80 36.06
C THR A 775 6.06 15.96 34.83
N PHE A 776 4.86 16.04 34.28
CA PHE A 776 4.67 15.35 33.00
C PHE A 776 5.39 16.05 31.86
N GLY A 777 5.61 17.36 31.96
CA GLY A 777 6.47 18.00 30.98
C GLY A 777 7.88 17.43 31.00
N LYS A 778 8.38 17.15 32.18
CA LYS A 778 9.73 16.65 32.28
C LYS A 778 9.78 15.17 31.93
N ALA A 779 8.70 14.44 32.21
CA ALA A 779 8.60 13.06 31.71
C ALA A 779 8.59 13.01 30.18
N GLY A 780 7.84 13.94 29.56
CA GLY A 780 7.87 14.05 28.12
C GLY A 780 9.26 14.32 27.60
N GLU A 781 9.95 15.32 28.14
CA GLU A 781 11.32 15.56 27.69
C GLU A 781 12.17 14.31 27.81
N ILE A 782 12.13 13.68 28.97
CA ILE A 782 12.93 12.50 29.21
C ILE A 782 12.72 11.49 28.10
N LEU A 783 11.49 11.02 27.95
CA LEU A 783 11.27 9.94 27.00
C LEU A 783 11.69 10.37 25.60
N THR A 784 11.32 11.58 25.19
CA THR A 784 11.66 11.98 23.83
C THR A 784 13.15 11.94 23.59
N ARG A 785 13.95 12.57 24.46
CA ARG A 785 15.39 12.52 24.19
C ARG A 785 15.87 11.09 24.14
N ARG A 786 15.51 10.30 25.15
CA ARG A 786 16.00 8.94 25.20
C ARG A 786 15.72 8.22 23.90
N LEU A 787 14.47 8.27 23.44
CA LEU A 787 14.07 7.38 22.37
C LEU A 787 14.52 7.89 21.02
N ARG A 788 14.50 9.21 20.82
CA ARG A 788 15.13 9.77 19.64
C ARG A 788 16.56 9.26 19.49
N SER A 789 17.35 9.36 20.56
CA SER A 789 18.73 8.94 20.45
C SER A 789 18.82 7.44 20.15
N MET A 790 18.08 6.63 20.89
CA MET A 790 18.17 5.18 20.67
C MET A 790 17.80 4.79 19.26
N ALA A 791 16.76 5.40 18.69
CA ALA A 791 16.36 5.05 17.34
C ALA A 791 17.43 5.45 16.34
N PHE A 792 17.96 6.67 16.50
CA PHE A 792 19.01 7.10 15.58
C PHE A 792 20.19 6.15 15.58
N LYS A 793 20.66 5.77 16.77
CA LYS A 793 21.74 4.80 16.87
C LYS A 793 21.37 3.51 16.17
N ALA A 794 20.32 2.85 16.67
CA ALA A 794 19.85 1.60 16.09
C ALA A 794 19.89 1.66 14.58
N MET A 795 19.33 2.72 13.99
CA MET A 795 19.34 2.80 12.55
C MET A 795 20.76 2.81 12.02
N LEU A 796 21.61 3.68 12.55
CA LEU A 796 22.92 3.83 11.91
C LEU A 796 23.76 2.56 12.05
N ARG A 797 23.33 1.62 12.91
CA ARG A 797 24.10 0.39 13.07
C ARG A 797 23.84 -0.61 11.95
N GLN A 798 22.64 -0.61 11.39
CA GLN A 798 22.14 -1.77 10.66
C GLN A 798 22.98 -2.07 9.43
N ASP A 799 22.69 -3.18 8.78
CA ASP A 799 23.40 -3.51 7.55
C ASP A 799 23.14 -2.44 6.50
N MET A 800 23.90 -2.51 5.41
CA MET A 800 23.64 -1.59 4.32
C MET A 800 22.39 -1.99 3.55
N SER A 801 22.00 -3.26 3.63
CA SER A 801 20.91 -3.77 2.79
C SER A 801 19.55 -3.29 3.27
N TRP A 802 19.50 -2.43 4.28
CA TRP A 802 18.22 -1.91 4.76
C TRP A 802 17.85 -0.62 4.05
N PHE A 803 18.85 0.21 3.72
CA PHE A 803 18.58 1.56 3.25
C PHE A 803 18.56 1.64 1.73
N ASP A 804 19.15 0.66 1.07
CA ASP A 804 19.13 0.56 -0.39
C ASP A 804 17.79 -0.05 -0.83
N ASP A 805 16.74 0.66 -0.48
CA ASP A 805 15.36 0.22 -0.68
C ASP A 805 14.55 1.43 -1.12
N HIS A 806 13.24 1.23 -1.21
CA HIS A 806 12.39 2.33 -1.65
C HIS A 806 11.36 2.70 -0.58
N LYS A 807 11.09 1.80 0.36
CA LYS A 807 10.20 2.17 1.46
C LYS A 807 10.95 2.88 2.56
N ASN A 808 12.18 2.44 2.87
CA ASN A 808 12.92 2.94 4.01
C ASN A 808 13.92 4.02 3.60
N SER A 809 13.38 5.06 2.97
CA SER A 809 14.19 6.08 2.35
C SER A 809 14.71 7.07 3.37
N THR A 810 15.18 8.22 2.86
CA THR A 810 15.66 9.28 3.75
C THR A 810 14.50 10.01 4.43
N GLY A 811 13.63 10.63 3.63
CA GLY A 811 12.53 11.40 4.20
C GLY A 811 11.50 10.54 4.92
N ALA A 812 11.17 9.40 4.33
CA ALA A 812 10.39 8.42 5.08
C ALA A 812 10.98 8.22 6.45
N LEU A 813 12.30 8.09 6.54
CA LEU A 813 12.94 7.79 7.80
C LEU A 813 12.91 8.99 8.74
N SER A 814 13.18 10.17 8.22
CA SER A 814 13.15 11.35 9.07
C SER A 814 11.78 11.50 9.72
N THR A 815 10.72 11.37 8.93
CA THR A 815 9.39 11.38 9.49
C THR A 815 9.22 10.24 10.51
N ARG A 816 9.63 9.03 10.14
CA ARG A 816 9.58 7.90 11.07
C ARG A 816 10.14 8.32 12.42
N LEU A 817 11.39 8.78 12.45
CA LEU A 817 12.03 9.18 13.69
C LEU A 817 11.23 10.23 14.44
N ALA A 818 11.05 11.41 13.83
CA ALA A 818 10.48 12.54 14.54
C ALA A 818 9.04 12.27 14.96
N THR A 819 8.17 12.05 13.98
CA THR A 819 6.77 11.87 14.28
C THR A 819 6.54 10.63 15.14
N ASP A 820 7.42 9.64 15.09
CA ASP A 820 7.16 8.44 15.85
C ASP A 820 7.54 8.62 17.31
N ALA A 821 8.65 9.28 17.60
CA ALA A 821 8.92 9.58 19.00
C ALA A 821 7.86 10.52 19.57
N ALA A 822 7.47 11.53 18.79
CA ALA A 822 6.39 12.41 19.22
C ALA A 822 5.17 11.62 19.61
N GLN A 823 4.69 10.71 18.76
CA GLN A 823 3.50 9.95 19.13
C GLN A 823 3.77 8.96 20.24
N VAL A 824 5.02 8.54 20.45
CA VAL A 824 5.24 7.67 21.60
C VAL A 824 5.07 8.46 22.89
N GLN A 825 5.45 9.73 22.89
CA GLN A 825 5.17 10.51 24.08
C GLN A 825 3.69 10.85 24.18
N GLY A 826 3.07 11.25 23.07
CA GLY A 826 1.70 11.74 23.11
C GLY A 826 0.76 10.85 23.90
N ALA A 827 1.12 9.60 24.09
CA ALA A 827 0.27 8.71 24.85
C ALA A 827 0.36 8.95 26.34
N THR A 828 1.48 8.60 26.95
CA THR A 828 1.57 8.72 28.39
C THR A 828 1.76 10.17 28.82
N GLY A 829 2.48 10.96 28.00
CA GLY A 829 2.88 12.29 28.41
C GLY A 829 1.76 13.29 28.43
N THR A 830 0.53 12.78 28.42
CA THR A 830 -0.68 13.60 28.45
C THR A 830 -1.91 12.74 28.75
N ARG A 831 -1.70 11.44 28.85
CA ARG A 831 -2.79 10.50 29.12
C ARG A 831 -3.18 10.44 30.59
N LEU A 832 -2.23 10.07 31.45
CA LEU A 832 -2.47 9.95 32.88
C LEU A 832 -3.14 11.19 33.47
N ALA A 833 -2.56 12.35 33.20
CA ALA A 833 -3.09 13.61 33.69
C ALA A 833 -4.54 13.79 33.30
N LEU A 834 -4.83 13.75 32.01
CA LEU A 834 -6.20 14.07 31.60
C LEU A 834 -7.18 12.95 31.96
N ILE A 835 -6.88 11.71 31.59
CA ILE A 835 -7.76 10.62 31.99
C ILE A 835 -7.89 10.56 33.49
N ALA A 836 -6.94 11.16 34.22
CA ALA A 836 -6.88 10.97 35.67
C ALA A 836 -7.68 12.04 36.39
N GLN A 837 -7.51 13.29 36.00
CA GLN A 837 -8.53 14.27 36.32
C GLN A 837 -9.91 13.67 36.16
N ASN A 838 -10.16 13.06 34.99
CA ASN A 838 -11.49 12.54 34.73
C ASN A 838 -11.88 11.41 35.67
N ILE A 839 -10.98 10.45 35.91
CA ILE A 839 -11.40 9.29 36.68
C ILE A 839 -11.51 9.63 38.16
N ALA A 840 -10.51 10.29 38.75
CA ALA A 840 -10.61 10.61 40.16
C ALA A 840 -11.66 11.67 40.40
N ASN A 841 -12.02 12.43 39.36
CA ASN A 841 -13.12 13.37 39.46
C ASN A 841 -14.45 12.64 39.55
N LEU A 842 -14.77 11.85 38.51
CA LEU A 842 -15.94 10.99 38.57
C LEU A 842 -15.96 10.22 39.87
N GLY A 843 -14.80 9.72 40.30
CA GLY A 843 -14.75 8.87 41.46
C GLY A 843 -14.91 9.63 42.77
N THR A 844 -14.45 10.87 42.81
CA THR A 844 -14.63 11.67 44.02
C THR A 844 -16.08 12.04 44.18
N GLY A 845 -16.73 12.46 43.10
CA GLY A 845 -18.17 12.60 43.14
C GLY A 845 -18.86 11.30 43.53
N ILE A 846 -18.38 10.19 42.98
CA ILE A 846 -18.90 8.87 43.29
C ILE A 846 -18.84 8.62 44.79
N ILE A 847 -17.68 8.86 45.40
CA ILE A 847 -17.50 8.64 46.82
C ILE A 847 -18.46 9.52 47.61
N ILE A 848 -18.39 10.84 47.39
CA ILE A 848 -19.28 11.78 48.04
C ILE A 848 -20.71 11.31 47.98
N SER A 849 -21.16 10.99 46.77
CA SER A 849 -22.56 10.63 46.55
C SER A 849 -22.92 9.37 47.32
N PHE A 850 -22.14 8.31 47.14
CA PHE A 850 -22.36 7.08 47.90
C PHE A 850 -22.45 7.39 49.39
N ILE A 851 -21.67 8.38 49.85
CA ILE A 851 -21.59 8.68 51.27
C ILE A 851 -22.90 9.24 51.78
N TYR A 852 -23.32 10.39 51.25
CA TYR A 852 -24.36 11.15 51.94
C TYR A 852 -25.68 10.38 52.03
N GLY A 853 -26.31 10.12 50.90
CA GLY A 853 -27.43 9.20 50.83
C GLY A 853 -27.22 8.23 49.70
N TRP A 854 -27.01 6.96 50.04
CA TRP A 854 -26.53 6.02 49.04
C TRP A 854 -27.59 5.70 48.01
N GLN A 855 -28.66 6.49 47.97
CA GLN A 855 -29.70 6.27 46.98
C GLN A 855 -29.29 6.80 45.63
N LEU A 856 -28.90 8.07 45.56
CA LEU A 856 -28.94 8.82 44.31
C LEU A 856 -27.79 8.47 43.39
N THR A 857 -26.69 7.98 43.93
CA THR A 857 -25.58 7.59 43.08
C THR A 857 -26.02 6.55 42.09
N LEU A 858 -26.39 5.37 42.62
CA LEU A 858 -26.86 4.26 41.80
C LEU A 858 -27.77 4.75 40.68
N LEU A 859 -28.88 5.40 41.04
CA LEU A 859 -29.82 5.82 40.02
C LEU A 859 -29.16 6.74 39.01
N LEU A 860 -28.41 7.74 39.50
CA LEU A 860 -27.68 8.60 38.56
C LEU A 860 -26.51 7.84 37.94
N LEU A 861 -26.23 6.64 38.43
CA LEU A 861 -25.35 5.73 37.73
C LEU A 861 -26.12 4.71 36.91
N ALA A 862 -27.45 4.83 36.82
CA ALA A 862 -28.15 4.06 35.81
C ALA A 862 -27.77 4.52 34.42
N VAL A 863 -27.08 5.65 34.33
CA VAL A 863 -26.54 6.14 33.08
C VAL A 863 -25.25 5.43 32.68
N VAL A 864 -24.58 4.77 33.63
CA VAL A 864 -23.29 4.15 33.31
C VAL A 864 -23.42 2.98 32.34
N PRO A 865 -24.52 2.21 32.30
CA PRO A 865 -24.62 1.20 31.24
C PRO A 865 -24.90 1.82 29.89
N ILE A 866 -25.79 2.80 29.82
CA ILE A 866 -26.09 3.41 28.54
C ILE A 866 -24.85 4.05 27.95
N ILE A 867 -24.26 5.00 28.67
CA ILE A 867 -23.06 5.65 28.17
C ILE A 867 -21.93 4.64 28.00
N ALA A 868 -21.86 3.66 28.89
CA ALA A 868 -20.79 2.69 28.81
C ALA A 868 -20.83 1.93 27.50
N VAL A 869 -21.88 1.12 27.30
CA VAL A 869 -21.94 0.29 26.11
C VAL A 869 -22.08 1.14 24.86
N SER A 870 -22.61 2.37 25.00
CA SER A 870 -22.73 3.22 23.83
C SER A 870 -21.35 3.69 23.37
N GLY A 871 -20.58 4.29 24.27
CA GLY A 871 -19.21 4.63 23.92
C GLY A 871 -18.43 3.44 23.42
N ILE A 872 -18.72 2.26 23.98
CA ILE A 872 -17.96 1.07 23.60
C ILE A 872 -18.28 0.65 22.18
N VAL A 873 -19.57 0.53 21.84
CA VAL A 873 -19.93 0.16 20.48
C VAL A 873 -19.48 1.23 19.51
N GLU A 874 -19.48 2.49 19.95
CA GLU A 874 -19.02 3.55 19.05
C GLU A 874 -17.53 3.44 18.79
N MET A 875 -16.74 3.17 19.83
CA MET A 875 -15.31 3.02 19.62
C MET A 875 -15.01 1.81 18.75
N LYS A 876 -15.75 0.71 18.94
CA LYS A 876 -15.48 -0.48 18.14
C LYS A 876 -15.88 -0.27 16.69
N LEU A 877 -17.06 0.28 16.44
CA LEU A 877 -17.49 0.48 15.05
C LEU A 877 -16.76 1.67 14.44
N LEU A 878 -16.16 2.54 15.25
CA LEU A 878 -15.37 3.63 14.71
C LEU A 878 -13.97 3.17 14.36
N ALA A 879 -13.40 2.26 15.13
CA ALA A 879 -12.19 1.58 14.71
C ALA A 879 -12.45 0.72 13.48
N GLY A 880 -13.63 0.10 13.41
CA GLY A 880 -14.02 -0.57 12.18
C GLY A 880 -14.08 0.40 11.02
N ASN A 881 -14.56 1.62 11.27
CA ASN A 881 -14.52 2.65 10.26
C ASN A 881 -13.10 2.96 9.84
N ALA A 882 -12.21 3.09 10.82
CA ALA A 882 -10.80 3.29 10.49
C ALA A 882 -10.29 2.16 9.61
N LYS A 883 -10.75 0.93 9.86
CA LYS A 883 -10.24 -0.22 9.11
C LYS A 883 -10.75 -0.22 7.68
N ARG A 884 -12.07 -0.13 7.50
CA ARG A 884 -12.63 -0.03 6.16
C ARG A 884 -12.09 1.20 5.42
N ASP A 885 -11.69 2.22 6.18
CA ASP A 885 -11.10 3.38 5.55
C ASP A 885 -9.68 3.11 5.09
N LYS A 886 -8.86 2.51 5.96
CA LYS A 886 -7.50 2.16 5.55
C LYS A 886 -7.56 1.35 4.27
N LYS A 887 -8.44 0.36 4.23
CA LYS A 887 -8.64 -0.41 3.01
C LYS A 887 -9.02 0.48 1.84
N GLU A 888 -10.01 1.34 2.02
CA GLU A 888 -10.53 2.07 0.86
C GLU A 888 -9.53 3.07 0.33
N LEU A 889 -8.86 3.80 1.22
CA LEU A 889 -7.82 4.73 0.75
C LEU A 889 -6.56 3.97 0.37
N GLU A 890 -6.40 2.73 0.82
CA GLU A 890 -5.25 1.96 0.35
C GLU A 890 -5.46 1.52 -1.09
N ALA A 891 -6.66 1.04 -1.41
CA ALA A 891 -7.06 0.92 -2.79
C ALA A 891 -6.79 2.23 -3.54
N ALA A 892 -7.48 3.30 -3.13
CA ALA A 892 -7.36 4.59 -3.80
C ALA A 892 -5.91 5.01 -3.96
N GLY A 893 -5.08 4.68 -2.99
CA GLY A 893 -3.71 5.13 -3.02
C GLY A 893 -2.85 4.24 -3.88
N LYS A 894 -3.33 3.04 -4.17
CA LYS A 894 -2.68 2.27 -5.22
C LYS A 894 -2.70 3.06 -6.51
N ILE A 895 -3.90 3.49 -6.92
CA ILE A 895 -4.01 4.42 -8.03
C ILE A 895 -3.09 5.61 -7.82
N ALA A 896 -3.22 6.27 -6.68
CA ALA A 896 -2.42 7.45 -6.39
C ALA A 896 -0.95 7.17 -6.67
N THR A 897 -0.39 6.22 -5.95
CA THR A 897 1.02 5.89 -6.05
C THR A 897 1.42 5.56 -7.48
N GLU A 898 0.53 4.92 -8.24
CA GLU A 898 0.90 4.55 -9.60
C GLU A 898 1.46 5.75 -10.34
N ALA A 899 0.65 6.78 -10.52
CA ALA A 899 1.15 7.99 -11.17
C ALA A 899 2.21 8.66 -10.33
N ILE A 900 1.98 8.76 -9.01
CA ILE A 900 2.86 9.51 -8.13
C ILE A 900 4.31 9.02 -8.27
N GLU A 901 4.48 7.77 -8.67
CA GLU A 901 5.81 7.25 -8.93
C GLU A 901 6.17 7.39 -10.40
N ASN A 902 5.27 6.98 -11.31
CA ASN A 902 5.59 6.84 -12.72
C ASN A 902 5.42 8.12 -13.51
N ILE A 903 5.34 9.27 -12.83
CA ILE A 903 5.02 10.56 -13.43
C ILE A 903 5.71 10.75 -14.77
N ARG A 904 6.92 10.23 -14.90
CA ARG A 904 7.65 10.40 -16.14
C ARG A 904 6.82 9.97 -17.34
N THR A 905 6.02 8.92 -17.19
CA THR A 905 5.22 8.49 -18.33
C THR A 905 3.80 9.07 -18.31
N VAL A 906 3.11 8.97 -17.17
CA VAL A 906 1.74 9.47 -17.05
C VAL A 906 1.63 10.91 -17.52
N VAL A 907 2.74 11.62 -17.62
CA VAL A 907 2.67 12.84 -18.38
C VAL A 907 2.79 12.54 -19.87
N SER A 908 3.74 11.69 -20.26
CA SER A 908 4.10 11.63 -21.67
C SER A 908 3.00 10.99 -22.50
N LEU A 909 2.25 10.08 -21.90
CA LEU A 909 1.06 9.55 -22.56
C LEU A 909 -0.07 10.56 -22.50
N THR A 910 0.09 11.60 -21.70
CA THR A 910 -0.95 12.57 -21.42
C THR A 910 -2.24 11.87 -21.03
N GLN A 911 -2.10 10.84 -20.22
CA GLN A 911 -3.23 10.12 -19.67
C GLN A 911 -3.33 10.31 -18.16
N GLU A 912 -3.16 11.53 -17.67
CA GLU A 912 -3.31 11.74 -16.23
C GLU A 912 -4.75 12.01 -15.85
N ARG A 913 -5.55 12.49 -16.80
CA ARG A 913 -6.89 12.93 -16.41
C ARG A 913 -7.83 11.74 -16.21
N LYS A 914 -7.62 10.65 -16.94
CA LYS A 914 -8.40 9.46 -16.63
C LYS A 914 -8.02 8.92 -15.26
N PHE A 915 -6.75 9.08 -14.89
CA PHE A 915 -6.32 8.72 -13.55
C PHE A 915 -7.03 9.58 -12.50
N GLU A 916 -7.14 10.89 -12.78
CA GLU A 916 -7.99 11.75 -11.98
C GLU A 916 -9.37 11.13 -11.78
N SER A 917 -10.01 10.71 -12.86
CA SER A 917 -11.40 10.27 -12.75
C SER A 917 -11.51 8.92 -12.06
N MET A 918 -10.60 8.00 -12.37
CA MET A 918 -10.60 6.69 -11.71
C MET A 918 -10.36 6.83 -10.21
N TYR A 919 -9.42 7.69 -9.83
CA TYR A 919 -9.32 8.08 -8.43
C TYR A 919 -10.68 8.49 -7.90
N VAL A 920 -11.22 9.59 -8.43
CA VAL A 920 -12.44 10.18 -7.89
C VAL A 920 -13.49 9.11 -7.65
N GLU A 921 -13.68 8.21 -8.61
CA GLU A 921 -14.72 7.20 -8.40
C GLU A 921 -14.33 6.25 -7.28
N LYS A 922 -13.04 5.97 -7.12
CA LYS A 922 -12.67 5.13 -5.98
C LYS A 922 -12.87 5.86 -4.66
N LEU A 923 -12.28 7.05 -4.58
CA LEU A 923 -12.41 7.98 -3.46
C LEU A 923 -13.83 8.08 -2.95
N TYR A 924 -14.81 7.89 -3.82
CA TYR A 924 -16.17 7.73 -3.33
C TYR A 924 -16.24 6.69 -2.22
N GLY A 925 -15.23 5.84 -2.08
CA GLY A 925 -15.26 4.84 -1.04
C GLY A 925 -15.27 5.42 0.36
N PRO A 926 -14.16 6.02 0.77
CA PRO A 926 -14.12 6.61 2.11
C PRO A 926 -15.11 7.75 2.28
N TYR A 927 -15.66 8.23 1.17
CA TYR A 927 -16.75 9.18 1.22
C TYR A 927 -17.95 8.58 1.94
N ARG A 928 -18.56 7.55 1.35
CA ARG A 928 -19.68 6.91 2.02
C ARG A 928 -19.27 6.34 3.36
N ASN A 929 -18.00 5.94 3.49
CA ASN A 929 -17.51 5.62 4.83
C ASN A 929 -17.78 6.74 5.81
N SER A 930 -17.22 7.92 5.53
CA SER A 930 -17.49 9.13 6.30
C SER A 930 -18.97 9.31 6.61
N VAL A 931 -19.82 9.04 5.64
CA VAL A 931 -21.25 9.17 5.91
C VAL A 931 -21.63 8.26 7.06
N GLN A 932 -21.23 7.00 6.99
CA GLN A 932 -21.52 6.08 8.08
C GLN A 932 -20.92 6.56 9.38
N LYS A 933 -19.72 7.13 9.31
CA LYS A 933 -19.03 7.59 10.51
C LYS A 933 -19.80 8.72 11.17
N ALA A 934 -20.11 9.76 10.40
CA ALA A 934 -20.91 10.85 10.93
C ALA A 934 -22.14 10.30 11.60
N HIS A 935 -22.84 9.40 10.93
CA HIS A 935 -24.12 8.98 11.51
C HIS A 935 -23.93 8.19 12.78
N ILE A 936 -22.98 7.26 12.81
CA ILE A 936 -22.84 6.46 14.03
C ILE A 936 -22.31 7.30 15.19
N TYR A 937 -21.44 8.28 14.89
CA TYR A 937 -20.85 9.09 15.95
C TYR A 937 -21.89 10.06 16.54
N GLY A 938 -22.61 10.75 15.66
CA GLY A 938 -23.73 11.55 16.13
C GLY A 938 -24.67 10.74 16.99
N ILE A 939 -25.04 9.54 16.53
CA ILE A 939 -25.99 8.76 17.31
C ILE A 939 -25.45 8.48 18.69
N THR A 940 -24.21 8.02 18.79
CA THR A 940 -23.72 7.63 20.11
C THR A 940 -23.64 8.82 21.06
N PHE A 941 -23.13 9.96 20.60
CA PHE A 941 -22.91 11.01 21.59
C PHE A 941 -24.20 11.75 21.94
N SER A 942 -25.17 11.76 21.03
CA SER A 942 -26.51 12.15 21.43
C SER A 942 -27.01 11.25 22.53
N ILE A 943 -26.87 9.94 22.37
CA ILE A 943 -27.27 9.03 23.44
C ILE A 943 -26.66 9.48 24.76
N SER A 944 -25.35 9.68 24.77
CA SER A 944 -24.67 10.00 26.02
C SER A 944 -25.26 11.24 26.68
N GLN A 945 -25.28 12.36 25.96
CA GLN A 945 -25.76 13.60 26.56
C GLN A 945 -27.18 13.45 27.07
N ALA A 946 -28.08 12.96 26.22
CA ALA A 946 -29.48 12.94 26.58
C ALA A 946 -29.71 12.05 27.79
N PHE A 947 -28.95 10.97 27.94
CA PHE A 947 -29.22 10.14 29.09
C PHE A 947 -28.61 10.74 30.35
N MET A 948 -27.53 11.50 30.24
CA MET A 948 -27.07 12.24 31.41
C MET A 948 -28.18 13.15 31.94
N TYR A 949 -28.80 13.93 31.05
CA TYR A 949 -29.86 14.83 31.50
C TYR A 949 -31.06 14.06 32.04
N PHE A 950 -31.57 13.13 31.26
CA PHE A 950 -32.69 12.29 31.70
C PHE A 950 -32.41 11.73 33.08
N SER A 951 -31.15 11.38 33.37
CA SER A 951 -30.83 10.84 34.67
C SER A 951 -30.99 11.89 35.75
N TYR A 952 -30.49 13.11 35.50
CA TYR A 952 -30.74 14.16 36.48
C TYR A 952 -32.21 14.24 36.80
N ALA A 953 -33.04 14.32 35.76
CA ALA A 953 -34.47 14.53 35.97
C ALA A 953 -35.08 13.39 36.78
N GLY A 954 -34.85 12.15 36.36
CA GLY A 954 -35.51 11.03 37.02
C GLY A 954 -35.08 10.89 38.48
N CYS A 955 -33.77 10.92 38.73
CA CYS A 955 -33.31 10.68 40.09
C CYS A 955 -33.63 11.86 41.00
N PHE A 956 -33.42 13.08 40.50
CA PHE A 956 -34.02 14.28 41.05
C PHE A 956 -35.43 14.02 41.56
N ARG A 957 -36.29 13.50 40.68
CA ARG A 957 -37.69 13.28 41.06
C ARG A 957 -37.78 12.31 42.21
N PHE A 958 -37.22 11.12 42.06
CA PHE A 958 -37.38 10.13 43.12
C PHE A 958 -36.86 10.68 44.44
N GLY A 959 -35.78 11.46 44.39
CA GLY A 959 -35.23 12.02 45.61
C GLY A 959 -36.13 13.04 46.25
N ALA A 960 -36.95 13.71 45.44
CA ALA A 960 -37.95 14.58 46.04
C ALA A 960 -38.76 13.83 47.09
N TYR A 961 -39.42 12.75 46.69
CA TYR A 961 -40.21 12.00 47.66
C TYR A 961 -39.33 11.43 48.75
N LEU A 962 -38.07 11.12 48.42
CA LEU A 962 -37.13 10.73 49.47
C LEU A 962 -37.07 11.79 50.57
N ILE A 963 -36.95 13.06 50.18
CA ILE A 963 -37.01 14.12 51.18
C ILE A 963 -38.36 14.08 51.88
N VAL A 964 -39.44 13.86 51.12
CA VAL A 964 -40.76 13.98 51.73
C VAL A 964 -41.00 12.82 52.68
N ASN A 965 -40.05 11.88 52.73
CA ASN A 965 -39.85 11.11 53.94
C ASN A 965 -39.22 11.96 55.03
N GLY A 966 -38.19 12.72 54.67
CA GLY A 966 -37.18 13.16 55.60
C GLY A 966 -35.84 12.48 55.39
N HIS A 967 -35.79 11.53 54.45
CA HIS A 967 -34.64 10.64 54.34
C HIS A 967 -33.34 11.42 54.26
N MET A 968 -33.32 12.46 53.43
CA MET A 968 -32.12 13.26 53.23
C MET A 968 -32.44 14.71 53.55
N ARG A 969 -31.64 15.32 54.40
CA ARG A 969 -31.70 16.77 54.51
C ARG A 969 -31.47 17.35 53.12
N PHE A 970 -32.42 18.18 52.69
CA PHE A 970 -32.39 18.75 51.35
C PHE A 970 -30.99 19.15 50.92
N ARG A 971 -30.34 19.99 51.72
CA ARG A 971 -29.01 20.46 51.36
C ARG A 971 -28.10 19.30 51.00
N ASP A 972 -28.35 18.12 51.58
CA ASP A 972 -27.57 16.94 51.24
C ASP A 972 -27.87 16.47 49.82
N VAL A 973 -29.15 16.45 49.46
CA VAL A 973 -29.48 16.11 48.08
C VAL A 973 -28.84 17.11 47.13
N ILE A 974 -28.85 18.38 47.50
CA ILE A 974 -28.28 19.36 46.60
C ILE A 974 -26.78 19.13 46.47
N LEU A 975 -26.15 18.75 47.58
CA LEU A 975 -24.75 18.34 47.52
C LEU A 975 -24.56 17.15 46.59
N VAL A 976 -25.49 16.21 46.61
CA VAL A 976 -25.33 15.00 45.81
C VAL A 976 -25.48 15.32 44.35
N PHE A 977 -26.63 15.85 43.99
CA PHE A 977 -26.86 16.32 42.62
C PHE A 977 -25.74 17.24 42.17
N SER A 978 -25.23 18.10 43.05
CA SER A 978 -24.24 19.07 42.64
C SER A 978 -22.89 18.40 42.43
N ALA A 979 -22.59 17.40 43.25
CA ALA A 979 -21.42 16.57 43.02
C ALA A 979 -21.46 15.94 41.65
N ILE A 980 -22.62 15.38 41.28
CA ILE A 980 -22.77 14.78 39.96
C ILE A 980 -22.63 15.82 38.85
N VAL A 981 -23.36 16.92 38.99
CA VAL A 981 -23.40 17.92 37.93
C VAL A 981 -22.02 18.51 37.71
N PHE A 982 -21.22 18.61 38.77
CA PHE A 982 -19.83 18.93 38.54
C PHE A 982 -19.09 17.75 37.91
N GLY A 983 -19.28 16.55 38.46
CA GLY A 983 -18.40 15.46 38.14
C GLY A 983 -18.36 15.13 36.67
N ALA A 984 -19.52 14.88 36.08
CA ALA A 984 -19.53 14.29 34.73
C ALA A 984 -18.95 15.26 33.69
N VAL A 985 -18.94 16.55 34.03
CA VAL A 985 -18.42 17.61 33.13
C VAL A 985 -16.93 17.37 32.86
N ALA A 986 -16.45 16.16 33.17
CA ALA A 986 -15.03 15.80 32.95
C ALA A 986 -14.93 14.70 31.88
N LEU A 987 -16.08 14.31 31.33
CA LEU A 987 -16.12 13.25 30.27
C LEU A 987 -16.27 13.91 28.90
N GLY A 988 -16.15 15.25 28.85
CA GLY A 988 -16.27 15.99 27.58
C GLY A 988 -15.41 15.39 26.49
N HIS A 989 -14.13 15.14 26.81
CA HIS A 989 -13.19 14.53 25.83
C HIS A 989 -12.36 13.44 26.51
N ALA A 990 -13.00 12.69 27.42
CA ALA A 990 -12.31 11.60 28.17
C ALA A 990 -11.92 10.48 27.20
N SER A 991 -12.75 10.22 26.18
CA SER A 991 -12.46 9.16 25.18
C SER A 991 -12.05 9.80 23.85
N SER A 992 -11.79 11.12 23.87
CA SER A 992 -11.39 11.86 22.64
C SER A 992 -9.89 11.70 22.40
N PHE A 993 -9.15 11.21 23.41
CA PHE A 993 -7.68 11.01 23.30
C PHE A 993 -7.40 9.53 23.01
N ALA A 994 -8.42 8.79 22.56
CA ALA A 994 -8.27 7.36 22.24
C ALA A 994 -7.63 7.20 20.85
N PRO A 995 -8.06 7.99 19.84
CA PRO A 995 -7.48 7.89 18.50
C PRO A 995 -5.96 8.05 18.54
N ASP A 996 -5.46 8.91 19.42
CA ASP A 996 -4.02 9.14 19.55
C ASP A 996 -3.34 7.97 20.25
N TYR A 997 -4.09 7.19 21.03
CA TYR A 997 -3.45 6.06 21.68
C TYR A 997 -3.18 4.94 20.70
N ALA A 998 -4.13 4.63 19.83
CA ALA A 998 -3.84 3.63 18.81
C ALA A 998 -2.82 4.16 17.82
N LYS A 999 -2.81 5.48 17.60
CA LYS A 999 -1.72 6.11 16.88
C LYS A 999 -0.39 5.76 17.49
N ALA A 1000 -0.23 6.03 18.78
CA ALA A 1000 1.02 5.73 19.47
C ALA A 1000 1.32 4.25 19.44
N LYS A 1001 0.33 3.41 19.65
CA LYS A 1001 0.58 1.97 19.71
C LYS A 1001 1.15 1.48 18.39
N LEU A 1002 0.56 1.90 17.28
CA LEU A 1002 1.14 1.59 15.99
C LEU A 1002 2.57 2.10 15.88
N SER A 1003 2.78 3.38 16.21
CA SER A 1003 4.11 3.94 16.06
C SER A 1003 5.11 3.16 16.92
N ALA A 1004 4.63 2.63 18.04
CA ALA A 1004 5.50 1.89 18.93
C ALA A 1004 5.93 0.59 18.30
N ALA A 1005 4.98 -0.18 17.81
CA ALA A 1005 5.37 -1.41 17.12
C ALA A 1005 6.33 -1.11 15.98
N HIS A 1006 6.18 0.06 15.35
CA HIS A 1006 7.10 0.38 14.29
C HIS A 1006 8.52 0.55 14.82
N LEU A 1007 8.72 1.49 15.74
CA LEU A 1007 10.08 1.71 16.22
C LEU A 1007 10.66 0.47 16.89
N PHE A 1008 9.80 -0.46 17.31
CA PHE A 1008 10.37 -1.68 17.87
C PHE A 1008 10.82 -2.64 16.77
N MET A 1009 10.15 -2.63 15.62
CA MET A 1009 10.78 -3.31 14.49
C MET A 1009 12.16 -2.71 14.23
N LEU A 1010 12.28 -1.39 14.43
CA LEU A 1010 13.55 -0.70 14.25
C LEU A 1010 14.58 -0.99 15.31
N PHE A 1011 14.15 -1.47 16.48
CA PHE A 1011 15.12 -1.73 17.54
C PHE A 1011 15.76 -3.11 17.43
N GLU A 1012 14.95 -4.16 17.60
CA GLU A 1012 15.55 -5.44 17.92
C GLU A 1012 16.14 -6.13 16.72
N ARG A 1013 15.94 -5.59 15.52
CA ARG A 1013 16.34 -6.28 14.31
C ARG A 1013 17.83 -6.51 14.32
N GLN A 1014 18.21 -7.76 14.50
CA GLN A 1014 19.60 -8.13 14.68
C GLN A 1014 20.19 -8.32 13.30
N PRO A 1015 20.86 -7.31 12.74
CA PRO A 1015 21.25 -7.38 11.34
C PRO A 1015 22.19 -8.55 11.10
N LEU A 1016 22.16 -9.06 9.88
CA LEU A 1016 22.98 -10.21 9.53
C LEU A 1016 24.44 -9.94 9.82
N ILE A 1017 25.00 -8.96 9.10
CA ILE A 1017 26.42 -8.53 9.27
C ILE A 1017 26.43 -7.36 10.26
N ASP A 1018 26.73 -7.62 11.53
CA ASP A 1018 26.76 -6.58 12.58
C ASP A 1018 27.97 -5.67 12.36
N SER A 1019 27.80 -4.36 12.56
CA SER A 1019 28.90 -3.38 12.38
C SER A 1019 29.78 -3.35 13.64
N TYR A 1020 29.26 -3.87 14.75
CA TYR A 1020 30.02 -3.93 16.03
C TYR A 1020 30.46 -5.37 16.30
N SER A 1021 31.19 -5.96 15.36
CA SER A 1021 31.67 -7.36 15.48
C SER A 1021 32.36 -7.56 16.84
N GLU A 1022 31.68 -8.21 17.78
CA GLU A 1022 32.24 -8.47 19.14
C GLU A 1022 33.16 -9.70 19.07
N GLU A 1023 32.63 -10.82 18.57
CA GLU A 1023 33.41 -12.08 18.44
C GLU A 1023 34.01 -12.16 17.03
N GLY A 1024 34.86 -13.17 16.79
CA GLY A 1024 35.49 -13.37 15.48
C GLY A 1024 36.97 -13.01 15.51
N LEU A 1025 37.52 -12.61 14.35
CA LEU A 1025 38.92 -12.23 14.26
C LEU A 1025 39.04 -10.72 14.14
N LYS A 1026 39.89 -10.16 14.98
CA LYS A 1026 40.18 -8.75 14.95
C LYS A 1026 41.60 -8.60 14.44
N PRO A 1027 41.83 -8.79 13.14
CA PRO A 1027 43.19 -8.94 12.64
C PRO A 1027 44.03 -7.70 12.89
N ASP A 1028 45.05 -7.85 13.74
CA ASP A 1028 45.85 -6.70 14.12
C ASP A 1028 46.79 -6.26 13.01
N LYS A 1029 47.00 -7.09 12.00
CA LYS A 1029 47.80 -6.72 10.85
C LYS A 1029 47.02 -6.88 9.55
N PHE A 1030 47.49 -6.18 8.52
CA PHE A 1030 46.83 -6.11 7.22
C PHE A 1030 47.74 -6.71 6.17
N GLU A 1031 47.16 -7.55 5.32
CA GLU A 1031 47.82 -8.04 4.11
C GLU A 1031 46.84 -7.83 2.97
N GLY A 1032 47.22 -6.99 2.01
CA GLY A 1032 46.25 -6.48 1.06
C GLY A 1032 45.76 -7.47 0.04
N ASN A 1033 45.92 -8.76 0.30
CA ASN A 1033 45.57 -9.79 -0.66
C ASN A 1033 44.09 -10.10 -0.54
N ILE A 1034 43.31 -9.51 -1.43
CA ILE A 1034 41.90 -9.85 -1.65
C ILE A 1034 41.85 -10.78 -2.86
N THR A 1035 40.95 -11.75 -2.82
CA THR A 1035 40.89 -12.73 -3.90
C THR A 1035 39.44 -13.07 -4.21
N PHE A 1036 39.10 -13.07 -5.50
CA PHE A 1036 37.80 -13.53 -5.97
C PHE A 1036 37.98 -14.73 -6.89
N ASN A 1037 37.06 -15.68 -6.81
CA ASN A 1037 37.05 -16.84 -7.71
C ASN A 1037 35.61 -17.30 -7.89
N GLU A 1038 34.99 -16.89 -9.00
CA GLU A 1038 33.62 -17.28 -9.34
C GLU A 1038 32.59 -16.75 -8.34
N VAL A 1039 32.60 -15.43 -8.14
CA VAL A 1039 31.68 -14.79 -7.22
C VAL A 1039 30.46 -14.28 -8.00
N VAL A 1040 29.30 -14.85 -7.72
CA VAL A 1040 28.05 -14.43 -8.33
C VAL A 1040 27.27 -13.61 -7.32
N PHE A 1041 26.48 -12.67 -7.80
CA PHE A 1041 25.79 -11.73 -6.91
C PHE A 1041 24.63 -11.08 -7.64
N ASN A 1042 23.53 -10.85 -6.91
CA ASN A 1042 22.39 -10.08 -7.40
C ASN A 1042 21.92 -9.13 -6.31
N TYR A 1043 21.60 -7.89 -6.70
CA TYR A 1043 21.07 -6.92 -5.75
C TYR A 1043 19.71 -7.39 -5.23
N PRO A 1044 19.27 -6.82 -4.10
CA PRO A 1044 17.98 -7.26 -3.55
C PRO A 1044 16.75 -6.64 -4.20
N THR A 1045 16.85 -5.36 -4.63
CA THR A 1045 15.65 -4.57 -4.91
C THR A 1045 14.71 -5.29 -5.89
N ARG A 1046 15.14 -5.46 -7.13
CA ARG A 1046 14.37 -6.15 -8.16
C ARG A 1046 15.24 -7.30 -8.66
N ALA A 1047 15.03 -8.48 -8.11
CA ALA A 1047 15.95 -9.61 -8.20
C ALA A 1047 15.83 -10.38 -9.50
N ASN A 1048 15.25 -9.81 -10.56
CA ASN A 1048 15.23 -10.50 -11.84
C ASN A 1048 16.64 -10.59 -12.44
N VAL A 1049 17.23 -9.43 -12.73
CA VAL A 1049 18.52 -9.37 -13.44
C VAL A 1049 19.65 -9.57 -12.44
N PRO A 1050 20.78 -10.14 -12.85
CA PRO A 1050 21.90 -10.35 -11.95
C PRO A 1050 22.87 -9.18 -11.97
N VAL A 1051 23.92 -9.32 -11.17
CA VAL A 1051 25.01 -8.35 -11.14
C VAL A 1051 26.21 -8.90 -11.91
N LEU A 1052 26.66 -10.09 -11.53
CA LEU A 1052 27.85 -10.70 -12.11
C LEU A 1052 27.51 -12.02 -12.79
N GLN A 1053 28.33 -12.39 -13.77
CA GLN A 1053 28.30 -13.71 -14.41
C GLN A 1053 29.43 -14.58 -13.90
N GLY A 1054 29.76 -14.46 -12.63
CA GLY A 1054 30.93 -15.12 -12.09
C GLY A 1054 32.12 -14.20 -12.18
N LEU A 1055 32.67 -13.81 -11.04
CA LEU A 1055 33.79 -12.88 -10.99
C LEU A 1055 34.97 -13.54 -10.30
N SER A 1056 36.17 -13.19 -10.75
CA SER A 1056 37.39 -13.78 -10.20
C SER A 1056 38.53 -12.80 -10.43
N LEU A 1057 38.93 -12.08 -9.38
CA LEU A 1057 40.04 -11.14 -9.50
C LEU A 1057 40.69 -10.98 -8.13
N GLU A 1058 41.77 -10.20 -8.10
CA GLU A 1058 42.67 -10.14 -6.97
C GLU A 1058 43.69 -9.05 -7.20
N VAL A 1059 44.18 -8.46 -6.12
CA VAL A 1059 45.32 -7.56 -6.18
C VAL A 1059 46.38 -8.04 -5.21
N LYS A 1060 47.63 -7.76 -5.54
CA LYS A 1060 48.73 -7.94 -4.61
C LYS A 1060 49.00 -6.61 -3.92
N LYS A 1061 50.13 -6.52 -3.21
CA LYS A 1061 50.52 -5.32 -2.50
C LYS A 1061 51.16 -4.31 -3.45
N GLY A 1062 50.46 -3.21 -3.70
CA GLY A 1062 51.02 -2.08 -4.42
C GLY A 1062 50.65 -1.93 -5.88
N GLN A 1063 49.88 -2.86 -6.43
CA GLN A 1063 49.60 -2.88 -7.86
C GLN A 1063 48.51 -1.86 -8.20
N THR A 1064 47.92 -1.97 -9.39
CA THR A 1064 46.82 -1.10 -9.77
C THR A 1064 45.93 -1.87 -10.77
N LEU A 1065 44.93 -2.56 -10.22
CA LEU A 1065 43.95 -3.27 -11.04
C LEU A 1065 42.95 -2.24 -11.58
N ALA A 1066 43.27 -1.65 -12.73
CA ALA A 1066 42.40 -0.64 -13.32
C ALA A 1066 41.28 -1.30 -14.11
N LEU A 1067 40.22 -0.54 -14.37
CA LEU A 1067 39.05 -1.07 -15.06
C LEU A 1067 38.46 -0.01 -15.99
N VAL A 1068 38.04 -0.45 -17.17
CA VAL A 1068 37.46 0.39 -18.21
C VAL A 1068 36.46 -0.44 -18.99
N GLY A 1069 35.37 0.19 -19.42
CA GLY A 1069 34.36 -0.48 -20.22
C GLY A 1069 33.34 0.47 -20.78
N SER A 1070 32.07 0.05 -20.83
CA SER A 1070 30.98 0.92 -21.26
C SER A 1070 30.45 1.70 -20.07
N SER A 1071 29.29 2.34 -20.23
CA SER A 1071 28.70 3.17 -19.18
C SER A 1071 27.74 2.35 -18.35
N GLY A 1072 28.12 2.06 -17.11
CA GLY A 1072 27.23 1.38 -16.19
C GLY A 1072 26.94 -0.06 -16.57
N CYS A 1073 27.96 -0.92 -16.48
CA CYS A 1073 27.80 -2.35 -16.75
C CYS A 1073 28.33 -3.20 -15.60
N GLY A 1074 28.05 -2.81 -14.36
CA GLY A 1074 28.61 -3.48 -13.20
C GLY A 1074 29.83 -2.75 -12.72
N LYS A 1075 29.90 -1.45 -13.01
CA LYS A 1075 31.07 -0.65 -12.71
C LYS A 1075 31.00 0.06 -11.37
N SER A 1076 29.88 -0.05 -10.65
CA SER A 1076 29.78 0.46 -9.29
C SER A 1076 30.00 -0.63 -8.25
N THR A 1077 29.41 -1.80 -8.45
CA THR A 1077 29.37 -2.85 -7.45
C THR A 1077 30.73 -3.45 -7.13
N VAL A 1078 31.82 -2.93 -7.69
CA VAL A 1078 33.13 -3.48 -7.37
C VAL A 1078 33.42 -3.33 -5.88
N VAL A 1079 33.31 -2.12 -5.35
CA VAL A 1079 33.74 -1.88 -3.99
C VAL A 1079 32.80 -2.54 -2.99
N GLN A 1080 31.50 -2.37 -3.18
CA GLN A 1080 30.48 -2.75 -2.21
C GLN A 1080 30.52 -4.22 -1.81
N LEU A 1081 31.31 -5.05 -2.48
CA LEU A 1081 31.51 -6.42 -2.04
C LEU A 1081 32.71 -6.57 -1.13
N LEU A 1082 33.59 -5.58 -1.08
CA LEU A 1082 34.81 -5.72 -0.28
C LEU A 1082 34.62 -5.16 1.12
N GLU A 1083 33.90 -4.04 1.25
CA GLU A 1083 33.65 -3.40 2.54
C GLU A 1083 32.63 -4.13 3.35
N ARG A 1084 32.19 -5.30 2.90
CA ARG A 1084 31.19 -6.08 3.61
C ARG A 1084 29.92 -5.26 3.85
N PHE A 1085 29.38 -4.73 2.75
CA PHE A 1085 27.96 -4.39 2.75
C PHE A 1085 27.14 -5.67 2.65
N TYR A 1086 27.32 -6.40 1.54
CA TYR A 1086 26.52 -7.55 1.16
C TYR A 1086 27.39 -8.80 1.20
N ASP A 1087 26.74 -9.96 1.42
CA ASP A 1087 27.42 -11.26 1.29
C ASP A 1087 27.25 -11.81 -0.13
N PRO A 1088 28.28 -11.72 -0.97
CA PRO A 1088 28.13 -12.15 -2.36
C PRO A 1088 27.70 -13.61 -2.46
N LEU A 1089 26.66 -13.83 -3.28
CA LEU A 1089 25.85 -15.05 -3.22
C LEU A 1089 26.71 -16.30 -3.14
N ALA A 1090 27.48 -16.59 -4.19
CA ALA A 1090 28.24 -17.84 -4.29
C ALA A 1090 29.58 -17.55 -4.93
N GLY A 1091 30.66 -17.69 -4.18
CA GLY A 1091 31.97 -17.42 -4.70
C GLY A 1091 33.00 -17.37 -3.59
N THR A 1092 34.18 -16.86 -3.92
CA THR A 1092 35.26 -16.71 -2.96
C THR A 1092 35.59 -15.22 -2.86
N VAL A 1093 35.47 -14.66 -1.65
CA VAL A 1093 36.00 -13.35 -1.34
C VAL A 1093 36.60 -13.41 0.06
N LEU A 1094 37.86 -13.03 0.17
CA LEU A 1094 38.57 -13.16 1.43
C LEU A 1094 39.65 -12.10 1.52
N LEU A 1095 40.22 -11.97 2.71
CA LEU A 1095 41.28 -11.02 2.99
C LEU A 1095 42.49 -11.80 3.50
N ASP A 1096 43.39 -12.14 2.57
CA ASP A 1096 44.66 -12.79 2.92
C ASP A 1096 44.44 -14.11 3.66
N GLY A 1097 43.87 -15.07 2.96
CA GLY A 1097 43.77 -16.40 3.51
C GLY A 1097 42.70 -16.54 4.58
N GLN A 1098 42.89 -15.88 5.72
CA GLN A 1098 41.84 -15.83 6.72
C GLN A 1098 40.66 -15.07 6.15
N GLU A 1099 39.59 -15.80 5.83
CA GLU A 1099 38.54 -15.27 4.98
C GLU A 1099 37.76 -14.16 5.68
N ALA A 1100 37.15 -13.29 4.87
CA ALA A 1100 36.50 -12.09 5.40
C ALA A 1100 35.50 -12.41 6.50
N LYS A 1101 34.72 -13.48 6.33
CA LYS A 1101 33.70 -13.82 7.33
C LYS A 1101 34.29 -14.05 8.72
N LYS A 1102 35.61 -14.14 8.84
CA LYS A 1102 36.27 -14.15 10.14
C LYS A 1102 36.50 -12.75 10.69
N LEU A 1103 36.46 -11.74 9.83
CA LEU A 1103 36.92 -10.39 10.19
C LEU A 1103 36.12 -9.81 11.34
N ASN A 1104 36.68 -8.75 11.91
CA ASN A 1104 35.95 -7.83 12.78
C ASN A 1104 35.69 -6.57 11.95
N VAL A 1105 34.53 -6.54 11.29
CA VAL A 1105 34.25 -5.55 10.25
C VAL A 1105 34.59 -4.15 10.71
N GLN A 1106 34.46 -3.90 12.02
CA GLN A 1106 34.85 -2.59 12.59
C GLN A 1106 36.29 -2.31 12.13
N TRP A 1107 37.23 -3.18 12.47
CA TRP A 1107 38.61 -2.99 12.07
C TRP A 1107 38.72 -2.94 10.55
N LEU A 1108 38.15 -3.95 9.89
CA LEU A 1108 38.19 -4.03 8.43
C LEU A 1108 37.71 -2.74 7.77
N ARG A 1109 36.56 -2.23 8.24
CA ARG A 1109 35.99 -1.00 7.68
C ARG A 1109 36.86 0.21 7.97
N ALA A 1110 37.52 0.21 9.12
CA ALA A 1110 38.39 1.32 9.51
C ALA A 1110 39.80 1.15 8.99
N GLN A 1111 40.03 0.08 8.22
CA GLN A 1111 41.35 -0.18 7.65
C GLN A 1111 41.42 0.05 6.16
N LEU A 1112 40.30 -0.04 5.45
CA LEU A 1112 40.25 0.12 4.02
C LEU A 1112 40.22 1.60 3.67
N GLY A 1113 39.83 1.91 2.44
CA GLY A 1113 39.55 3.27 2.05
C GLY A 1113 38.68 3.29 0.81
N ILE A 1114 37.68 4.16 0.78
CA ILE A 1114 36.81 4.32 -0.37
C ILE A 1114 36.69 5.79 -0.70
N VAL A 1115 36.60 6.08 -1.99
CA VAL A 1115 36.12 7.35 -2.49
C VAL A 1115 34.67 7.13 -2.90
N SER A 1116 33.75 7.84 -2.24
CA SER A 1116 32.34 7.71 -2.53
C SER A 1116 32.07 8.13 -3.97
N GLN A 1117 30.94 7.66 -4.53
CA GLN A 1117 30.64 8.02 -5.90
C GLN A 1117 30.27 9.50 -6.01
N GLU A 1118 29.74 10.07 -4.93
CA GLU A 1118 29.59 11.53 -4.82
C GLU A 1118 29.67 11.87 -3.34
N PRO A 1119 30.88 11.95 -2.79
CA PRO A 1119 31.04 12.10 -1.34
C PRO A 1119 30.55 13.45 -0.88
N ILE A 1120 29.64 13.42 0.07
CA ILE A 1120 29.05 14.60 0.61
C ILE A 1120 30.01 15.17 1.66
N LEU A 1121 29.74 16.40 2.09
CA LEU A 1121 30.19 16.93 3.36
C LEU A 1121 28.98 17.07 4.28
N PHE A 1122 29.24 17.36 5.55
CA PHE A 1122 28.17 17.34 6.52
C PHE A 1122 27.78 18.75 6.91
N ASP A 1123 26.92 18.83 7.92
CA ASP A 1123 26.59 20.09 8.58
C ASP A 1123 27.70 20.47 9.56
N CYS A 1124 28.92 20.54 9.03
CA CYS A 1124 30.09 20.62 9.89
C CYS A 1124 31.08 21.64 9.33
N SER A 1125 32.20 21.80 10.05
CA SER A 1125 33.26 22.71 9.66
C SER A 1125 34.17 22.04 8.63
N ILE A 1126 35.21 22.78 8.21
CA ILE A 1126 36.19 22.22 7.28
C ILE A 1126 37.05 21.16 7.99
N ALA A 1127 37.32 21.34 9.29
CA ALA A 1127 38.36 20.58 9.98
C ALA A 1127 37.90 19.23 10.52
N GLU A 1128 36.63 19.11 10.92
CA GLU A 1128 36.16 17.81 11.38
C GLU A 1128 35.81 16.88 10.21
N ASN A 1129 35.16 17.42 9.18
CA ASN A 1129 34.88 16.62 7.99
C ASN A 1129 36.06 15.75 7.65
N ILE A 1130 37.21 16.37 7.43
CA ILE A 1130 38.42 15.60 7.18
C ILE A 1130 38.73 14.72 8.38
N ALA A 1131 38.73 15.31 9.58
CA ALA A 1131 39.08 14.56 10.79
C ALA A 1131 38.17 13.37 11.01
N TYR A 1132 36.96 13.42 10.45
CA TYR A 1132 35.99 12.35 10.53
C TYR A 1132 36.69 11.01 10.30
N GLY A 1133 37.58 10.97 9.33
CA GLY A 1133 38.13 9.73 8.84
C GLY A 1133 38.77 8.81 9.85
N ASP A 1134 38.81 9.20 11.12
CA ASP A 1134 39.37 8.31 12.13
C ASP A 1134 38.73 8.66 13.46
N ASN A 1135 37.69 7.92 13.81
CA ASN A 1135 37.12 8.03 15.14
C ASN A 1135 37.85 7.03 16.04
N SER A 1136 37.25 6.72 17.20
CA SER A 1136 37.85 5.92 18.27
C SER A 1136 39.01 6.65 18.91
N ARG A 1137 39.36 7.84 18.41
CA ARG A 1137 40.43 8.67 18.92
C ARG A 1137 40.34 10.02 18.24
N VAL A 1138 40.42 11.11 18.99
CA VAL A 1138 40.43 12.40 18.31
C VAL A 1138 41.79 12.56 17.64
N VAL A 1139 41.81 12.43 16.32
CA VAL A 1139 42.99 12.76 15.56
C VAL A 1139 43.16 14.28 15.56
N SER A 1140 44.38 14.74 15.76
CA SER A 1140 44.61 16.12 16.21
C SER A 1140 44.43 17.12 15.07
N GLN A 1141 44.53 18.40 15.45
CA GLN A 1141 44.39 19.51 14.51
C GLN A 1141 45.46 19.47 13.43
N ASP A 1142 46.73 19.44 13.83
CA ASP A 1142 47.83 19.67 12.90
C ASP A 1142 47.87 18.63 11.78
N GLU A 1143 47.83 17.35 12.14
CA GLU A 1143 48.03 16.27 11.18
C GLU A 1143 47.10 16.34 9.98
N ILE A 1144 46.10 17.22 10.01
CA ILE A 1144 45.30 17.47 8.83
C ILE A 1144 46.09 18.26 7.80
N VAL A 1145 46.79 19.32 8.25
CA VAL A 1145 47.37 20.29 7.32
C VAL A 1145 48.36 19.59 6.39
N SER A 1146 49.06 18.58 6.89
CA SER A 1146 49.88 17.75 6.02
C SER A 1146 49.01 16.98 5.04
N ALA A 1147 48.05 16.20 5.57
CA ALA A 1147 47.12 15.45 4.73
C ALA A 1147 46.19 16.36 3.96
N ALA A 1148 45.96 17.59 4.41
CA ALA A 1148 45.16 18.53 3.65
C ALA A 1148 46.00 19.29 2.63
N LYS A 1149 47.32 19.36 2.85
CA LYS A 1149 48.22 19.80 1.79
C LYS A 1149 48.65 18.65 0.91
N ALA A 1150 48.79 17.45 1.48
CA ALA A 1150 48.99 16.26 0.67
C ALA A 1150 47.80 15.96 -0.23
N ALA A 1151 46.61 16.43 0.14
CA ALA A 1151 45.46 16.41 -0.75
C ALA A 1151 45.36 17.67 -1.58
N ASN A 1152 46.32 18.58 -1.44
CA ASN A 1152 46.31 19.87 -2.13
C ASN A 1152 44.96 20.56 -1.95
N ILE A 1153 44.48 20.59 -0.72
CA ILE A 1153 43.22 21.24 -0.41
C ILE A 1153 43.43 22.26 0.70
N HIS A 1154 44.48 22.07 1.52
CA HIS A 1154 44.81 23.09 2.51
C HIS A 1154 45.38 24.35 1.86
N PRO A 1155 46.30 24.26 0.88
CA PRO A 1155 46.79 25.48 0.23
C PRO A 1155 45.68 26.37 -0.29
N PHE A 1156 44.46 25.83 -0.35
CA PHE A 1156 43.27 26.60 -0.72
C PHE A 1156 42.62 27.28 0.47
N ILE A 1157 42.64 26.64 1.64
CA ILE A 1157 42.00 27.20 2.84
C ILE A 1157 42.61 28.56 3.14
N GLU A 1158 43.70 28.88 2.42
CA GLU A 1158 44.24 30.23 2.38
C GLU A 1158 43.16 31.29 2.34
N THR A 1159 42.19 31.17 1.43
CA THR A 1159 41.28 32.27 1.16
C THR A 1159 40.04 32.27 2.05
N LEU A 1160 39.70 31.13 2.64
CA LEU A 1160 38.40 30.98 3.28
C LEU A 1160 38.33 31.81 4.56
N PRO A 1161 37.17 32.43 4.87
CA PRO A 1161 37.14 33.54 5.83
C PRO A 1161 37.63 33.11 7.20
N HIS A 1162 36.94 32.16 7.80
CA HIS A 1162 37.52 31.41 8.90
C HIS A 1162 38.47 30.38 8.29
N LYS A 1163 39.56 30.07 8.98
CA LYS A 1163 40.36 28.94 8.54
C LYS A 1163 39.55 27.66 8.58
N TYR A 1164 39.16 27.23 9.77
CA TYR A 1164 38.52 25.95 9.97
C TYR A 1164 37.26 26.10 10.81
N GLU A 1165 36.40 27.06 10.47
CA GLU A 1165 35.07 27.12 11.05
C GLU A 1165 34.01 27.44 10.00
N THR A 1166 34.10 26.82 8.82
CA THR A 1166 33.08 27.01 7.81
C THR A 1166 32.08 25.86 7.87
N ARG A 1167 30.87 26.17 8.32
CA ARG A 1167 29.81 25.17 8.40
C ARG A 1167 29.24 25.03 7.00
N VAL A 1168 29.84 24.15 6.22
CA VAL A 1168 29.44 23.94 4.83
C VAL A 1168 28.05 23.32 4.81
N GLY A 1169 27.06 24.12 4.42
CA GLY A 1169 25.66 23.81 4.67
C GLY A 1169 25.21 22.50 4.02
N ASP A 1170 23.91 22.23 4.21
CA ASP A 1170 23.32 20.91 3.96
C ASP A 1170 23.68 20.38 2.58
N LYS A 1171 24.50 19.33 2.54
CA LYS A 1171 25.14 18.83 1.32
C LYS A 1171 25.88 19.95 0.58
N GLY A 1172 26.90 20.52 1.23
CA GLY A 1172 27.87 21.35 0.54
C GLY A 1172 27.31 22.61 -0.10
N THR A 1173 26.82 23.55 0.70
CA THR A 1173 26.24 24.77 0.18
C THR A 1173 27.27 25.84 -0.18
N GLN A 1174 28.29 26.02 0.64
CA GLN A 1174 29.29 27.05 0.41
C GLN A 1174 30.53 26.52 -0.32
N LEU A 1175 30.57 25.23 -0.64
CA LEU A 1175 31.61 24.67 -1.50
C LEU A 1175 30.95 24.02 -2.71
N SER A 1176 31.58 24.19 -3.86
CA SER A 1176 31.10 23.56 -5.09
C SER A 1176 31.40 22.06 -5.02
N GLY A 1177 30.95 21.33 -6.02
CA GLY A 1177 31.18 19.90 -6.08
C GLY A 1177 32.63 19.54 -6.31
N GLY A 1178 33.27 20.22 -7.27
CA GLY A 1178 34.68 19.99 -7.52
C GLY A 1178 35.52 20.18 -6.26
N GLN A 1179 35.20 21.20 -5.48
CA GLN A 1179 35.83 21.34 -4.17
C GLN A 1179 35.35 20.25 -3.23
N LYS A 1180 34.05 19.94 -3.26
CA LYS A 1180 33.49 18.83 -2.51
C LYS A 1180 33.92 17.46 -3.06
N GLN A 1181 34.61 17.44 -4.19
CA GLN A 1181 35.41 16.30 -4.61
C GLN A 1181 36.88 16.48 -4.25
N ARG A 1182 37.43 17.66 -4.54
CA ARG A 1182 38.83 17.94 -4.25
C ARG A 1182 39.18 17.72 -2.79
N ILE A 1183 38.19 17.55 -1.93
CA ILE A 1183 38.40 17.13 -0.54
C ILE A 1183 38.39 15.62 -0.41
N ALA A 1184 37.55 14.96 -1.21
CA ALA A 1184 37.17 13.57 -0.99
C ALA A 1184 38.33 12.69 -0.56
N ILE A 1185 39.50 12.90 -1.16
CA ILE A 1185 40.67 12.08 -0.85
C ILE A 1185 41.13 12.31 0.58
N ALA A 1186 41.08 13.57 1.04
CA ALA A 1186 41.59 13.89 2.36
C ALA A 1186 40.77 13.26 3.47
N ARG A 1187 39.54 12.82 3.18
CA ARG A 1187 38.65 12.32 4.21
C ARG A 1187 39.10 11.02 4.84
N ALA A 1188 40.12 10.37 4.29
CA ALA A 1188 40.54 9.07 4.78
C ALA A 1188 42.03 8.98 5.06
N LEU A 1189 42.86 9.68 4.30
CA LEU A 1189 44.30 9.49 4.23
C LEU A 1189 44.98 9.31 5.59
N ILE A 1190 44.48 10.00 6.61
CA ILE A 1190 45.04 9.86 7.95
C ILE A 1190 44.63 8.55 8.59
N ARG A 1191 43.51 7.95 8.17
CA ARG A 1191 43.18 6.60 8.59
C ARG A 1191 44.17 5.59 8.03
N GLN A 1192 45.09 6.03 7.15
CA GLN A 1192 46.03 5.17 6.45
C GLN A 1192 45.31 4.05 5.71
N PRO A 1193 44.68 4.38 4.59
CA PRO A 1193 44.03 3.35 3.78
C PRO A 1193 45.06 2.59 2.95
N GLN A 1194 45.41 1.40 3.40
CA GLN A 1194 46.44 0.64 2.69
C GLN A 1194 45.89 -0.01 1.43
N ILE A 1195 44.57 -0.10 1.30
CA ILE A 1195 43.93 -0.65 0.10
C ILE A 1195 42.97 0.40 -0.44
N LEU A 1196 43.47 1.23 -1.38
CA LEU A 1196 42.65 2.26 -1.99
C LEU A 1196 41.66 1.64 -2.96
N LEU A 1197 40.37 1.81 -2.70
CA LEU A 1197 39.32 1.40 -3.62
C LEU A 1197 38.66 2.64 -4.20
N LEU A 1198 39.27 3.20 -5.24
CA LEU A 1198 38.81 4.45 -5.81
C LEU A 1198 37.86 4.14 -6.96
N ASP A 1199 36.57 4.37 -6.75
CA ASP A 1199 35.57 4.27 -7.82
C ASP A 1199 35.20 5.68 -8.26
N GLU A 1200 35.61 6.06 -9.47
CA GLU A 1200 35.56 7.44 -9.94
C GLU A 1200 36.40 8.34 -9.03
N ALA A 1201 37.71 8.13 -9.09
CA ALA A 1201 38.63 8.83 -8.19
C ALA A 1201 38.49 10.34 -8.28
N THR A 1202 38.72 10.91 -9.46
CA THR A 1202 38.72 12.35 -9.65
C THR A 1202 37.90 12.67 -10.90
N SER A 1203 36.76 13.33 -10.71
CA SER A 1203 35.85 13.62 -11.81
C SER A 1203 35.67 15.10 -12.08
N ALA A 1204 35.56 15.93 -11.05
CA ALA A 1204 35.09 17.30 -11.18
C ALA A 1204 36.21 18.35 -11.07
N LEU A 1205 37.39 18.09 -11.63
CA LEU A 1205 38.51 19.01 -11.48
C LEU A 1205 39.12 19.40 -12.82
N ASP A 1206 40.28 20.05 -12.74
CA ASP A 1206 41.04 20.53 -13.90
C ASP A 1206 42.35 19.77 -14.03
N THR A 1207 42.72 19.48 -15.28
CA THR A 1207 43.69 18.42 -15.56
C THR A 1207 45.07 18.72 -14.96
N GLU A 1208 45.41 19.98 -14.75
CA GLU A 1208 46.69 20.31 -14.14
C GLU A 1208 46.71 19.94 -12.66
N SER A 1209 45.62 20.24 -11.94
CA SER A 1209 45.51 19.84 -10.54
C SER A 1209 44.79 18.51 -10.37
N GLU A 1210 43.98 18.11 -11.35
CA GLU A 1210 43.23 16.86 -11.25
C GLU A 1210 44.17 15.68 -11.07
N LYS A 1211 45.39 15.77 -11.60
CA LYS A 1211 46.36 14.70 -11.42
C LYS A 1211 46.97 14.69 -10.03
N VAL A 1212 46.90 15.81 -9.30
CA VAL A 1212 47.56 15.86 -8.01
C VAL A 1212 46.85 14.94 -7.02
N VAL A 1213 45.61 14.55 -7.32
CA VAL A 1213 45.00 13.44 -6.61
C VAL A 1213 45.90 12.21 -6.71
N GLN A 1214 46.34 11.88 -7.92
CA GLN A 1214 47.22 10.74 -8.10
C GLN A 1214 48.68 11.13 -7.95
N GLU A 1215 49.05 12.34 -8.39
CA GLU A 1215 50.43 12.79 -8.30
C GLU A 1215 50.94 12.72 -6.87
N ALA A 1216 50.38 13.59 -6.02
CA ALA A 1216 50.71 13.66 -4.60
C ALA A 1216 50.70 12.28 -3.97
N LEU A 1217 50.12 11.32 -4.72
CA LEU A 1217 50.09 9.94 -4.31
C LEU A 1217 51.21 9.16 -5.01
N ASP A 1218 51.54 9.40 -6.27
CA ASP A 1218 52.60 8.67 -7.02
C ASP A 1218 53.87 8.14 -6.29
N LYS A 1219 54.41 8.95 -5.37
CA LYS A 1219 55.57 8.55 -4.58
C LYS A 1219 55.13 8.17 -3.16
N ALA A 1220 53.86 7.77 -3.04
CA ALA A 1220 53.27 7.38 -1.75
C ALA A 1220 52.19 6.29 -1.95
N ARG A 1221 51.48 6.24 -3.09
CA ARG A 1221 50.54 5.13 -3.27
C ARG A 1221 51.22 3.78 -3.11
N GLU A 1222 52.48 3.68 -3.53
CA GLU A 1222 53.21 2.43 -3.42
C GLU A 1222 53.37 2.04 -1.95
N GLY A 1223 53.81 0.80 -1.74
CA GLY A 1223 53.87 0.25 -0.41
C GLY A 1223 52.53 -0.20 0.14
N ARG A 1224 51.44 0.44 -0.28
CA ARG A 1224 50.10 0.06 0.14
C ARG A 1224 49.26 -0.22 -1.10
N THR A 1225 48.60 -1.38 -1.11
CA THR A 1225 47.89 -1.82 -2.30
C THR A 1225 46.72 -0.89 -2.62
N CYS A 1226 46.05 -1.18 -3.72
CA CYS A 1226 44.95 -0.33 -4.16
C CYS A 1226 44.24 -0.98 -5.34
N ILE A 1227 43.11 -0.37 -5.72
CA ILE A 1227 42.42 -0.64 -6.97
C ILE A 1227 41.90 0.69 -7.47
N VAL A 1228 42.50 1.21 -8.53
CA VAL A 1228 42.22 2.57 -8.99
C VAL A 1228 41.34 2.49 -10.24
N ILE A 1229 40.17 3.12 -10.17
CA ILE A 1229 39.14 3.04 -11.21
C ILE A 1229 38.70 4.47 -11.52
N ALA A 1230 39.26 5.04 -12.59
CA ALA A 1230 38.84 6.37 -13.05
C ALA A 1230 38.98 6.38 -14.57
N HIS A 1231 37.84 6.27 -15.27
CA HIS A 1231 37.82 5.90 -16.69
C HIS A 1231 38.38 7.06 -17.52
N ARG A 1232 39.71 7.16 -17.55
CA ARG A 1232 40.39 8.20 -18.31
C ARG A 1232 41.65 7.61 -18.93
N LEU A 1233 42.51 8.48 -19.47
CA LEU A 1233 43.58 8.04 -20.36
C LEU A 1233 44.98 8.27 -19.84
N SER A 1234 45.24 9.39 -19.15
CA SER A 1234 46.61 9.73 -18.79
C SER A 1234 47.14 8.87 -17.64
N THR A 1235 46.26 8.38 -16.75
CA THR A 1235 46.68 7.63 -15.58
C THR A 1235 46.00 6.27 -15.45
N ILE A 1236 45.45 5.72 -16.54
CA ILE A 1236 45.10 4.31 -16.58
C ILE A 1236 46.07 3.61 -17.51
N GLN A 1237 46.48 4.30 -18.58
CA GLN A 1237 47.51 3.79 -19.46
C GLN A 1237 48.82 3.53 -18.73
N ASN A 1238 48.97 4.08 -17.52
CA ASN A 1238 50.01 3.69 -16.58
C ASN A 1238 49.43 3.00 -15.34
N ALA A 1239 48.40 2.18 -15.53
CA ALA A 1239 47.81 1.37 -14.48
C ALA A 1239 47.87 -0.10 -14.89
N ASP A 1240 48.03 -0.98 -13.89
CA ASP A 1240 48.61 -2.29 -14.15
C ASP A 1240 47.61 -3.28 -14.71
N LEU A 1241 46.62 -3.69 -13.91
CA LEU A 1241 45.77 -4.81 -14.24
C LEU A 1241 44.41 -4.32 -14.72
N ILE A 1242 43.85 -5.00 -15.71
CA ILE A 1242 42.63 -4.54 -16.37
C ILE A 1242 41.56 -5.62 -16.30
N VAL A 1243 40.31 -5.19 -16.13
CA VAL A 1243 39.15 -6.07 -16.07
C VAL A 1243 38.01 -5.39 -16.84
N VAL A 1244 37.60 -6.00 -17.96
CA VAL A 1244 36.55 -5.45 -18.81
C VAL A 1244 35.22 -5.98 -18.31
N PHE A 1245 34.25 -5.08 -18.16
CA PHE A 1245 32.95 -5.39 -17.59
C PHE A 1245 32.01 -5.86 -18.70
N GLN A 1246 31.84 -7.17 -18.82
CA GLN A 1246 30.93 -7.77 -19.80
C GLN A 1246 29.87 -8.54 -19.03
N ASN A 1247 28.81 -7.83 -18.63
CA ASN A 1247 27.69 -8.37 -17.88
C ASN A 1247 28.12 -8.94 -16.53
N GLY A 1248 29.22 -8.45 -15.97
CA GLY A 1248 29.68 -8.93 -14.68
C GLY A 1248 30.61 -10.12 -14.72
N ARG A 1249 31.76 -9.98 -15.37
CA ARG A 1249 32.81 -11.00 -15.37
C ARG A 1249 34.15 -10.28 -15.23
N VAL A 1250 35.24 -11.01 -15.46
CA VAL A 1250 36.58 -10.44 -15.60
C VAL A 1250 37.07 -10.69 -17.02
N LYS A 1251 37.45 -9.63 -17.71
CA LYS A 1251 37.93 -9.74 -19.09
C LYS A 1251 39.14 -8.83 -19.32
N THR B 6 -23.46 24.20 -45.62
CA THR B 6 -23.92 22.94 -46.16
C THR B 6 -23.27 22.64 -47.51
N GLN B 7 -23.30 21.38 -47.92
CA GLN B 7 -22.60 20.94 -49.11
C GLN B 7 -23.51 21.05 -50.32
N SER B 8 -22.93 20.89 -51.51
CA SER B 8 -23.64 20.91 -52.78
C SER B 8 -23.77 19.47 -53.25
N PRO B 9 -24.96 19.02 -53.63
CA PRO B 9 -25.17 17.58 -53.82
C PRO B 9 -24.46 17.02 -55.04
N SER B 10 -23.34 16.34 -54.80
CA SER B 10 -22.62 15.67 -55.88
C SER B 10 -23.13 14.24 -55.93
N SER B 11 -24.45 14.11 -56.00
CA SER B 11 -25.11 12.81 -56.01
C SER B 11 -24.87 12.13 -57.35
N LEU B 12 -23.86 11.26 -57.42
CA LEU B 12 -23.57 10.53 -58.64
C LEU B 12 -23.98 9.09 -58.45
N SER B 13 -24.71 8.57 -59.45
CA SER B 13 -25.06 7.15 -59.51
C SER B 13 -25.17 6.81 -60.99
N ALA B 14 -24.11 6.28 -61.57
CA ALA B 14 -24.05 6.11 -63.01
C ALA B 14 -23.47 4.73 -63.32
N SER B 15 -23.12 4.52 -64.59
CA SER B 15 -22.45 3.29 -65.01
C SER B 15 -21.07 3.20 -64.37
N VAL B 16 -20.53 1.99 -64.31
CA VAL B 16 -19.36 1.69 -63.51
C VAL B 16 -18.16 2.51 -63.99
N GLY B 17 -17.18 2.68 -63.10
CA GLY B 17 -15.90 3.21 -63.50
C GLY B 17 -15.68 4.70 -63.36
N ASP B 18 -15.87 5.28 -62.17
CA ASP B 18 -15.50 6.65 -61.92
C ASP B 18 -14.96 6.81 -60.50
N ARG B 19 -14.23 7.91 -60.29
CA ARG B 19 -13.67 8.26 -58.98
C ARG B 19 -14.50 9.38 -58.38
N VAL B 20 -15.63 9.04 -57.77
CA VAL B 20 -16.51 10.07 -57.23
C VAL B 20 -15.90 10.61 -55.95
N THR B 21 -15.61 11.90 -55.93
CA THR B 21 -15.13 12.59 -54.75
C THR B 21 -16.22 13.53 -54.27
N ILE B 22 -17.11 13.02 -53.43
CA ILE B 22 -18.20 13.83 -52.88
C ILE B 22 -17.60 15.02 -52.14
N THR B 23 -17.91 16.22 -52.63
CA THR B 23 -17.37 17.47 -52.16
C THR B 23 -18.32 18.09 -51.16
N CYS B 24 -17.76 18.83 -50.21
CA CYS B 24 -18.49 19.41 -49.11
C CYS B 24 -17.96 20.81 -48.87
N ARG B 25 -18.77 21.82 -49.18
CA ARG B 25 -18.39 23.20 -48.97
C ARG B 25 -18.70 23.60 -47.53
N ALA B 26 -17.82 24.42 -46.96
CA ALA B 26 -18.01 24.88 -45.60
C ALA B 26 -19.07 25.97 -45.54
N SER B 27 -20.06 25.77 -44.67
CA SER B 27 -21.06 26.80 -44.46
C SER B 27 -20.43 28.12 -44.05
N GLN B 28 -19.41 28.09 -43.19
CA GLN B 28 -18.70 29.28 -42.75
C GLN B 28 -17.20 29.00 -42.73
N SER B 29 -16.44 29.92 -42.16
CA SER B 29 -14.99 29.78 -42.09
C SER B 29 -14.59 29.36 -40.68
N VAL B 30 -14.21 28.09 -40.53
CA VAL B 30 -13.90 27.49 -39.25
C VAL B 30 -12.58 26.74 -39.38
N SER B 31 -12.22 26.05 -38.30
CA SER B 31 -11.08 25.14 -38.32
C SER B 31 -11.50 23.79 -38.88
N SER B 32 -10.56 23.11 -39.52
CA SER B 32 -10.89 21.99 -40.42
C SER B 32 -11.34 20.77 -39.61
N ALA B 33 -12.65 20.66 -39.46
CA ALA B 33 -13.29 19.55 -38.79
C ALA B 33 -14.63 19.26 -39.44
N VAL B 34 -14.71 18.13 -40.16
CA VAL B 34 -15.96 17.59 -40.67
C VAL B 34 -15.92 16.08 -40.49
N ALA B 35 -17.07 15.49 -40.17
CA ALA B 35 -17.13 14.05 -40.00
C ALA B 35 -18.17 13.47 -40.94
N TRP B 36 -17.81 12.37 -41.60
CA TRP B 36 -18.62 11.82 -42.69
C TRP B 36 -19.23 10.50 -42.26
N TYR B 37 -20.38 10.19 -42.84
CA TYR B 37 -21.09 8.96 -42.54
C TYR B 37 -21.67 8.34 -43.81
N GLN B 38 -21.71 7.01 -43.83
CA GLN B 38 -22.51 6.26 -44.78
C GLN B 38 -23.78 5.79 -44.07
N GLN B 39 -24.80 6.62 -44.09
CA GLN B 39 -26.06 6.30 -43.46
C GLN B 39 -26.92 5.55 -44.46
N LYS B 40 -27.58 4.51 -44.01
CA LYS B 40 -28.59 3.86 -44.81
C LYS B 40 -29.94 4.42 -44.40
N PRO B 41 -30.66 5.11 -45.28
CA PRO B 41 -31.96 5.66 -44.89
C PRO B 41 -32.83 4.60 -44.25
N GLY B 42 -33.10 4.78 -42.96
CA GLY B 42 -33.75 3.74 -42.17
C GLY B 42 -32.79 3.10 -41.19
N LYS B 43 -31.55 3.56 -41.15
CA LYS B 43 -30.54 3.03 -40.24
C LYS B 43 -29.93 4.18 -39.46
N ALA B 44 -28.90 3.86 -38.67
CA ALA B 44 -28.20 4.82 -37.82
C ALA B 44 -26.82 5.10 -38.39
N PRO B 45 -26.39 6.35 -38.49
CA PRO B 45 -25.12 6.65 -39.16
C PRO B 45 -23.96 5.90 -38.54
N LYS B 46 -22.92 5.72 -39.33
CA LYS B 46 -21.74 5.01 -38.89
C LYS B 46 -20.51 5.80 -39.33
N LEU B 47 -19.56 5.93 -38.42
CA LEU B 47 -18.39 6.77 -38.66
C LEU B 47 -17.44 6.08 -39.62
N LEU B 48 -16.87 6.89 -40.52
CA LEU B 48 -15.96 6.40 -41.54
C LEU B 48 -14.62 7.09 -41.42
N ILE B 49 -14.66 8.41 -41.23
CA ILE B 49 -13.46 9.23 -41.16
C ILE B 49 -13.72 10.33 -40.14
N TYR B 50 -12.64 10.89 -39.60
CA TYR B 50 -12.73 12.09 -38.78
C TYR B 50 -11.59 13.02 -39.16
N SER B 51 -11.65 14.24 -38.62
CA SER B 51 -10.68 15.29 -38.90
C SER B 51 -10.62 15.64 -40.39
N ALA B 52 -11.58 15.13 -41.17
CA ALA B 52 -11.66 15.30 -42.61
C ALA B 52 -10.47 14.67 -43.31
N SER B 53 -9.59 14.05 -42.57
CA SER B 53 -8.37 13.47 -43.12
C SER B 53 -8.08 12.08 -42.60
N SER B 54 -8.64 11.71 -41.45
CA SER B 54 -8.26 10.47 -40.78
C SER B 54 -9.15 9.32 -41.24
N LEU B 55 -9.09 8.22 -40.49
CA LEU B 55 -9.82 7.00 -40.80
C LEU B 55 -10.17 6.30 -39.51
N TYR B 56 -11.46 6.31 -39.16
CA TYR B 56 -11.93 5.64 -37.96
C TYR B 56 -11.88 4.12 -38.14
N SER B 57 -12.42 3.41 -37.15
CA SER B 57 -12.42 1.96 -37.16
C SER B 57 -13.62 1.42 -37.94
N GLY B 58 -13.54 0.14 -38.28
CA GLY B 58 -14.60 -0.54 -38.99
C GLY B 58 -14.67 -0.20 -40.46
N VAL B 59 -13.75 0.64 -40.92
CA VAL B 59 -13.83 1.18 -42.28
C VAL B 59 -12.98 0.33 -43.22
N PRO B 60 -13.47 0.04 -44.43
CA PRO B 60 -12.61 -0.57 -45.44
C PRO B 60 -11.77 0.51 -46.10
N SER B 61 -10.62 0.10 -46.65
CA SER B 61 -9.71 1.07 -47.23
C SER B 61 -10.16 1.49 -48.63
N ARG B 62 -11.43 1.88 -48.73
CA ARG B 62 -11.95 2.61 -49.87
C ARG B 62 -12.34 4.03 -49.50
N PHE B 63 -12.81 4.25 -48.28
CA PHE B 63 -13.16 5.58 -47.83
C PHE B 63 -11.89 6.36 -47.49
N SER B 64 -11.86 7.63 -47.87
CA SER B 64 -10.71 8.49 -47.60
C SER B 64 -11.14 9.92 -47.79
N GLY B 65 -10.35 10.84 -47.26
CA GLY B 65 -10.63 12.25 -47.42
C GLY B 65 -9.46 13.08 -46.98
N SER B 66 -9.50 14.36 -47.36
CA SER B 66 -8.52 15.35 -46.95
C SER B 66 -9.18 16.71 -47.07
N ARG B 67 -8.38 17.76 -46.93
CA ARG B 67 -8.87 19.12 -47.10
C ARG B 67 -8.32 19.69 -48.40
N SER B 68 -9.09 20.60 -48.98
CA SER B 68 -8.59 21.42 -50.09
C SER B 68 -9.15 22.81 -49.86
N GLY B 69 -8.43 23.62 -49.10
CA GLY B 69 -9.00 24.86 -48.62
C GLY B 69 -10.36 24.61 -47.97
N THR B 70 -11.41 25.14 -48.58
CA THR B 70 -12.75 25.07 -48.05
C THR B 70 -13.48 23.82 -48.53
N ASP B 71 -12.73 22.83 -49.01
CA ASP B 71 -13.28 21.66 -49.66
C ASP B 71 -13.05 20.44 -48.78
N PHE B 72 -14.12 19.83 -48.30
CA PHE B 72 -14.03 18.60 -47.53
C PHE B 72 -14.56 17.47 -48.39
N THR B 73 -13.69 16.50 -48.68
CA THR B 73 -14.02 15.51 -49.70
C THR B 73 -14.06 14.13 -49.08
N LEU B 74 -14.88 13.27 -49.68
CA LEU B 74 -14.77 11.83 -49.48
C LEU B 74 -14.58 11.17 -50.84
N THR B 75 -13.54 10.36 -50.95
CA THR B 75 -13.12 9.79 -52.22
C THR B 75 -13.47 8.31 -52.28
N ILE B 76 -14.40 7.96 -53.17
CA ILE B 76 -14.76 6.58 -53.41
C ILE B 76 -14.66 6.35 -54.92
N SER B 77 -13.83 5.40 -55.32
CA SER B 77 -13.54 5.18 -56.73
C SER B 77 -14.13 3.85 -57.17
N SER B 78 -13.95 3.55 -58.46
CA SER B 78 -14.26 2.25 -59.03
C SER B 78 -15.73 1.87 -58.79
N LEU B 79 -16.62 2.63 -59.45
CA LEU B 79 -18.05 2.39 -59.34
C LEU B 79 -18.34 0.91 -59.49
N GLN B 80 -18.96 0.33 -58.49
CA GLN B 80 -19.09 -1.11 -58.33
C GLN B 80 -20.55 -1.50 -58.22
N PRO B 81 -20.86 -2.80 -58.11
CA PRO B 81 -22.19 -3.18 -57.62
C PRO B 81 -22.27 -3.12 -56.10
N GLU B 82 -21.31 -2.45 -55.49
CA GLU B 82 -21.18 -2.28 -54.05
C GLU B 82 -21.07 -0.80 -53.69
N ASP B 83 -21.99 0.02 -54.22
CA ASP B 83 -22.04 1.43 -53.88
C ASP B 83 -23.51 1.86 -53.81
N PHE B 84 -24.03 1.99 -52.59
CA PHE B 84 -25.41 2.42 -52.38
C PHE B 84 -25.53 2.89 -50.93
N ALA B 85 -25.90 4.15 -50.73
CA ALA B 85 -26.11 4.70 -49.39
C ALA B 85 -26.63 6.13 -49.54
N THR B 86 -26.78 6.79 -48.41
CA THR B 86 -26.69 8.25 -48.37
C THR B 86 -25.44 8.60 -47.57
N TYR B 87 -24.82 9.71 -47.94
CA TYR B 87 -23.65 10.21 -47.24
C TYR B 87 -24.06 11.37 -46.35
N TYR B 88 -23.18 11.70 -45.41
CA TYR B 88 -23.42 12.82 -44.52
C TYR B 88 -22.13 13.52 -44.15
N CYS B 89 -22.16 14.84 -44.30
CA CYS B 89 -21.19 15.76 -43.69
C CYS B 89 -21.77 16.22 -42.37
N GLN B 90 -20.92 16.37 -41.36
CA GLN B 90 -21.24 17.18 -40.19
C GLN B 90 -20.10 18.17 -40.00
N GLN B 91 -20.41 19.45 -40.10
CA GLN B 91 -19.45 20.51 -39.81
C GLN B 91 -19.24 20.60 -38.32
N SER B 92 -18.15 21.26 -37.93
CA SER B 92 -17.72 21.27 -36.53
C SER B 92 -17.05 22.62 -36.27
N SER B 93 -16.24 22.68 -35.22
CA SER B 93 -15.34 23.81 -34.95
C SER B 93 -16.11 25.09 -34.62
N SER B 94 -17.27 24.95 -34.00
CA SER B 94 -18.02 26.08 -33.47
C SER B 94 -18.98 25.56 -32.41
N SER B 95 -19.31 26.43 -31.45
CA SER B 95 -20.23 26.04 -30.39
C SER B 95 -21.53 25.47 -30.96
N LEU B 96 -21.93 25.94 -32.14
CA LEU B 96 -22.98 25.32 -32.91
C LEU B 96 -22.35 24.61 -34.10
N ILE B 97 -23.08 23.67 -34.69
CA ILE B 97 -22.60 22.97 -35.89
C ILE B 97 -23.73 22.96 -36.92
N THR B 98 -23.39 23.34 -38.15
CA THR B 98 -24.25 23.16 -39.31
C THR B 98 -24.08 21.73 -39.82
N PHE B 99 -24.56 21.43 -41.02
CA PHE B 99 -24.41 20.09 -41.57
C PHE B 99 -24.33 20.13 -43.09
N GLY B 100 -24.12 18.94 -43.65
CA GLY B 100 -24.37 18.71 -45.04
C GLY B 100 -25.35 17.56 -45.20
N GLN B 101 -26.20 17.68 -46.22
CA GLN B 101 -27.26 16.71 -46.42
C GLN B 101 -26.76 15.46 -47.12
N GLY B 102 -25.68 15.58 -47.89
CA GLY B 102 -25.04 14.44 -48.50
C GLY B 102 -25.56 14.15 -49.89
N THR B 103 -25.37 12.89 -50.30
CA THR B 103 -25.79 12.42 -51.62
C THR B 103 -26.55 11.11 -51.47
N LYS B 104 -26.75 10.43 -52.60
CA LYS B 104 -27.51 9.18 -52.67
C LYS B 104 -26.97 8.40 -53.87
N VAL B 105 -26.11 7.43 -53.61
CA VAL B 105 -25.44 6.69 -54.67
C VAL B 105 -26.19 5.37 -54.92
N GLU B 106 -26.12 4.88 -56.15
CA GLU B 106 -26.67 3.56 -56.49
C GLU B 106 -26.02 3.08 -57.79
N ILE B 107 -26.56 2.00 -58.33
CA ILE B 107 -26.05 1.37 -59.54
C ILE B 107 -27.01 1.64 -60.70
N LYS B 108 -26.44 1.98 -61.86
CA LYS B 108 -27.20 2.40 -63.04
C LYS B 108 -26.98 1.40 -64.17
N ARG B 109 -27.88 0.43 -64.28
CA ARG B 109 -27.81 -0.54 -65.36
C ARG B 109 -28.01 0.11 -66.73
N THR B 110 -29.23 0.58 -67.00
CA THR B 110 -29.61 1.20 -68.26
C THR B 110 -30.74 2.18 -68.00
N VAL B 111 -31.43 2.56 -69.07
CA VAL B 111 -32.70 3.27 -68.96
C VAL B 111 -33.83 2.25 -68.99
N ALA B 112 -34.61 2.19 -67.91
CA ALA B 112 -35.64 1.18 -67.77
C ALA B 112 -36.89 1.56 -68.56
N ALA B 113 -37.70 0.55 -68.86
CA ALA B 113 -38.92 0.73 -69.62
C ALA B 113 -40.13 0.68 -68.70
N PRO B 114 -40.84 1.78 -68.51
CA PRO B 114 -41.95 1.79 -67.55
C PRO B 114 -43.27 1.39 -68.19
N SER B 115 -44.13 0.83 -67.36
CA SER B 115 -45.50 0.46 -67.74
CA SER B 115 -45.49 0.47 -67.74
C SER B 115 -46.47 1.27 -66.89
N VAL B 116 -47.32 2.05 -67.55
CA VAL B 116 -48.26 2.90 -66.84
C VAL B 116 -49.64 2.28 -66.91
N PHE B 117 -50.44 2.51 -65.88
CA PHE B 117 -51.78 1.96 -65.77
C PHE B 117 -52.67 2.95 -65.04
N ILE B 118 -53.98 2.81 -65.23
CA ILE B 118 -54.95 3.66 -64.56
C ILE B 118 -56.00 2.77 -63.91
N PHE B 119 -56.43 3.16 -62.71
CA PHE B 119 -57.35 2.36 -61.92
C PHE B 119 -58.44 3.23 -61.34
N PRO B 120 -59.68 3.06 -61.81
CA PRO B 120 -60.79 3.82 -61.24
C PRO B 120 -61.23 3.22 -59.92
N PRO B 121 -61.71 4.04 -58.98
CA PRO B 121 -62.11 3.53 -57.67
C PRO B 121 -63.44 2.78 -57.75
N SER B 122 -63.46 1.57 -57.18
CA SER B 122 -64.68 0.79 -57.13
C SER B 122 -65.66 1.42 -56.16
N ASP B 123 -66.90 0.89 -56.17
CA ASP B 123 -67.93 1.41 -55.28
C ASP B 123 -67.57 1.18 -53.82
N SER B 124 -66.71 0.21 -53.52
CA SER B 124 -66.27 -0.02 -52.15
C SER B 124 -65.61 1.23 -51.56
N GLN B 125 -64.91 2.00 -52.39
CA GLN B 125 -64.40 3.30 -51.96
C GLN B 125 -65.49 4.37 -51.91
N LEU B 126 -66.49 4.27 -52.79
CA LEU B 126 -67.48 5.34 -52.96
C LEU B 126 -68.55 5.36 -51.86
N LYS B 127 -68.67 4.31 -51.05
CA LYS B 127 -69.65 4.33 -49.97
C LYS B 127 -69.18 5.12 -48.76
N SER B 128 -67.92 5.55 -48.73
CA SER B 128 -67.42 6.30 -47.58
C SER B 128 -67.65 7.81 -47.74
N GLY B 129 -67.27 8.35 -48.90
CA GLY B 129 -67.36 9.78 -49.13
C GLY B 129 -66.16 10.30 -49.90
N THR B 130 -65.23 9.40 -50.22
CA THR B 130 -64.08 9.74 -51.05
C THR B 130 -63.76 8.61 -52.00
N ALA B 131 -62.94 8.88 -53.01
CA ALA B 131 -62.57 7.89 -54.01
C ALA B 131 -61.26 8.34 -54.64
N SER B 132 -60.60 7.40 -55.32
CA SER B 132 -59.24 7.66 -55.80
C SER B 132 -59.04 6.92 -57.12
N VAL B 133 -58.69 7.67 -58.16
CA VAL B 133 -58.18 7.07 -59.39
C VAL B 133 -56.67 7.27 -59.43
N VAL B 134 -55.93 6.19 -59.68
CA VAL B 134 -54.48 6.22 -59.53
C VAL B 134 -53.85 6.03 -60.90
N CYS B 135 -52.68 6.63 -61.09
CA CYS B 135 -51.85 6.38 -62.26
C CYS B 135 -50.56 5.74 -61.77
N LEU B 136 -50.37 4.48 -62.16
CA LEU B 136 -49.23 3.68 -61.73
C LEU B 136 -48.16 3.68 -62.82
N LEU B 137 -46.94 3.98 -62.44
CA LEU B 137 -45.78 3.88 -63.32
C LEU B 137 -44.83 2.86 -62.73
N ASN B 138 -44.70 1.71 -63.40
CA ASN B 138 -43.86 0.62 -62.92
C ASN B 138 -42.58 0.57 -63.73
N ASN B 139 -41.49 0.19 -63.06
CA ASN B 139 -40.21 -0.05 -63.72
C ASN B 139 -39.74 1.17 -64.52
N PHE B 140 -39.70 2.33 -63.87
CA PHE B 140 -39.16 3.53 -64.49
C PHE B 140 -37.81 3.87 -63.87
N TYR B 141 -36.93 4.45 -64.70
CA TYR B 141 -35.58 4.80 -64.32
C TYR B 141 -34.97 5.68 -65.41
N PRO B 142 -34.22 6.74 -65.05
CA PRO B 142 -33.74 7.15 -63.73
C PRO B 142 -34.84 7.66 -62.78
N ARG B 143 -34.41 8.06 -61.58
CA ARG B 143 -35.34 8.41 -60.51
C ARG B 143 -36.27 9.55 -60.91
N GLU B 144 -35.90 10.30 -61.95
CA GLU B 144 -36.76 11.38 -62.45
C GLU B 144 -37.94 10.80 -63.23
N ALA B 145 -39.14 11.28 -62.92
CA ALA B 145 -40.37 10.85 -63.58
C ALA B 145 -41.49 11.81 -63.20
N LYS B 146 -42.32 12.15 -64.18
CA LYS B 146 -43.46 13.03 -63.96
C LYS B 146 -44.75 12.32 -64.36
N VAL B 147 -45.81 12.56 -63.59
CA VAL B 147 -47.14 12.03 -63.87
C VAL B 147 -48.16 13.12 -63.58
N GLN B 148 -49.07 13.36 -64.52
CA GLN B 148 -50.05 14.43 -64.37
C GLN B 148 -51.43 13.91 -64.76
N TRP B 149 -52.45 14.54 -64.18
CA TRP B 149 -53.85 14.19 -64.42
C TRP B 149 -54.55 15.31 -65.18
N LYS B 150 -55.45 14.91 -66.09
CA LYS B 150 -56.30 15.83 -66.85
C LYS B 150 -57.74 15.34 -66.70
N VAL B 151 -58.59 16.20 -66.15
CA VAL B 151 -60.02 15.96 -66.05
C VAL B 151 -60.74 16.96 -66.95
N ASP B 152 -61.47 16.43 -67.94
CA ASP B 152 -62.19 17.26 -68.91
C ASP B 152 -61.24 18.21 -69.64
N ASN B 153 -60.05 17.72 -69.96
CA ASN B 153 -59.01 18.48 -70.66
C ASN B 153 -58.61 19.73 -69.86
N ALA B 154 -58.15 19.49 -68.63
CA ALA B 154 -57.70 20.55 -67.75
C ALA B 154 -56.42 20.11 -67.06
N LEU B 155 -55.41 21.00 -67.08
CA LEU B 155 -54.11 20.70 -66.50
C LEU B 155 -54.24 20.75 -64.98
N GLN B 156 -54.75 19.65 -64.44
CA GLN B 156 -55.10 19.58 -63.03
C GLN B 156 -53.85 19.57 -62.15
N SER B 157 -53.93 20.23 -61.00
CA SER B 157 -52.87 20.20 -60.01
C SER B 157 -53.48 20.24 -58.62
N GLY B 158 -52.67 19.90 -57.62
CA GLY B 158 -53.09 19.93 -56.24
C GLY B 158 -53.86 18.71 -55.75
N ASN B 159 -54.24 17.80 -56.64
CA ASN B 159 -54.92 16.57 -56.26
C ASN B 159 -54.21 15.37 -56.87
N SER B 160 -52.88 15.35 -56.76
CA SER B 160 -52.09 14.25 -57.30
C SER B 160 -51.05 13.88 -56.24
N GLN B 161 -51.41 12.91 -55.39
CA GLN B 161 -50.52 12.44 -54.34
C GLN B 161 -49.59 11.41 -54.96
N GLU B 162 -48.33 11.79 -55.15
CA GLU B 162 -47.33 10.87 -55.68
C GLU B 162 -46.69 10.07 -54.56
N SER B 163 -46.87 8.76 -54.62
CA SER B 163 -46.27 7.82 -53.69
C SER B 163 -45.27 6.99 -54.46
N VAL B 164 -43.98 7.26 -54.24
CA VAL B 164 -42.91 6.61 -54.97
C VAL B 164 -42.20 5.67 -54.02
N THR B 165 -41.79 4.51 -54.53
CA THR B 165 -41.13 3.50 -53.72
C THR B 165 -39.64 3.76 -53.66
N GLU B 166 -38.95 3.01 -52.81
CA GLU B 166 -37.50 3.01 -52.85
C GLU B 166 -37.04 2.44 -54.19
N GLN B 167 -35.81 2.74 -54.54
CA GLN B 167 -35.24 2.20 -55.77
C GLN B 167 -35.26 0.68 -55.72
N ASP B 168 -35.61 0.05 -56.85
CA ASP B 168 -35.53 -1.39 -56.92
C ASP B 168 -34.11 -1.84 -56.63
N SER B 169 -33.97 -2.74 -55.66
CA SER B 169 -32.65 -3.14 -55.19
C SER B 169 -31.81 -3.75 -56.32
N LYS B 170 -32.46 -4.38 -57.29
CA LYS B 170 -31.77 -5.14 -58.32
C LYS B 170 -31.50 -4.31 -59.57
N ASP B 171 -32.56 -3.81 -60.22
CA ASP B 171 -32.47 -3.24 -61.55
C ASP B 171 -32.78 -1.75 -61.56
N SER B 172 -32.92 -1.14 -60.38
CA SER B 172 -33.15 0.30 -60.25
C SER B 172 -34.46 0.73 -60.90
N THR B 173 -35.41 -0.20 -61.03
CA THR B 173 -36.70 0.08 -61.64
C THR B 173 -37.66 0.59 -60.59
N TYR B 174 -37.88 1.90 -60.58
CA TYR B 174 -38.72 2.56 -59.59
C TYR B 174 -40.20 2.33 -59.90
N SER B 175 -41.03 2.54 -58.89
CA SER B 175 -42.47 2.46 -59.04
C SER B 175 -43.11 3.69 -58.39
N LEU B 176 -44.20 4.16 -58.98
CA LEU B 176 -44.83 5.42 -58.55
C LEU B 176 -46.34 5.30 -58.70
N SER B 177 -47.07 5.90 -57.78
CA SER B 177 -48.53 5.93 -57.83
C SER B 177 -49.00 7.37 -57.61
N SER B 178 -49.58 7.98 -58.65
CA SER B 178 -50.14 9.31 -58.55
C SER B 178 -51.64 9.19 -58.33
N THR B 179 -52.09 9.51 -57.11
CA THR B 179 -53.46 9.31 -56.68
C THR B 179 -54.25 10.61 -56.80
N LEU B 180 -55.29 10.59 -57.64
CA LEU B 180 -56.24 11.69 -57.80
C LEU B 180 -57.45 11.33 -56.95
N THR B 181 -57.62 12.05 -55.84
CA THR B 181 -58.66 11.77 -54.87
C THR B 181 -59.77 12.80 -54.96
N LEU B 182 -60.99 12.31 -55.22
CA LEU B 182 -62.15 13.16 -55.36
C LEU B 182 -63.28 12.61 -54.52
N SER B 183 -64.12 13.49 -53.99
CA SER B 183 -65.16 13.11 -53.05
C SER B 183 -66.50 12.90 -53.77
N LYS B 184 -67.59 12.87 -52.99
CA LYS B 184 -68.93 12.75 -53.54
C LYS B 184 -69.32 13.95 -54.37
N ALA B 185 -68.58 15.06 -54.25
CA ALA B 185 -69.01 16.30 -54.88
C ALA B 185 -68.31 16.57 -56.20
N ASP B 186 -67.21 15.88 -56.51
CA ASP B 186 -66.43 16.23 -57.68
C ASP B 186 -66.10 15.02 -58.53
N TYR B 187 -66.20 13.81 -57.96
CA TYR B 187 -65.88 12.61 -58.72
C TYR B 187 -67.00 12.18 -59.66
N GLU B 188 -68.26 12.34 -59.24
CA GLU B 188 -69.37 11.96 -60.12
C GLU B 188 -69.55 12.94 -61.28
N LYS B 189 -69.23 14.22 -61.05
CA LYS B 189 -69.38 15.26 -62.07
C LYS B 189 -68.43 15.07 -63.23
N HIS B 190 -67.39 14.27 -63.07
CA HIS B 190 -66.39 14.07 -64.11
C HIS B 190 -66.63 12.73 -64.81
N LYS B 191 -66.35 12.72 -66.11
CA LYS B 191 -66.57 11.54 -66.95
C LYS B 191 -65.28 10.98 -67.52
N VAL B 192 -64.40 11.84 -68.04
CA VAL B 192 -63.12 11.41 -68.60
C VAL B 192 -62.01 11.72 -67.61
N TYR B 193 -61.10 10.75 -67.45
CA TYR B 193 -59.88 10.94 -66.66
C TYR B 193 -58.72 10.49 -67.52
N ALA B 194 -57.72 11.37 -67.70
CA ALA B 194 -56.54 11.07 -68.47
C ALA B 194 -55.31 11.24 -67.60
N CYS B 195 -54.33 10.35 -67.78
CA CYS B 195 -53.05 10.45 -67.09
C CYS B 195 -51.96 10.54 -68.15
N GLU B 196 -51.20 11.63 -68.11
CA GLU B 196 -50.07 11.82 -69.01
C GLU B 196 -48.78 11.74 -68.22
N VAL B 197 -47.90 10.82 -68.61
CA VAL B 197 -46.66 10.56 -67.90
C VAL B 197 -45.49 10.97 -68.78
N THR B 198 -44.44 11.48 -68.16
CA THR B 198 -43.20 11.83 -68.85
C THR B 198 -42.04 11.13 -68.17
N HIS B 199 -41.35 10.29 -68.94
CA HIS B 199 -40.14 9.59 -68.53
C HIS B 199 -39.11 9.75 -69.63
N GLN B 200 -37.88 10.06 -69.25
CA GLN B 200 -36.86 10.42 -70.24
C GLN B 200 -36.59 9.29 -71.23
N GLY B 201 -36.73 8.04 -70.81
CA GLY B 201 -36.60 6.93 -71.75
C GLY B 201 -37.75 6.77 -72.72
N LEU B 202 -38.86 7.46 -72.48
CA LEU B 202 -39.97 7.48 -73.42
C LEU B 202 -39.80 8.64 -74.38
N SER B 203 -39.76 8.32 -75.68
CA SER B 203 -39.80 9.38 -76.69
C SER B 203 -41.13 10.10 -76.67
N SER B 204 -42.21 9.37 -76.37
CA SER B 204 -43.55 9.92 -76.34
CA SER B 204 -43.54 9.93 -76.35
C SER B 204 -44.10 9.93 -74.93
N PRO B 205 -44.75 11.01 -74.51
CA PRO B 205 -45.37 11.02 -73.19
C PRO B 205 -46.58 10.10 -73.16
N VAL B 206 -46.43 8.93 -72.54
CA VAL B 206 -47.46 7.91 -72.59
C VAL B 206 -48.70 8.40 -71.86
N THR B 207 -49.86 8.17 -72.44
CA THR B 207 -51.13 8.64 -71.91
C THR B 207 -52.08 7.48 -71.75
N LYS B 208 -52.58 7.30 -70.53
CA LYS B 208 -53.60 6.31 -70.23
C LYS B 208 -54.87 7.02 -69.74
N SER B 209 -55.95 6.90 -70.51
CA SER B 209 -57.16 7.61 -70.19
C SER B 209 -58.35 6.65 -70.24
N PHE B 210 -59.46 7.10 -69.68
CA PHE B 210 -60.69 6.33 -69.70
C PHE B 210 -61.86 7.28 -69.52
N ASN B 211 -63.05 6.76 -69.83
CA ASN B 211 -64.30 7.45 -69.58
C ASN B 211 -65.04 6.72 -68.46
N ARG B 212 -65.78 7.48 -67.66
CA ARG B 212 -66.40 6.92 -66.46
C ARG B 212 -67.67 6.19 -66.86
N GLY B 213 -67.56 4.88 -66.99
CA GLY B 213 -68.69 4.02 -67.31
C GLY B 213 -68.30 2.56 -67.42
N GLU C 1 -19.06 -0.58 -24.76
CA GLU C 1 -19.07 0.61 -25.60
C GLU C 1 -17.73 0.73 -26.33
N ILE C 2 -16.68 0.20 -25.72
CA ILE C 2 -15.38 0.20 -26.37
C ILE C 2 -15.28 -0.98 -27.33
N SER C 3 -16.18 -1.95 -27.19
CA SER C 3 -16.33 -3.06 -28.12
C SER C 3 -17.76 -3.17 -28.65
N GLU C 4 -18.65 -2.29 -28.22
CA GLU C 4 -20.05 -2.31 -28.65
C GLU C 4 -20.55 -0.86 -28.61
N VAL C 5 -21.86 -0.68 -28.61
CA VAL C 5 -22.47 0.59 -28.27
C VAL C 5 -23.48 0.34 -27.16
N GLN C 6 -23.34 1.06 -26.05
CA GLN C 6 -24.17 0.85 -24.87
C GLN C 6 -25.10 2.03 -24.59
N LEU C 7 -25.29 2.92 -25.56
CA LEU C 7 -26.30 3.96 -25.42
C LEU C 7 -27.67 3.31 -25.49
N VAL C 8 -28.32 3.15 -24.35
CA VAL C 8 -29.49 2.29 -24.23
C VAL C 8 -30.73 3.14 -24.36
N GLU C 9 -31.86 2.48 -24.61
CA GLU C 9 -33.13 3.17 -24.84
C GLU C 9 -33.60 3.89 -23.59
N SER C 10 -34.23 5.05 -23.79
CA SER C 10 -34.86 5.81 -22.72
C SER C 10 -35.80 6.82 -23.33
N GLY C 11 -37.04 6.84 -22.85
CA GLY C 11 -38.05 7.77 -23.34
C GLY C 11 -38.53 7.50 -24.75
N GLY C 12 -39.28 6.42 -24.93
CA GLY C 12 -39.93 6.17 -26.20
C GLY C 12 -41.43 6.38 -26.13
N GLY C 13 -42.00 7.16 -27.06
CA GLY C 13 -43.43 7.39 -27.00
C GLY C 13 -43.91 8.31 -28.11
N LEU C 14 -45.14 8.77 -27.94
CA LEU C 14 -45.86 9.62 -28.89
C LEU C 14 -46.33 10.90 -28.21
N VAL C 15 -46.35 11.98 -28.99
CA VAL C 15 -46.56 13.32 -28.46
C VAL C 15 -47.65 14.01 -29.27
N GLN C 16 -48.44 14.86 -28.60
CA GLN C 16 -49.36 15.76 -29.26
C GLN C 16 -48.90 17.19 -29.01
N PRO C 17 -49.37 18.18 -29.78
CA PRO C 17 -48.92 19.56 -29.58
C PRO C 17 -49.22 20.11 -28.20
N GLY C 18 -49.88 19.31 -27.36
CA GLY C 18 -50.07 19.67 -25.96
C GLY C 18 -49.27 18.76 -25.06
N GLY C 19 -48.31 18.03 -25.64
CA GLY C 19 -47.51 17.08 -24.89
C GLY C 19 -46.08 17.55 -24.71
N SER C 20 -45.25 16.65 -24.20
CA SER C 20 -43.84 16.90 -23.95
C SER C 20 -43.21 15.58 -23.53
N LEU C 21 -41.88 15.58 -23.37
CA LEU C 21 -41.17 14.41 -22.86
C LEU C 21 -39.88 14.84 -22.19
N ARG C 22 -39.39 14.00 -21.29
CA ARG C 22 -38.07 14.17 -20.69
C ARG C 22 -37.20 13.07 -21.30
N LEU C 23 -36.70 13.34 -22.50
CA LEU C 23 -35.99 12.33 -23.27
C LEU C 23 -34.58 12.11 -22.73
N SER C 24 -34.08 10.91 -22.92
CA SER C 24 -32.80 10.52 -22.36
C SER C 24 -32.06 9.58 -23.31
N CYS C 25 -30.74 9.65 -23.24
CA CYS C 25 -29.83 8.76 -23.95
C CYS C 25 -28.87 8.21 -22.90
N ALA C 26 -29.30 7.16 -22.21
CA ALA C 26 -28.55 6.63 -21.07
C ALA C 26 -27.29 5.94 -21.57
N ALA C 27 -26.20 6.72 -21.60
CA ALA C 27 -24.89 6.21 -21.98
C ALA C 27 -24.48 5.05 -21.08
N SER C 28 -23.52 4.27 -21.56
CA SER C 28 -23.01 3.12 -20.80
C SER C 28 -21.75 2.63 -21.52
N GLY C 29 -21.00 1.76 -20.84
CA GLY C 29 -19.70 1.34 -21.32
C GLY C 29 -18.60 2.37 -21.13
N PHE C 30 -18.94 3.57 -20.69
CA PHE C 30 -17.99 4.60 -20.28
C PHE C 30 -18.73 5.47 -19.26
N ASN C 31 -18.05 6.50 -18.77
CA ASN C 31 -18.63 7.39 -17.76
C ASN C 31 -18.48 8.83 -18.21
N PHE C 32 -19.54 9.61 -17.99
CA PHE C 32 -19.76 10.88 -18.67
C PHE C 32 -18.52 11.74 -18.75
N SER C 33 -17.68 11.74 -17.72
CA SER C 33 -16.50 12.56 -17.80
C SER C 33 -15.67 12.26 -19.03
N SER C 34 -15.84 11.08 -19.61
CA SER C 34 -15.06 10.65 -20.76
C SER C 34 -15.61 11.13 -22.09
N SER C 35 -16.63 11.97 -22.09
CA SER C 35 -17.37 12.22 -23.32
C SER C 35 -18.07 13.57 -23.27
N SER C 36 -18.82 13.85 -24.33
CA SER C 36 -19.77 14.96 -24.39
C SER C 36 -20.96 14.46 -25.21
N ILE C 37 -22.05 14.12 -24.52
CA ILE C 37 -23.20 13.53 -25.20
C ILE C 37 -23.88 14.59 -26.07
N HIS C 38 -24.27 14.18 -27.27
CA HIS C 38 -24.90 15.04 -28.27
C HIS C 38 -26.19 14.39 -28.77
N TRP C 39 -27.16 15.25 -29.11
CA TRP C 39 -28.36 14.83 -29.83
C TRP C 39 -28.35 15.52 -31.19
N VAL C 40 -29.10 14.94 -32.12
CA VAL C 40 -29.38 15.58 -33.40
C VAL C 40 -30.81 15.25 -33.81
N ARG C 41 -31.28 15.94 -34.84
CA ARG C 41 -32.63 15.79 -35.37
C ARG C 41 -32.54 15.22 -36.78
N GLN C 42 -33.32 14.17 -37.03
CA GLN C 42 -33.43 13.55 -38.36
C GLN C 42 -34.76 13.98 -38.95
N ALA C 43 -34.77 15.14 -39.60
CA ALA C 43 -35.97 15.62 -40.26
C ALA C 43 -36.19 14.87 -41.57
N PRO C 44 -37.36 14.27 -41.76
CA PRO C 44 -37.57 13.44 -42.95
C PRO C 44 -37.42 14.24 -44.23
N GLY C 45 -36.70 13.66 -45.19
CA GLY C 45 -36.48 14.33 -46.45
C GLY C 45 -35.35 15.34 -46.45
N LYS C 46 -34.56 15.38 -45.40
CA LYS C 46 -33.42 16.29 -45.31
C LYS C 46 -32.25 15.55 -44.70
N GLY C 47 -31.19 16.29 -44.40
CA GLY C 47 -30.04 15.73 -43.73
C GLY C 47 -30.28 15.56 -42.25
N LEU C 48 -29.16 15.50 -41.53
CA LEU C 48 -29.20 15.48 -40.07
C LEU C 48 -29.07 16.89 -39.53
N GLU C 49 -29.64 17.13 -38.35
CA GLU C 49 -29.75 18.48 -37.79
C GLU C 49 -29.49 18.45 -36.27
N TRP C 50 -28.52 19.24 -35.84
CA TRP C 50 -28.06 19.26 -34.45
C TRP C 50 -28.99 20.09 -33.56
N VAL C 51 -29.07 19.71 -32.28
CA VAL C 51 -29.97 20.36 -31.34
C VAL C 51 -29.24 20.96 -30.15
N ALA C 52 -28.28 20.24 -29.57
CA ALA C 52 -27.66 20.70 -28.33
C ALA C 52 -26.38 19.93 -28.06
N SER C 53 -25.73 20.31 -26.96
CA SER C 53 -24.43 19.75 -26.59
C SER C 53 -24.18 20.03 -25.10
N ILE C 54 -24.01 18.97 -24.32
CA ILE C 54 -23.60 19.08 -22.93
C ILE C 54 -22.38 18.20 -22.72
N SER C 55 -21.47 18.63 -21.84
CA SER C 55 -20.30 17.87 -21.45
C SER C 55 -20.21 17.95 -19.94
N SER C 56 -20.55 16.85 -19.25
CA SER C 56 -20.64 16.90 -17.80
C SER C 56 -19.28 17.10 -17.15
N SER C 57 -18.21 17.00 -17.94
CA SER C 57 -16.91 17.38 -17.43
C SER C 57 -16.86 18.85 -17.02
N SER C 58 -17.34 19.75 -17.88
CA SER C 58 -17.37 21.17 -17.58
C SER C 58 -18.79 21.71 -17.45
N GLY C 59 -19.81 20.89 -17.66
CA GLY C 59 -21.19 21.35 -17.58
C GLY C 59 -21.61 22.33 -18.65
N SER C 60 -20.88 22.36 -19.76
CA SER C 60 -21.13 23.29 -20.85
C SER C 60 -22.52 23.03 -21.44
N THR C 61 -23.01 24.00 -22.22
CA THR C 61 -24.34 23.90 -22.79
C THR C 61 -24.45 24.82 -24.00
N SER C 62 -24.54 24.24 -25.19
CA SER C 62 -24.70 24.98 -26.44
C SER C 62 -25.92 24.43 -27.17
N TYR C 63 -26.95 25.25 -27.30
CA TYR C 63 -28.17 24.81 -27.95
C TYR C 63 -28.21 25.25 -29.41
N ALA C 64 -29.12 24.63 -30.17
CA ALA C 64 -29.42 25.08 -31.52
C ALA C 64 -30.24 26.36 -31.43
N ASP C 65 -30.73 26.85 -32.57
CA ASP C 65 -31.48 28.10 -32.60
C ASP C 65 -32.98 27.91 -32.73
N SER C 66 -33.45 26.74 -33.18
CA SER C 66 -34.89 26.48 -33.25
C SER C 66 -35.41 25.99 -31.90
N VAL C 67 -34.81 24.93 -31.38
CA VAL C 67 -35.24 24.33 -30.11
C VAL C 67 -34.63 25.14 -28.97
N LYS C 68 -34.00 26.25 -29.34
CA LYS C 68 -33.36 27.17 -28.40
C LYS C 68 -34.33 27.61 -27.30
N GLY C 69 -33.80 27.82 -26.11
CA GLY C 69 -34.54 28.51 -25.07
C GLY C 69 -35.64 27.70 -24.40
N ARG C 70 -36.45 27.00 -25.19
CA ARG C 70 -37.58 26.27 -24.64
C ARG C 70 -37.20 24.89 -24.12
N PHE C 71 -35.95 24.48 -24.31
CA PHE C 71 -35.49 23.14 -23.97
C PHE C 71 -34.46 23.21 -22.84
N THR C 72 -33.92 22.05 -22.49
CA THR C 72 -32.77 21.94 -21.58
C THR C 72 -32.16 20.55 -21.66
N ILE C 73 -30.84 20.45 -21.55
CA ILE C 73 -30.14 19.19 -21.41
C ILE C 73 -29.43 19.17 -20.06
N SER C 74 -29.73 18.16 -19.25
CA SER C 74 -29.27 18.11 -17.85
C SER C 74 -28.74 16.72 -17.56
N ALA C 75 -27.45 16.53 -17.77
CA ALA C 75 -26.82 15.23 -17.52
C ALA C 75 -26.38 15.13 -16.08
N ASP C 76 -26.28 13.89 -15.58
CA ASP C 76 -25.87 13.62 -14.20
C ASP C 76 -24.77 12.57 -14.21
N THR C 77 -23.53 13.01 -14.02
CA THR C 77 -22.41 12.09 -14.01
C THR C 77 -22.58 11.01 -12.93
N SER C 78 -23.42 11.26 -11.94
CA SER C 78 -23.71 10.23 -10.93
C SER C 78 -24.47 9.07 -11.56
N LYS C 79 -25.63 9.35 -12.15
CA LYS C 79 -26.53 8.31 -12.67
C LYS C 79 -26.23 7.93 -14.12
N ASN C 80 -25.34 8.65 -14.82
CA ASN C 80 -24.94 8.32 -16.18
C ASN C 80 -26.13 8.30 -17.14
N THR C 81 -26.75 9.46 -17.33
CA THR C 81 -27.79 9.59 -18.36
C THR C 81 -27.93 11.06 -18.72
N ALA C 82 -27.89 11.37 -20.02
CA ALA C 82 -28.19 12.72 -20.48
C ALA C 82 -29.71 12.90 -20.60
N TYR C 83 -30.15 14.14 -20.41
CA TYR C 83 -31.56 14.42 -20.16
C TYR C 83 -31.97 15.67 -20.92
N LEU C 84 -32.58 15.50 -22.08
CA LEU C 84 -33.07 16.59 -22.90
C LEU C 84 -34.59 16.64 -22.77
N GLN C 85 -35.10 17.69 -22.16
CA GLN C 85 -36.55 17.80 -21.94
C GLN C 85 -37.17 18.57 -23.09
N MET C 86 -37.89 17.86 -23.95
CA MET C 86 -38.66 18.49 -25.01
C MET C 86 -39.98 19.00 -24.45
N ASN C 87 -40.06 20.31 -24.19
CA ASN C 87 -41.29 20.97 -23.81
C ASN C 87 -41.67 21.96 -24.92
N SER C 88 -42.82 22.60 -24.77
CA SER C 88 -43.32 23.54 -25.76
C SER C 88 -43.43 22.89 -27.14
N LEU C 89 -44.29 21.88 -27.21
CA LEU C 89 -44.33 20.99 -28.36
C LEU C 89 -45.21 21.59 -29.45
N ARG C 90 -44.59 22.11 -30.50
CA ARG C 90 -45.27 22.40 -31.74
C ARG C 90 -45.12 21.19 -32.67
N ALA C 91 -45.40 21.37 -33.96
CA ALA C 91 -45.52 20.24 -34.86
C ALA C 91 -44.16 19.69 -35.32
N GLU C 92 -43.37 20.51 -36.02
CA GLU C 92 -42.20 19.99 -36.74
C GLU C 92 -41.13 19.41 -35.81
N ASP C 93 -41.31 19.53 -34.49
CA ASP C 93 -40.37 18.94 -33.56
C ASP C 93 -40.36 17.42 -33.61
N THR C 94 -41.18 16.80 -34.46
CA THR C 94 -41.21 15.36 -34.60
C THR C 94 -40.10 14.86 -35.52
N ALA C 95 -39.46 13.77 -35.12
CA ALA C 95 -38.39 13.12 -35.87
C ALA C 95 -37.96 11.86 -35.12
N VAL C 96 -36.96 11.18 -35.66
CA VAL C 96 -36.18 10.22 -34.88
C VAL C 96 -34.92 10.94 -34.40
N TYR C 97 -34.61 10.81 -33.12
CA TYR C 97 -33.64 11.68 -32.48
C TYR C 97 -32.36 10.90 -32.20
N TYR C 98 -31.46 10.89 -33.17
CA TYR C 98 -30.16 10.26 -32.96
C TYR C 98 -29.46 10.98 -31.81
N CYS C 99 -29.32 10.26 -30.69
CA CYS C 99 -28.54 10.71 -29.56
C CYS C 99 -27.15 10.09 -29.67
N ALA C 100 -26.12 10.90 -29.53
CA ALA C 100 -24.80 10.52 -29.98
C ALA C 100 -23.85 10.51 -28.80
N ARG C 101 -22.57 10.31 -29.10
CA ARG C 101 -21.49 10.21 -28.14
C ARG C 101 -20.27 10.95 -28.70
N ALA C 102 -19.20 11.00 -27.91
CA ALA C 102 -18.03 11.79 -28.26
C ALA C 102 -16.88 11.38 -27.35
N TYR C 103 -15.65 11.52 -27.83
CA TYR C 103 -14.52 11.51 -26.92
C TYR C 103 -13.99 12.93 -26.72
N ILE C 104 -13.97 13.38 -25.47
CA ILE C 104 -13.45 14.70 -25.12
C ILE C 104 -12.00 14.66 -24.66
N TRP C 105 -11.48 13.49 -24.32
CA TRP C 105 -10.08 13.35 -23.98
C TRP C 105 -9.28 12.79 -25.13
N TRP C 106 -9.63 13.16 -26.34
CA TRP C 106 -8.68 13.03 -27.44
C TRP C 106 -9.03 14.16 -28.40
N TYR C 107 -8.42 15.32 -28.18
CA TYR C 107 -8.71 16.55 -28.96
C TYR C 107 -8.47 16.34 -30.46
N GLN C 108 -7.62 15.39 -30.84
CA GLN C 108 -7.32 15.13 -32.24
C GLN C 108 -8.56 14.78 -33.05
N MET C 109 -9.52 14.12 -32.41
CA MET C 109 -10.76 13.72 -33.06
C MET C 109 -11.44 14.88 -33.77
N ARG C 110 -11.71 15.95 -33.02
CA ARG C 110 -12.38 17.15 -33.54
C ARG C 110 -13.69 16.83 -34.28
N GLN C 111 -14.50 15.97 -33.66
CA GLN C 111 -15.78 15.53 -34.20
C GLN C 111 -16.45 14.80 -33.06
N ALA C 112 -17.20 15.53 -32.24
CA ALA C 112 -17.83 14.92 -31.07
C ALA C 112 -19.03 14.09 -31.47
N MET C 113 -18.86 13.21 -32.47
CA MET C 113 -19.95 12.40 -32.99
C MET C 113 -19.46 10.99 -33.27
N ASP C 114 -18.48 10.53 -32.50
CA ASP C 114 -17.82 9.25 -32.76
C ASP C 114 -18.79 8.07 -32.75
N TYR C 115 -19.76 8.08 -31.87
CA TYR C 115 -20.73 7.00 -31.82
C TYR C 115 -22.11 7.55 -32.11
N TRP C 116 -23.08 6.65 -32.29
CA TRP C 116 -24.44 7.04 -32.60
C TRP C 116 -25.41 6.01 -32.07
N GLY C 117 -26.52 6.49 -31.51
CA GLY C 117 -27.63 5.65 -31.14
C GLY C 117 -28.71 5.75 -32.20
N GLN C 118 -29.63 4.78 -32.19
CA GLN C 118 -30.69 4.74 -33.20
C GLN C 118 -31.58 5.97 -33.14
N GLY C 119 -31.97 6.41 -31.94
CA GLY C 119 -32.80 7.58 -31.80
C GLY C 119 -34.25 7.29 -31.44
N THR C 120 -34.77 7.98 -30.43
CA THR C 120 -36.16 7.79 -30.01
C THR C 120 -37.00 8.60 -30.98
N LEU C 121 -37.62 7.90 -31.93
CA LEU C 121 -38.52 8.53 -32.89
C LEU C 121 -39.67 9.23 -32.17
N VAL C 122 -39.72 10.55 -32.28
CA VAL C 122 -40.77 11.33 -31.63
C VAL C 122 -41.80 11.73 -32.68
N THR C 123 -43.07 11.50 -32.38
CA THR C 123 -44.14 11.60 -33.37
C THR C 123 -45.27 12.48 -32.86
N VAL C 124 -45.41 13.66 -33.45
CA VAL C 124 -46.62 14.46 -33.32
C VAL C 124 -47.63 13.93 -34.32
N SER C 125 -48.91 13.91 -33.93
CA SER C 125 -49.94 13.44 -34.86
C SER C 125 -51.25 14.19 -34.72
N SER C 126 -52.31 13.64 -35.30
CA SER C 126 -53.62 14.28 -35.26
C SER C 126 -54.70 13.21 -35.11
N ALA C 127 -55.29 13.13 -33.92
CA ALA C 127 -56.46 12.29 -33.66
C ALA C 127 -56.20 10.83 -34.05
N SER C 128 -55.27 10.24 -33.31
CA SER C 128 -54.77 8.89 -33.58
C SER C 128 -55.83 7.84 -33.26
N THR C 129 -55.42 6.57 -33.24
CA THR C 129 -56.24 5.43 -32.84
C THR C 129 -57.43 5.24 -33.80
N LYS C 130 -57.10 4.99 -35.06
CA LYS C 130 -58.11 4.67 -36.09
C LYS C 130 -57.62 3.50 -36.92
N GLY C 131 -58.46 2.47 -37.04
CA GLY C 131 -58.17 1.31 -37.83
C GLY C 131 -58.29 1.55 -39.32
N PRO C 132 -57.57 0.77 -40.11
CA PRO C 132 -57.47 0.99 -41.55
C PRO C 132 -58.69 0.46 -42.29
N SER C 133 -58.60 0.50 -43.62
CA SER C 133 -59.60 -0.09 -44.49
C SER C 133 -58.91 -0.60 -45.75
N VAL C 134 -59.34 -1.78 -46.20
CA VAL C 134 -58.86 -2.37 -47.44
C VAL C 134 -59.83 -1.99 -48.57
N PHE C 135 -59.28 -1.45 -49.65
CA PHE C 135 -60.09 -1.06 -50.79
C PHE C 135 -59.47 -1.66 -52.05
N PRO C 136 -60.26 -2.23 -52.96
CA PRO C 136 -59.66 -2.93 -54.09
C PRO C 136 -59.18 -1.95 -55.15
N LEU C 137 -57.86 -1.95 -55.40
CA LEU C 137 -57.28 -1.19 -56.50
C LEU C 137 -57.51 -2.01 -57.77
N ALA C 138 -58.79 -2.27 -58.03
CA ALA C 138 -59.21 -3.34 -58.92
C ALA C 138 -58.81 -3.06 -60.36
N PRO C 139 -58.19 -4.01 -61.05
CA PRO C 139 -57.90 -3.82 -62.48
C PRO C 139 -59.19 -3.82 -63.29
N SER C 140 -59.30 -2.84 -64.18
CA SER C 140 -60.37 -2.86 -65.17
C SER C 140 -60.12 -3.97 -66.18
N SER C 141 -61.17 -4.36 -66.90
CA SER C 141 -61.05 -5.44 -67.86
C SER C 141 -60.21 -5.04 -69.09
N LYS C 142 -60.06 -3.75 -69.35
CA LYS C 142 -59.20 -3.28 -70.42
C LYS C 142 -57.72 -3.47 -70.10
N SER C 143 -57.38 -3.69 -68.83
CA SER C 143 -55.98 -3.79 -68.43
C SER C 143 -55.25 -4.86 -69.22
N THR C 144 -53.92 -4.69 -69.33
CA THR C 144 -53.10 -5.48 -70.24
C THR C 144 -53.06 -6.95 -69.85
N SER C 145 -53.77 -7.79 -70.59
CA SER C 145 -53.72 -9.22 -70.38
C SER C 145 -52.59 -9.82 -71.20
N GLY C 146 -51.98 -10.89 -70.67
CA GLY C 146 -50.84 -11.51 -71.32
C GLY C 146 -49.53 -10.78 -71.13
N GLY C 147 -49.57 -9.49 -70.79
CA GLY C 147 -48.37 -8.74 -70.49
C GLY C 147 -48.21 -8.59 -68.98
N THR C 148 -48.60 -7.42 -68.45
CA THR C 148 -48.61 -7.18 -67.02
C THR C 148 -49.87 -6.39 -66.69
N ALA C 149 -50.86 -7.04 -66.07
CA ALA C 149 -52.06 -6.38 -65.58
C ALA C 149 -51.86 -6.19 -64.08
N ALA C 150 -51.14 -5.13 -63.72
CA ALA C 150 -50.90 -4.82 -62.32
C ALA C 150 -52.23 -4.65 -61.58
N LEU C 151 -52.20 -4.91 -60.28
CA LEU C 151 -53.39 -4.80 -59.46
C LEU C 151 -52.96 -4.61 -58.01
N GLY C 152 -53.93 -4.53 -57.12
CA GLY C 152 -53.58 -4.40 -55.72
C GLY C 152 -54.77 -4.04 -54.85
N CYS C 153 -54.46 -3.67 -53.62
CA CYS C 153 -55.46 -3.15 -52.70
C CYS C 153 -54.80 -2.13 -51.78
N LEU C 154 -55.52 -1.05 -51.52
CA LEU C 154 -55.02 0.11 -50.80
C LEU C 154 -55.45 0.06 -49.34
N VAL C 155 -54.53 0.43 -48.46
CA VAL C 155 -54.82 0.64 -47.04
C VAL C 155 -55.12 2.12 -46.84
N LYS C 156 -56.37 2.44 -46.56
CA LYS C 156 -56.82 3.82 -46.42
C LYS C 156 -57.25 4.09 -44.99
N ASP C 157 -57.06 5.34 -44.56
CA ASP C 157 -57.59 5.85 -43.30
C ASP C 157 -57.12 5.00 -42.12
N TYR C 158 -55.81 5.05 -41.86
CA TYR C 158 -55.19 4.26 -40.82
C TYR C 158 -54.21 5.09 -40.02
N PHE C 159 -54.04 4.72 -38.75
CA PHE C 159 -52.99 5.26 -37.88
C PHE C 159 -52.88 4.41 -36.63
N PRO C 160 -51.67 4.15 -36.13
CA PRO C 160 -50.42 4.60 -36.75
C PRO C 160 -49.74 3.54 -37.60
N GLU C 161 -48.55 3.88 -38.07
CA GLU C 161 -47.73 2.98 -38.86
C GLU C 161 -46.72 2.26 -37.97
N PRO C 162 -46.29 1.05 -38.35
CA PRO C 162 -46.58 0.34 -39.60
C PRO C 162 -47.82 -0.56 -39.54
N VAL C 163 -48.36 -0.86 -40.72
CA VAL C 163 -49.45 -1.82 -40.89
C VAL C 163 -48.95 -2.92 -41.81
N THR C 164 -49.06 -4.16 -41.38
CA THR C 164 -48.49 -5.28 -42.11
C THR C 164 -49.45 -5.72 -43.22
N VAL C 165 -49.01 -5.58 -44.46
CA VAL C 165 -49.82 -5.93 -45.62
C VAL C 165 -49.16 -7.11 -46.32
N SER C 166 -49.91 -8.18 -46.52
CA SER C 166 -49.41 -9.36 -47.19
C SER C 166 -50.35 -9.77 -48.31
N TRP C 167 -49.84 -10.63 -49.20
CA TRP C 167 -50.58 -11.10 -50.36
C TRP C 167 -50.64 -12.62 -50.36
N ASN C 168 -51.73 -13.16 -50.89
CA ASN C 168 -51.90 -14.60 -51.08
C ASN C 168 -51.76 -15.37 -49.77
N SER C 169 -51.95 -14.69 -48.64
CA SER C 169 -51.72 -15.25 -47.31
C SER C 169 -50.29 -15.80 -47.21
N GLY C 170 -49.34 -14.97 -47.65
CA GLY C 170 -47.95 -15.32 -47.59
C GLY C 170 -47.48 -16.28 -48.67
N ALA C 171 -48.27 -16.52 -49.71
CA ALA C 171 -47.88 -17.41 -50.79
C ALA C 171 -47.28 -16.68 -51.99
N LEU C 172 -47.34 -15.34 -52.02
CA LEU C 172 -46.75 -14.60 -53.11
C LEU C 172 -46.56 -13.15 -52.68
N THR C 173 -45.31 -12.71 -52.65
CA THR C 173 -45.00 -11.30 -52.38
C THR C 173 -44.03 -10.70 -53.39
N SER C 174 -43.30 -11.50 -54.15
CA SER C 174 -42.48 -10.97 -55.23
C SER C 174 -43.38 -10.61 -56.41
N GLY C 175 -42.95 -9.63 -57.20
CA GLY C 175 -43.83 -9.01 -58.16
C GLY C 175 -44.78 -8.00 -57.55
N VAL C 176 -44.97 -8.02 -56.24
CA VAL C 176 -45.67 -6.95 -55.53
C VAL C 176 -44.66 -5.84 -55.25
N HIS C 177 -45.05 -4.60 -55.50
CA HIS C 177 -44.23 -3.45 -55.19
C HIS C 177 -44.83 -2.71 -54.00
N THR C 178 -44.17 -2.83 -52.84
CA THR C 178 -44.64 -2.23 -51.59
C THR C 178 -44.23 -0.76 -51.57
N PHE C 179 -45.23 0.12 -51.62
CA PHE C 179 -44.95 1.54 -51.60
C PHE C 179 -44.86 2.05 -50.16
N PRO C 180 -44.03 3.07 -49.92
CA PRO C 180 -43.91 3.62 -48.57
C PRO C 180 -45.15 4.39 -48.17
N ALA C 181 -45.44 4.37 -46.87
CA ALA C 181 -46.60 5.08 -46.35
C ALA C 181 -46.35 6.58 -46.38
N VAL C 182 -46.80 7.26 -47.43
CA VAL C 182 -46.60 8.69 -47.55
C VAL C 182 -47.74 9.42 -46.85
N LEU C 183 -47.45 10.60 -46.33
CA LEU C 183 -48.39 11.34 -45.50
C LEU C 183 -49.62 11.77 -46.27
N GLN C 184 -50.78 11.60 -45.64
CA GLN C 184 -52.02 12.17 -46.12
C GLN C 184 -52.27 13.49 -45.38
N SER C 185 -53.09 14.36 -45.98
CA SER C 185 -53.41 15.65 -45.40
C SER C 185 -53.98 15.55 -44.00
N SER C 186 -54.67 14.45 -43.69
CA SER C 186 -55.29 14.25 -42.39
C SER C 186 -54.29 13.81 -41.34
N GLY C 187 -53.00 13.99 -41.59
CA GLY C 187 -51.98 13.41 -40.74
C GLY C 187 -51.85 11.91 -40.88
N LEU C 188 -52.82 11.25 -41.50
CA LEU C 188 -52.72 9.84 -41.78
C LEU C 188 -51.80 9.62 -42.98
N TYR C 189 -51.72 8.38 -43.42
CA TYR C 189 -50.80 8.01 -44.46
C TYR C 189 -51.50 7.15 -45.50
N SER C 190 -50.73 6.75 -46.52
CA SER C 190 -51.24 5.93 -47.61
C SER C 190 -50.09 5.15 -48.20
N LEU C 191 -50.28 3.85 -48.38
CA LEU C 191 -49.27 3.00 -49.01
C LEU C 191 -49.98 2.00 -49.93
N SER C 192 -49.38 1.75 -51.08
CA SER C 192 -49.92 0.83 -52.06
C SER C 192 -48.99 -0.38 -52.21
N SER C 193 -49.57 -1.49 -52.65
CA SER C 193 -48.83 -2.73 -52.89
C SER C 193 -49.28 -3.28 -54.22
N VAL C 194 -48.62 -2.85 -55.30
CA VAL C 194 -49.04 -3.16 -56.66
C VAL C 194 -48.31 -4.41 -57.13
N VAL C 195 -49.05 -5.27 -57.83
CA VAL C 195 -48.57 -6.59 -58.22
C VAL C 195 -48.60 -6.68 -59.74
N THR C 196 -47.56 -7.30 -60.29
CA THR C 196 -47.37 -7.44 -61.73
C THR C 196 -47.70 -8.86 -62.14
N VAL C 197 -48.73 -9.01 -62.97
CA VAL C 197 -49.16 -10.34 -63.43
C VAL C 197 -50.02 -10.19 -64.67
N PRO C 198 -49.91 -11.08 -65.65
CA PRO C 198 -50.84 -11.07 -66.78
C PRO C 198 -52.26 -11.41 -66.33
N SER C 199 -53.22 -10.65 -66.85
CA SER C 199 -54.61 -10.78 -66.44
C SER C 199 -55.22 -12.14 -66.78
N SER C 200 -54.49 -13.01 -67.47
CA SER C 200 -55.03 -14.33 -67.81
C SER C 200 -55.15 -15.23 -66.59
N SER C 201 -54.35 -14.97 -65.55
CA SER C 201 -54.48 -15.72 -64.30
C SER C 201 -55.63 -15.24 -63.44
N LEU C 202 -55.99 -13.95 -63.54
CA LEU C 202 -57.19 -13.49 -62.87
C LEU C 202 -58.45 -14.09 -63.47
N GLY C 203 -58.41 -14.50 -64.74
CA GLY C 203 -59.54 -15.18 -65.33
C GLY C 203 -59.84 -16.50 -64.67
N THR C 204 -58.84 -17.07 -63.98
CA THR C 204 -59.00 -18.35 -63.29
C THR C 204 -58.86 -18.24 -61.79
N GLN C 205 -57.87 -17.50 -61.30
CA GLN C 205 -57.59 -17.41 -59.87
C GLN C 205 -57.79 -15.99 -59.37
N THR C 206 -58.24 -15.87 -58.13
CA THR C 206 -58.38 -14.59 -57.46
C THR C 206 -57.39 -14.51 -56.31
N TYR C 207 -56.87 -13.31 -56.07
CA TYR C 207 -55.87 -13.09 -55.03
C TYR C 207 -56.48 -12.23 -53.93
N ILE C 208 -56.24 -12.63 -52.68
CA ILE C 208 -56.78 -11.96 -51.52
C ILE C 208 -55.62 -11.28 -50.82
N CYS C 209 -55.80 -10.02 -50.43
CA CYS C 209 -54.76 -9.31 -49.70
C CYS C 209 -55.18 -9.17 -48.23
N ASN C 210 -54.21 -9.30 -47.34
CA ASN C 210 -54.47 -9.24 -45.90
C ASN C 210 -53.80 -8.01 -45.30
N VAL C 211 -54.49 -7.34 -44.38
CA VAL C 211 -54.00 -6.13 -43.74
C VAL C 211 -54.16 -6.29 -42.23
N ASN C 212 -53.06 -6.13 -41.51
CA ASN C 212 -53.08 -6.29 -40.06
C ASN C 212 -52.51 -5.02 -39.44
N HIS C 213 -53.38 -4.23 -38.81
CA HIS C 213 -53.00 -3.03 -38.08
C HIS C 213 -53.01 -3.38 -36.59
N LYS C 214 -51.94 -4.04 -36.15
CA LYS C 214 -51.76 -4.26 -34.72
C LYS C 214 -51.49 -2.96 -33.96
N PRO C 215 -50.90 -1.90 -34.56
CA PRO C 215 -50.95 -0.58 -33.92
C PRO C 215 -52.37 -0.05 -33.76
N SER C 216 -53.36 -0.78 -34.30
CA SER C 216 -54.76 -0.43 -34.11
C SER C 216 -55.64 -1.65 -33.86
N ASN C 217 -55.05 -2.84 -33.77
CA ASN C 217 -55.74 -4.09 -33.43
C ASN C 217 -56.83 -4.47 -34.43
N THR C 218 -56.53 -4.43 -35.73
CA THR C 218 -57.50 -4.79 -36.76
C THR C 218 -56.88 -5.81 -37.70
N LYS C 219 -57.69 -6.72 -38.23
CA LYS C 219 -57.32 -7.63 -39.30
C LYS C 219 -58.40 -7.57 -40.37
N VAL C 220 -58.12 -6.89 -41.47
CA VAL C 220 -59.11 -6.69 -42.54
C VAL C 220 -58.57 -7.28 -43.84
N ASP C 221 -59.46 -7.95 -44.57
CA ASP C 221 -59.08 -8.68 -45.77
C ASP C 221 -60.04 -8.34 -46.91
N LYS C 222 -59.64 -8.68 -48.12
CA LYS C 222 -60.49 -8.60 -49.30
C LYS C 222 -59.82 -9.31 -50.47
N LYS C 223 -60.61 -10.06 -51.23
CA LYS C 223 -60.16 -10.62 -52.48
C LYS C 223 -60.28 -9.58 -53.58
N VAL C 224 -59.14 -9.14 -54.13
CA VAL C 224 -59.13 -8.21 -55.25
C VAL C 224 -59.60 -8.98 -56.48
N GLU C 225 -60.47 -8.35 -57.28
CA GLU C 225 -61.14 -9.04 -58.37
C GLU C 225 -60.99 -8.25 -59.66
N PRO C 226 -61.19 -8.90 -60.81
CA PRO C 226 -61.26 -8.15 -62.08
C PRO C 226 -62.53 -7.31 -62.13
N LYS C 227 -62.37 -6.02 -62.41
CA LYS C 227 -63.51 -5.11 -62.38
C LYS C 227 -64.43 -5.37 -63.57
N SER C 228 -65.57 -6.00 -63.29
CA SER C 228 -66.63 -6.20 -64.26
C SER C 228 -67.83 -5.38 -63.80
N CYS C 229 -67.85 -4.11 -64.21
CA CYS C 229 -68.87 -3.17 -63.75
C CYS C 229 -70.26 -3.62 -64.17
N ILE D 3 10.17 -23.79 44.83
CA ILE D 3 10.69 -23.34 43.55
C ILE D 3 11.57 -24.39 42.90
N GLN D 4 11.71 -25.55 43.54
CA GLN D 4 12.69 -26.54 43.13
C GLN D 4 12.02 -27.89 42.94
N MET D 5 12.85 -28.92 42.76
CA MET D 5 12.43 -30.25 42.38
C MET D 5 13.22 -31.30 43.15
N THR D 6 12.64 -32.47 43.34
CA THR D 6 13.29 -33.62 43.98
C THR D 6 12.94 -34.86 43.18
N GLN D 7 13.95 -35.52 42.62
CA GLN D 7 13.71 -36.72 41.83
C GLN D 7 13.82 -37.98 42.70
N SER D 8 12.67 -38.52 43.09
CA SER D 8 12.62 -39.82 43.75
C SER D 8 12.71 -40.98 42.75
N PRO D 9 11.92 -40.99 41.64
CA PRO D 9 11.88 -42.22 40.84
C PRO D 9 13.09 -42.35 39.91
N SER D 10 14.19 -42.83 40.48
CA SER D 10 15.41 -43.01 39.73
C SER D 10 15.61 -44.47 39.34
N SER D 11 15.93 -44.68 38.06
CA SER D 11 16.34 -45.97 37.50
C SER D 11 15.37 -47.10 37.90
N LEU D 12 14.11 -46.94 37.51
CA LEU D 12 13.13 -48.00 37.72
C LEU D 12 13.02 -48.85 36.46
N SER D 13 13.29 -50.15 36.59
CA SER D 13 13.41 -51.03 35.43
C SER D 13 12.38 -52.15 35.47
N ALA D 14 11.17 -51.86 35.94
CA ALA D 14 10.17 -52.91 36.16
C ALA D 14 9.69 -53.46 34.81
N SER D 15 8.99 -54.59 34.87
CA SER D 15 8.61 -55.34 33.68
C SER D 15 7.41 -54.71 32.98
N VAL D 16 7.31 -55.01 31.68
CA VAL D 16 6.21 -54.56 30.85
C VAL D 16 4.90 -55.05 31.42
N GLY D 17 3.87 -54.20 31.38
CA GLY D 17 2.55 -54.60 31.77
C GLY D 17 2.31 -54.60 33.26
N ASP D 18 3.04 -53.78 34.00
CA ASP D 18 2.83 -53.67 35.44
C ASP D 18 2.95 -52.21 35.84
N ARG D 19 2.46 -51.91 37.04
CA ARG D 19 2.29 -50.54 37.50
C ARG D 19 3.64 -49.94 37.87
N VAL D 20 4.30 -49.30 36.90
CA VAL D 20 5.59 -48.66 37.09
C VAL D 20 5.33 -47.19 37.39
N THR D 21 5.73 -46.75 38.58
CA THR D 21 5.33 -45.46 39.11
C THR D 21 6.50 -44.49 39.08
N ILE D 22 6.27 -43.34 38.43
CA ILE D 22 7.15 -42.20 38.48
C ILE D 22 6.57 -41.24 39.50
N THR D 23 7.26 -41.10 40.64
CA THR D 23 6.83 -40.19 41.70
C THR D 23 7.94 -39.18 41.97
N CYS D 24 7.94 -38.09 41.21
CA CYS D 24 8.94 -37.03 41.36
C CYS D 24 8.29 -35.90 42.13
N ARG D 25 8.82 -35.59 43.30
CA ARG D 25 8.23 -34.56 44.15
C ARG D 25 8.87 -33.21 43.90
N ALA D 26 8.01 -32.20 43.76
CA ALA D 26 8.44 -30.81 43.62
C ALA D 26 8.77 -30.22 44.98
N SER D 27 9.03 -28.93 45.02
CA SER D 27 9.22 -28.21 46.28
C SER D 27 7.90 -27.61 46.75
N GLN D 28 7.99 -26.64 47.66
CA GLN D 28 6.90 -26.32 48.57
C GLN D 28 5.61 -25.98 47.83
N SER D 29 5.57 -24.85 47.14
CA SER D 29 4.32 -24.36 46.55
C SER D 29 4.54 -23.96 45.10
N VAL D 30 5.16 -24.85 44.32
CA VAL D 30 5.01 -24.78 42.88
C VAL D 30 3.53 -24.80 42.51
N SER D 31 2.72 -25.46 43.33
CA SER D 31 1.26 -25.28 43.32
C SER D 31 0.66 -25.60 41.96
N SER D 32 0.69 -26.90 41.64
CA SER D 32 0.03 -27.45 40.46
C SER D 32 0.71 -27.04 39.16
N ALA D 33 2.02 -27.24 39.07
CA ALA D 33 2.76 -27.04 37.83
C ALA D 33 3.71 -28.19 37.52
N VAL D 34 3.21 -29.44 37.52
CA VAL D 34 4.08 -30.59 37.31
C VAL D 34 4.22 -30.81 35.81
N ALA D 35 5.20 -31.63 35.45
CA ALA D 35 5.44 -32.03 34.08
C ALA D 35 6.15 -33.38 34.06
N TRP D 36 5.78 -34.21 33.10
CA TRP D 36 6.40 -35.52 32.90
C TRP D 36 6.60 -35.70 31.41
N TYR D 37 7.84 -35.48 30.96
CA TYR D 37 8.14 -35.45 29.53
C TYR D 37 8.94 -36.69 29.16
N GLN D 38 8.82 -37.09 27.88
CA GLN D 38 9.52 -38.25 27.35
C GLN D 38 10.55 -37.81 26.30
N GLN D 39 11.79 -38.12 26.59
CA GLN D 39 12.85 -38.07 25.58
C GLN D 39 13.34 -39.48 25.33
N LYS D 40 13.11 -39.98 24.11
CA LYS D 40 13.75 -41.22 23.75
C LYS D 40 15.24 -41.02 23.68
N PRO D 41 16.03 -42.04 24.00
CA PRO D 41 17.48 -41.85 24.13
C PRO D 41 18.08 -41.18 22.90
N GLY D 42 18.68 -40.01 23.12
CA GLY D 42 19.27 -39.25 22.04
C GLY D 42 18.34 -38.32 21.31
N LYS D 43 17.51 -37.57 22.03
CA LYS D 43 16.56 -36.66 21.39
C LYS D 43 16.18 -35.52 22.32
N ALA D 44 15.24 -34.69 21.89
CA ALA D 44 14.62 -33.70 22.75
C ALA D 44 13.37 -34.30 23.38
N PRO D 45 13.02 -33.89 24.58
CA PRO D 45 11.84 -34.47 25.22
C PRO D 45 10.55 -34.12 24.49
N LYS D 46 9.57 -34.99 24.59
CA LYS D 46 8.23 -34.73 24.14
C LYS D 46 7.49 -34.06 25.29
N LEU D 47 6.18 -33.99 25.17
CA LEU D 47 5.32 -33.71 26.32
C LEU D 47 4.30 -34.82 26.42
N LEU D 48 4.03 -35.28 27.64
CA LEU D 48 3.09 -36.37 27.88
C LEU D 48 1.91 -35.94 28.74
N ILE D 49 2.08 -34.95 29.60
CA ILE D 49 1.04 -34.51 30.52
C ILE D 49 1.43 -33.15 31.09
N TYR D 50 0.42 -32.35 31.41
CA TYR D 50 0.62 -31.13 32.17
C TYR D 50 -0.49 -31.00 33.21
N SER D 51 -0.20 -30.24 34.27
CA SER D 51 -1.12 -30.01 35.38
C SER D 51 -1.48 -31.30 36.13
N ALA D 52 -0.92 -32.44 35.70
CA ALA D 52 -1.23 -33.75 36.27
C ALA D 52 -2.71 -34.06 36.16
N SER D 53 -3.42 -33.30 35.33
CA SER D 53 -4.86 -33.42 35.09
C SER D 53 -5.17 -33.64 33.62
N SER D 54 -4.29 -33.25 32.71
CA SER D 54 -4.55 -33.40 31.29
C SER D 54 -3.28 -33.83 30.55
N LEU D 55 -3.48 -34.61 29.50
CA LEU D 55 -2.41 -35.17 28.68
C LEU D 55 -2.35 -34.46 27.34
N TYR D 56 -1.19 -34.54 26.70
CA TYR D 56 -1.03 -33.98 25.36
C TYR D 56 -1.82 -34.82 24.36
N SER D 57 -2.45 -34.13 23.41
CA SER D 57 -3.21 -34.77 22.37
C SER D 57 -2.29 -35.63 21.51
N GLY D 58 -2.78 -36.82 21.17
CA GLY D 58 -1.98 -37.78 20.42
C GLY D 58 -1.03 -38.61 21.26
N VAL D 59 -1.40 -38.90 22.50
CA VAL D 59 -0.56 -39.67 23.42
C VAL D 59 -1.38 -40.83 23.98
N PRO D 60 -0.80 -42.01 24.20
CA PRO D 60 -1.55 -43.08 24.85
C PRO D 60 -1.96 -42.69 26.26
N SER D 61 -3.06 -43.28 26.72
CA SER D 61 -3.66 -42.96 28.01
C SER D 61 -3.21 -43.92 29.11
N ARG D 62 -1.90 -44.11 29.27
CA ARG D 62 -1.37 -44.92 30.36
C ARG D 62 -0.55 -44.11 31.36
N PHE D 63 -0.62 -42.78 31.29
CA PHE D 63 0.17 -41.91 32.14
C PHE D 63 -0.77 -41.22 33.13
N SER D 64 -1.02 -41.86 34.27
CA SER D 64 -2.02 -41.38 35.22
C SER D 64 -1.34 -40.68 36.40
N GLY D 65 -1.61 -39.39 36.55
CA GLY D 65 -1.00 -38.60 37.62
C GLY D 65 -2.02 -38.27 38.69
N SER D 66 -1.71 -38.68 39.93
CA SER D 66 -2.53 -38.42 41.10
C SER D 66 -1.83 -37.37 41.96
N ARG D 67 -2.58 -36.33 42.33
CA ARG D 67 -2.01 -35.16 42.97
C ARG D 67 -2.47 -35.11 44.43
N SER D 68 -1.52 -34.92 45.32
CA SER D 68 -1.76 -34.73 46.75
C SER D 68 -0.74 -33.71 47.24
N GLY D 69 -1.15 -32.45 47.31
CA GLY D 69 -0.29 -31.41 47.86
C GLY D 69 1.04 -31.25 47.16
N THR D 70 2.11 -31.71 47.82
CA THR D 70 3.46 -31.68 47.28
C THR D 70 3.81 -32.96 46.51
N ASP D 71 2.81 -33.63 45.95
CA ASP D 71 2.99 -34.95 45.39
C ASP D 71 2.26 -35.06 44.06
N PHE D 72 3.00 -35.32 42.99
CA PHE D 72 2.44 -35.74 41.72
C PHE D 72 2.96 -37.13 41.42
N THR D 73 2.05 -38.10 41.24
CA THR D 73 2.41 -39.50 41.12
C THR D 73 1.83 -40.07 39.84
N LEU D 74 2.67 -40.25 38.82
CA LEU D 74 2.22 -40.70 37.50
C LEU D 74 2.64 -42.15 37.30
N THR D 75 1.67 -43.02 37.10
CA THR D 75 1.90 -44.43 36.86
C THR D 75 1.75 -44.71 35.37
N ILE D 76 2.68 -45.50 34.82
CA ILE D 76 2.52 -46.15 33.52
C ILE D 76 2.26 -47.63 33.76
N SER D 77 1.28 -48.17 33.04
CA SER D 77 0.83 -49.54 33.29
C SER D 77 1.13 -50.50 32.16
N SER D 78 1.22 -50.04 30.92
CA SER D 78 1.37 -50.96 29.79
C SER D 78 2.84 -51.19 29.42
N LEU D 79 3.62 -50.12 29.36
CA LEU D 79 5.07 -50.19 29.07
C LEU D 79 5.34 -50.79 27.69
N GLN D 80 4.82 -50.13 26.67
CA GLN D 80 5.06 -50.55 25.30
C GLN D 80 6.54 -50.45 24.95
N PRO D 81 6.95 -50.95 23.79
CA PRO D 81 8.30 -50.66 23.29
C PRO D 81 8.55 -49.18 23.03
N GLU D 82 7.50 -48.36 22.86
CA GLU D 82 7.70 -46.93 22.80
C GLU D 82 8.00 -46.33 24.16
N ASP D 83 7.71 -47.05 25.24
CA ASP D 83 8.26 -46.73 26.55
C ASP D 83 9.69 -47.25 26.62
N PHE D 84 10.23 -47.36 27.83
CA PHE D 84 11.63 -47.71 28.03
C PHE D 84 12.49 -46.61 27.40
N ALA D 85 12.05 -45.37 27.57
CA ALA D 85 12.78 -44.19 27.14
C ALA D 85 12.94 -43.26 28.33
N THR D 86 13.73 -42.22 28.17
CA THR D 86 14.05 -41.36 29.28
C THR D 86 12.85 -40.47 29.63
N TYR D 87 12.59 -40.33 30.93
CA TYR D 87 11.52 -39.47 31.43
C TYR D 87 12.11 -38.34 32.27
N TYR D 88 11.33 -37.26 32.40
CA TYR D 88 11.79 -36.11 33.15
C TYR D 88 10.61 -35.45 33.85
N CYS D 89 10.89 -34.89 35.02
CA CYS D 89 9.92 -34.11 35.80
C CYS D 89 10.48 -32.69 35.93
N GLN D 90 9.67 -31.69 35.60
CA GLN D 90 10.12 -30.31 35.59
C GLN D 90 9.00 -29.34 35.95
N GLN D 91 9.39 -28.15 36.38
CA GLN D 91 8.52 -27.20 37.06
C GLN D 91 8.48 -25.87 36.31
N GLY D 92 7.27 -25.37 36.06
CA GLY D 92 7.12 -24.00 35.59
C GLY D 92 6.19 -23.13 36.43
N TYR D 93 6.75 -22.19 37.18
CA TYR D 93 5.98 -21.37 38.10
C TYR D 93 6.88 -20.31 38.72
N SER D 94 6.26 -19.26 39.24
CA SER D 94 6.95 -18.19 39.97
C SER D 94 8.17 -17.70 39.19
N LYS D 95 7.91 -17.18 37.99
CA LYS D 95 8.92 -16.53 37.17
C LYS D 95 10.00 -17.48 36.70
N LEU D 96 10.00 -18.74 37.15
CA LEU D 96 11.12 -19.60 36.83
C LEU D 96 10.67 -20.99 36.41
N ILE D 97 11.54 -21.67 35.69
CA ILE D 97 11.30 -23.04 35.25
C ILE D 97 12.57 -23.83 35.50
N THR D 98 12.42 -25.07 35.96
CA THR D 98 13.56 -25.92 36.28
C THR D 98 13.33 -27.31 35.73
N PHE D 99 14.37 -27.92 35.18
CA PHE D 99 14.31 -29.30 34.74
C PHE D 99 15.16 -30.16 35.66
N GLY D 100 14.80 -31.42 35.79
CA GLY D 100 15.56 -32.34 36.62
C GLY D 100 16.48 -33.22 35.81
N GLN D 101 17.43 -33.83 36.51
CA GLN D 101 18.37 -34.76 35.90
C GLN D 101 17.63 -35.91 35.23
N GLY D 102 18.31 -36.65 34.37
CA GLY D 102 17.65 -37.71 33.62
C GLY D 102 17.03 -38.76 34.52
N THR D 103 15.80 -39.13 34.17
CA THR D 103 15.17 -40.34 34.69
C THR D 103 14.83 -41.25 33.50
N LYS D 104 14.49 -42.50 33.80
CA LYS D 104 14.40 -43.52 32.76
C LYS D 104 13.69 -44.74 33.31
N VAL D 105 12.83 -45.35 32.50
CA VAL D 105 12.22 -46.64 32.81
C VAL D 105 12.86 -47.69 31.91
N GLU D 106 13.09 -48.89 32.44
CA GLU D 106 13.83 -49.92 31.73
C GLU D 106 13.12 -51.27 31.81
N ILE D 107 13.74 -52.26 31.17
CA ILE D 107 13.17 -53.62 31.11
C ILE D 107 13.69 -54.43 32.28
N LYS D 108 12.88 -55.39 32.74
CA LYS D 108 13.27 -56.28 33.83
C LYS D 108 13.48 -57.70 33.30
N ARG D 109 14.69 -58.21 33.48
CA ARG D 109 15.04 -59.54 33.01
C ARG D 109 15.58 -60.35 34.19
N THR D 110 16.12 -61.52 33.87
CA THR D 110 16.74 -62.40 34.84
C THR D 110 18.26 -62.26 34.77
N VAL D 111 18.90 -62.39 35.95
CA VAL D 111 20.35 -62.31 36.02
C VAL D 111 20.98 -63.21 34.97
N ALA D 112 21.99 -62.69 34.29
CA ALA D 112 22.63 -63.40 33.18
C ALA D 112 24.05 -63.74 33.57
N ALA D 113 24.71 -64.54 32.74
CA ALA D 113 26.09 -64.93 32.98
C ALA D 113 27.02 -63.79 32.62
N PRO D 114 27.66 -63.12 33.57
CA PRO D 114 28.54 -62.00 33.25
C PRO D 114 29.86 -62.50 32.67
N SER D 115 30.23 -61.95 31.51
CA SER D 115 31.47 -62.30 30.85
CA SER D 115 31.47 -62.31 30.86
C SER D 115 32.55 -61.29 31.21
N VAL D 116 33.61 -61.74 31.89
CA VAL D 116 34.70 -60.88 32.34
C VAL D 116 35.92 -61.19 31.49
N PHE D 117 36.59 -60.12 31.02
CA PHE D 117 37.78 -60.27 30.19
C PHE D 117 38.81 -59.22 30.59
N ILE D 118 40.08 -59.56 30.37
CA ILE D 118 41.19 -58.65 30.64
C ILE D 118 42.17 -58.72 29.48
N PHE D 119 42.71 -57.56 29.11
CA PHE D 119 43.64 -57.47 27.99
C PHE D 119 44.78 -56.56 28.40
N PRO D 120 46.02 -57.03 28.30
CA PRO D 120 47.18 -56.15 28.46
C PRO D 120 47.49 -55.45 27.16
N PRO D 121 48.15 -54.29 27.21
CA PRO D 121 48.55 -53.61 25.97
C PRO D 121 49.66 -54.36 25.26
N SER D 122 49.46 -54.57 23.96
CA SER D 122 50.44 -55.28 23.15
C SER D 122 51.64 -54.39 22.84
N ASP D 123 52.48 -54.84 21.90
CA ASP D 123 53.74 -54.20 21.59
C ASP D 123 53.58 -52.76 21.09
N SER D 124 52.41 -52.37 20.60
CA SER D 124 52.29 -51.08 19.92
C SER D 124 51.86 -49.97 20.87
N GLN D 125 51.27 -50.29 22.01
CA GLN D 125 50.88 -49.28 22.99
C GLN D 125 52.02 -48.88 23.91
N LEU D 126 53.03 -49.73 24.07
CA LEU D 126 54.09 -49.47 25.05
C LEU D 126 55.16 -48.52 24.51
N LYS D 127 55.14 -48.23 23.21
CA LYS D 127 56.20 -47.40 22.63
C LYS D 127 56.08 -45.94 23.08
N SER D 128 54.87 -45.41 23.15
CA SER D 128 54.66 -44.03 23.57
C SER D 128 54.86 -43.83 25.06
N GLY D 129 55.09 -44.90 25.82
CA GLY D 129 55.24 -44.82 27.25
C GLY D 129 53.94 -44.96 28.04
N THR D 130 52.85 -45.36 27.39
CA THR D 130 51.56 -45.44 28.03
C THR D 130 51.18 -46.89 28.27
N ALA D 131 50.21 -47.10 29.16
CA ALA D 131 49.73 -48.42 29.51
C ALA D 131 48.24 -48.33 29.83
N SER D 132 47.41 -48.94 29.00
CA SER D 132 45.95 -48.96 29.20
C SER D 132 45.51 -50.41 29.24
N VAL D 133 45.53 -50.99 30.43
CA VAL D 133 45.09 -52.36 30.64
C VAL D 133 43.58 -52.34 30.76
N VAL D 134 42.91 -53.16 29.95
CA VAL D 134 41.46 -53.03 29.79
C VAL D 134 40.75 -54.23 30.42
N CYS D 135 39.72 -53.94 31.19
CA CYS D 135 38.83 -54.91 31.79
C CYS D 135 37.44 -54.73 31.20
N LEU D 136 36.79 -55.83 30.84
CA LEU D 136 35.51 -55.79 30.16
C LEU D 136 34.51 -56.71 30.82
N LEU D 137 33.26 -56.27 30.86
CA LEU D 137 32.16 -57.04 31.44
C LEU D 137 30.99 -56.95 30.47
N ASN D 138 30.70 -58.07 29.79
CA ASN D 138 29.69 -58.12 28.75
C ASN D 138 28.55 -59.03 29.14
N ASN D 139 27.35 -58.71 28.64
CA ASN D 139 26.13 -59.49 28.83
C ASN D 139 25.82 -59.70 30.31
N PHE D 140 26.40 -58.85 31.14
CA PHE D 140 26.18 -58.91 32.59
C PHE D 140 24.86 -58.22 32.90
N TYR D 141 23.98 -58.93 33.58
CA TYR D 141 22.68 -58.39 33.99
C TYR D 141 22.53 -58.59 35.48
N PRO D 142 22.04 -57.59 36.23
CA PRO D 142 21.65 -56.29 35.68
C PRO D 142 22.82 -55.31 35.60
N ARG D 143 22.50 -54.04 35.40
CA ARG D 143 23.53 -53.01 35.33
C ARG D 143 24.19 -52.76 36.68
N GLU D 144 23.48 -53.03 37.77
CA GLU D 144 24.00 -52.77 39.11
C GLU D 144 25.11 -53.77 39.41
N ALA D 145 26.36 -53.33 39.24
CA ALA D 145 27.53 -54.16 39.45
C ALA D 145 28.68 -53.30 39.93
N LYS D 146 29.73 -53.95 40.44
CA LYS D 146 30.93 -53.27 40.90
C LYS D 146 32.14 -53.83 40.15
N VAL D 147 33.11 -52.95 39.87
CA VAL D 147 34.37 -53.37 39.23
C VAL D 147 35.51 -52.72 40.01
N GLN D 148 36.45 -53.54 40.47
CA GLN D 148 37.57 -53.08 41.27
C GLN D 148 38.87 -53.53 40.63
N TRP D 149 39.94 -52.78 40.87
CA TRP D 149 41.25 -53.06 40.31
C TRP D 149 42.26 -53.34 41.41
N LYS D 150 43.45 -53.76 40.97
CA LYS D 150 44.53 -54.10 41.88
C LYS D 150 45.85 -54.04 41.12
N VAL D 151 46.88 -53.50 41.76
CA VAL D 151 48.23 -53.41 41.18
C VAL D 151 49.22 -54.04 42.15
N ASP D 152 49.98 -55.02 41.66
CA ASP D 152 50.98 -55.73 42.46
C ASP D 152 50.41 -56.22 43.79
N ASN D 153 49.18 -56.72 43.74
CA ASN D 153 48.46 -57.18 44.94
C ASN D 153 48.33 -56.05 45.96
N ALA D 154 47.99 -54.86 45.46
CA ALA D 154 47.82 -53.70 46.31
C ALA D 154 46.67 -52.87 45.79
N LEU D 155 46.17 -51.98 46.66
CA LEU D 155 44.94 -51.23 46.41
C LEU D 155 45.21 -50.17 45.35
N GLN D 156 44.42 -50.17 44.28
CA GLN D 156 44.56 -49.20 43.19
C GLN D 156 43.30 -48.38 43.03
N SER D 157 43.47 -47.07 42.92
CA SER D 157 42.36 -46.14 42.74
C SER D 157 42.90 -44.85 42.16
N GLY D 158 41.99 -44.04 41.63
CA GLY D 158 42.36 -42.78 41.00
C GLY D 158 42.78 -42.90 39.56
N ASN D 159 42.80 -44.10 39.01
CA ASN D 159 43.13 -44.33 37.60
C ASN D 159 42.20 -45.40 37.02
N SER D 160 40.91 -45.31 37.34
CA SER D 160 39.92 -46.23 36.82
C SER D 160 38.68 -45.46 36.40
N GLN D 161 38.45 -45.43 35.08
CA GLN D 161 37.29 -44.77 34.49
C GLN D 161 36.40 -45.84 33.88
N GLU D 162 35.14 -45.86 34.28
CA GLU D 162 34.23 -46.96 33.99
C GLU D 162 33.15 -46.48 33.02
N SER D 163 33.46 -46.53 31.73
CA SER D 163 32.52 -46.14 30.68
C SER D 163 31.50 -47.26 30.50
N VAL D 164 30.24 -46.97 30.81
CA VAL D 164 29.17 -47.96 30.75
C VAL D 164 28.34 -47.72 29.51
N THR D 165 28.18 -48.77 28.70
CA THR D 165 27.37 -48.69 27.49
C THR D 165 25.89 -48.85 27.87
N GLU D 166 25.00 -48.52 26.95
CA GLU D 166 23.57 -48.49 27.21
C GLU D 166 22.97 -49.87 27.06
N GLN D 167 21.67 -49.99 27.33
CA GLN D 167 20.99 -51.26 27.28
C GLN D 167 20.88 -51.79 25.86
N ASP D 168 21.08 -53.09 25.71
CA ASP D 168 20.56 -53.77 24.55
C ASP D 168 19.05 -53.96 24.71
N SER D 169 18.30 -53.29 23.84
CA SER D 169 16.85 -53.28 23.94
C SER D 169 16.27 -54.69 23.83
N LYS D 170 17.03 -55.63 23.25
CA LYS D 170 16.50 -56.96 22.99
C LYS D 170 16.40 -57.77 24.28
N ASP D 171 17.47 -57.80 25.06
CA ASP D 171 17.56 -58.61 26.27
C ASP D 171 17.80 -57.80 27.53
N SER D 172 17.86 -56.47 27.41
CA SER D 172 18.05 -55.56 28.56
C SER D 172 19.34 -55.85 29.31
N THR D 173 20.25 -56.57 28.69
CA THR D 173 21.55 -56.85 29.28
C THR D 173 22.44 -55.62 29.20
N TYR D 174 23.72 -55.79 29.53
CA TYR D 174 24.61 -54.65 29.67
C TYR D 174 26.02 -55.01 29.24
N SER D 175 26.82 -53.97 28.96
CA SER D 175 28.25 -54.08 28.70
C SER D 175 28.96 -52.92 29.38
N LEU D 176 30.24 -53.12 29.66
CA LEU D 176 30.97 -52.19 30.51
C LEU D 176 32.47 -52.37 30.29
N SER D 177 33.22 -51.28 30.37
CA SER D 177 34.68 -51.30 30.15
C SER D 177 35.37 -50.40 31.17
N SER D 178 36.19 -51.01 32.02
CA SER D 178 37.09 -50.28 32.90
C SER D 178 38.49 -50.26 32.28
N THR D 179 39.20 -49.17 32.49
CA THR D 179 40.50 -48.96 31.83
C THR D 179 41.48 -48.40 32.86
N LEU D 180 42.53 -49.17 33.17
CA LEU D 180 43.54 -48.70 34.10
C LEU D 180 44.77 -48.24 33.31
N THR D 181 45.15 -46.99 33.49
CA THR D 181 46.22 -46.36 32.71
C THR D 181 47.36 -45.94 33.62
N LEU D 182 48.58 -46.18 33.15
CA LEU D 182 49.80 -45.80 33.84
C LEU D 182 50.83 -45.33 32.82
N SER D 183 51.72 -44.44 33.27
CA SER D 183 52.85 -44.04 32.47
C SER D 183 53.89 -45.16 32.45
N LYS D 184 54.94 -44.99 31.64
CA LYS D 184 56.03 -45.95 31.64
C LYS D 184 56.82 -45.87 32.95
N ALA D 185 56.79 -44.71 33.60
CA ALA D 185 57.49 -44.53 34.86
C ALA D 185 56.92 -45.38 35.99
N ASP D 186 55.77 -46.02 35.79
CA ASP D 186 55.25 -47.01 36.72
C ASP D 186 54.92 -48.34 36.06
N TYR D 187 54.77 -48.37 34.74
CA TYR D 187 54.44 -49.58 34.03
C TYR D 187 55.55 -50.61 34.03
N GLU D 188 56.81 -50.19 34.17
CA GLU D 188 57.93 -51.10 34.22
C GLU D 188 58.26 -51.54 35.64
N LYS D 189 57.70 -50.86 36.64
CA LYS D 189 57.94 -51.19 38.04
C LYS D 189 56.80 -51.97 38.68
N HIS D 190 55.82 -52.41 37.90
CA HIS D 190 54.66 -53.15 38.40
C HIS D 190 54.21 -54.13 37.33
N LYS D 191 54.14 -55.42 37.70
CA LYS D 191 53.99 -56.51 36.73
C LYS D 191 52.55 -57.02 36.61
N VAL D 192 51.96 -57.46 37.71
CA VAL D 192 50.64 -58.10 37.69
C VAL D 192 49.57 -57.04 37.94
N TYR D 193 48.67 -56.88 36.98
CA TYR D 193 47.56 -55.93 37.08
C TYR D 193 46.28 -56.75 37.04
N ALA D 194 45.42 -56.57 38.04
CA ALA D 194 44.27 -57.44 38.26
C ALA D 194 42.98 -56.63 38.26
N CYS D 195 41.92 -57.25 37.73
CA CYS D 195 40.58 -56.66 37.69
C CYS D 195 39.58 -57.67 38.21
N GLU D 196 39.00 -57.39 39.37
CA GLU D 196 37.91 -58.19 39.92
C GLU D 196 36.59 -57.48 39.64
N VAL D 197 35.52 -58.26 39.55
CA VAL D 197 34.19 -57.72 39.37
C VAL D 197 33.26 -58.38 40.37
N THR D 198 32.53 -57.55 41.12
CA THR D 198 31.45 -58.01 41.99
C THR D 198 30.16 -57.91 41.18
N HIS D 199 29.73 -59.03 40.62
CA HIS D 199 28.49 -59.10 39.85
C HIS D 199 27.63 -60.21 40.46
N GLN D 200 26.32 -59.98 40.45
CA GLN D 200 25.40 -60.94 41.04
C GLN D 200 25.50 -62.31 40.38
N GLY D 201 25.91 -62.36 39.11
CA GLY D 201 26.21 -63.64 38.49
C GLY D 201 27.56 -64.18 38.92
N LEU D 202 28.55 -63.31 39.11
CA LEU D 202 29.86 -63.70 39.61
C LEU D 202 29.72 -63.99 41.10
N SER D 203 29.44 -65.25 41.42
CA SER D 203 29.20 -65.63 42.81
C SER D 203 30.34 -65.19 43.71
N SER D 204 31.57 -65.44 43.28
CA SER D 204 32.76 -64.95 43.96
CA SER D 204 32.75 -64.95 43.97
C SER D 204 33.49 -63.99 43.04
N PRO D 205 33.90 -62.81 43.51
CA PRO D 205 34.59 -61.88 42.62
C PRO D 205 35.79 -62.53 41.94
N VAL D 206 35.69 -62.74 40.63
CA VAL D 206 36.77 -63.34 39.88
C VAL D 206 37.78 -62.25 39.55
N THR D 207 39.04 -62.53 39.85
CA THR D 207 40.11 -61.56 39.66
C THR D 207 41.03 -62.07 38.56
N LYS D 208 40.71 -61.70 37.32
CA LYS D 208 41.55 -62.07 36.19
C LYS D 208 42.87 -61.30 36.24
N SER D 209 43.94 -62.03 36.53
CA SER D 209 45.26 -61.43 36.67
C SER D 209 46.10 -61.81 35.45
N PHE D 210 46.91 -60.86 34.99
CA PHE D 210 47.78 -61.08 33.87
C PHE D 210 49.17 -60.55 34.19
N ASN D 211 50.16 -61.09 33.49
CA ASN D 211 51.55 -60.74 33.73
C ASN D 211 52.02 -59.73 32.68
N ARG D 212 52.93 -58.86 33.12
CA ARG D 212 53.53 -57.84 32.26
C ARG D 212 54.24 -58.51 31.08
N GLY D 213 53.96 -58.03 29.87
CA GLY D 213 54.58 -58.57 28.68
C GLY D 213 53.62 -58.73 27.52
N SER E 3 -0.07 -24.47 8.60
CA SER E 3 1.32 -24.80 8.93
C SER E 3 1.46 -25.19 10.40
N GLU E 4 2.71 -25.36 10.84
CA GLU E 4 3.02 -25.77 12.19
C GLU E 4 4.37 -25.21 12.62
N VAL E 5 4.69 -25.37 13.90
CA VAL E 5 5.90 -24.84 14.48
C VAL E 5 7.11 -25.61 13.96
N GLN E 6 8.08 -24.91 13.38
CA GLN E 6 9.38 -25.49 13.07
C GLN E 6 10.46 -24.67 13.74
N LEU E 7 11.25 -25.30 14.60
CA LEU E 7 12.35 -24.63 15.29
C LEU E 7 13.64 -25.20 14.70
N VAL E 8 14.28 -24.45 13.81
CA VAL E 8 15.47 -24.90 13.09
C VAL E 8 16.69 -24.16 13.64
N GLU E 9 17.66 -24.91 14.16
CA GLU E 9 18.73 -24.32 14.95
C GLU E 9 20.05 -24.35 14.19
N SER E 10 20.86 -23.32 14.42
CA SER E 10 22.11 -23.14 13.68
C SER E 10 23.23 -22.73 14.63
N GLY E 11 24.43 -22.61 14.08
CA GLY E 11 25.55 -21.98 14.75
C GLY E 11 26.13 -22.69 15.95
N GLY E 12 27.38 -22.34 16.30
CA GLY E 12 27.99 -22.69 17.56
C GLY E 12 28.47 -24.12 17.72
N GLY E 13 29.07 -24.42 18.87
CA GLY E 13 29.46 -25.78 19.20
C GLY E 13 30.93 -25.95 19.52
N LEU E 14 31.80 -25.29 18.76
CA LEU E 14 33.24 -25.29 19.01
C LEU E 14 33.61 -23.92 19.57
N VAL E 15 34.15 -23.92 20.78
CA VAL E 15 34.47 -22.67 21.48
C VAL E 15 35.41 -23.01 22.63
N GLN E 16 36.33 -22.10 22.90
CA GLN E 16 37.13 -22.22 24.10
C GLN E 16 36.42 -21.52 25.27
N PRO E 17 36.64 -21.98 26.49
CA PRO E 17 36.01 -21.31 27.63
C PRO E 17 36.50 -19.86 27.71
N GLY E 18 35.55 -18.94 27.64
CA GLY E 18 35.91 -17.54 27.51
C GLY E 18 35.62 -17.03 26.11
N GLY E 19 34.86 -17.82 25.34
CA GLY E 19 34.60 -17.47 23.96
C GLY E 19 33.12 -17.31 23.67
N SER E 20 32.82 -16.33 22.81
CA SER E 20 31.46 -15.93 22.50
C SER E 20 30.90 -16.75 21.34
N LEU E 21 29.58 -16.66 21.15
CA LEU E 21 28.88 -17.27 20.03
C LEU E 21 27.51 -16.64 19.87
N ARG E 22 26.75 -17.16 18.92
CA ARG E 22 25.33 -16.85 18.75
C ARG E 22 24.63 -18.18 18.49
N LEU E 23 23.71 -18.53 19.36
CA LEU E 23 22.86 -19.71 19.12
C LEU E 23 21.52 -19.24 18.59
N SER E 24 21.17 -19.69 17.39
CA SER E 24 20.09 -19.11 16.62
C SER E 24 19.05 -20.16 16.32
N CYS E 25 17.79 -19.76 16.44
CA CYS E 25 16.63 -20.65 16.29
C CYS E 25 15.63 -19.97 15.36
N ALA E 26 15.62 -20.38 14.10
CA ALA E 26 14.56 -19.95 13.20
C ALA E 26 13.27 -20.66 13.58
N ALA E 27 12.43 -19.98 14.33
CA ALA E 27 11.11 -20.46 14.71
C ALA E 27 10.18 -20.16 13.54
N SER E 28 10.43 -20.82 12.42
CA SER E 28 9.72 -20.61 11.17
C SER E 28 8.56 -21.60 11.06
N GLY E 29 7.44 -21.13 10.54
CA GLY E 29 6.15 -21.78 10.65
C GLY E 29 5.20 -21.06 11.57
N PHE E 30 5.72 -20.30 12.51
CA PHE E 30 4.96 -19.32 13.28
C PHE E 30 5.93 -18.16 13.48
N ASN E 31 5.57 -17.23 14.34
CA ASN E 31 6.42 -16.06 14.52
C ASN E 31 6.77 -15.85 15.99
N LEU E 32 7.94 -15.24 16.20
CA LEU E 32 8.52 -15.14 17.53
C LEU E 32 7.59 -14.48 18.54
N TYR E 33 6.57 -13.78 18.07
CA TYR E 33 5.85 -12.83 18.90
C TYR E 33 4.49 -13.31 19.36
N SER E 34 4.18 -14.58 19.17
CA SER E 34 2.92 -15.06 19.69
C SER E 34 3.05 -15.70 21.06
N SER E 35 4.03 -16.57 21.24
CA SER E 35 4.19 -17.26 22.51
C SER E 35 5.68 -17.33 22.83
N TYR E 36 5.99 -17.66 24.08
CA TYR E 36 7.34 -17.58 24.60
C TYR E 36 8.31 -18.40 23.77
N ILE E 37 9.59 -18.26 24.10
CA ILE E 37 10.68 -18.97 23.44
C ILE E 37 11.83 -19.10 24.43
N HIS E 38 12.04 -20.31 24.95
CA HIS E 38 13.11 -20.55 25.92
C HIS E 38 14.39 -21.08 25.29
N TRP E 39 15.18 -21.77 26.12
CA TRP E 39 16.44 -22.36 25.70
C TRP E 39 16.77 -23.53 26.62
N VAL E 40 16.23 -24.71 26.31
CA VAL E 40 16.45 -25.89 27.12
C VAL E 40 17.92 -26.31 27.18
N ARG E 41 18.29 -26.92 28.31
CA ARG E 41 19.66 -27.38 28.52
C ARG E 41 19.63 -28.89 28.66
N GLN E 42 20.60 -29.56 28.05
CA GLN E 42 20.67 -31.02 27.98
C GLN E 42 22.04 -31.45 28.48
N ALA E 43 22.10 -31.84 29.76
CA ALA E 43 23.37 -32.20 30.36
C ALA E 43 23.99 -33.38 29.62
N PRO E 44 25.33 -33.36 29.43
CA PRO E 44 25.96 -34.37 28.58
C PRO E 44 25.91 -35.74 29.20
N GLY E 45 24.74 -36.36 29.19
CA GLY E 45 24.56 -37.68 29.76
C GLY E 45 23.86 -37.70 31.10
N LYS E 46 23.45 -36.54 31.62
CA LYS E 46 22.78 -36.46 32.91
C LYS E 46 21.31 -36.13 32.82
N GLY E 47 20.90 -35.32 31.85
CA GLY E 47 19.51 -34.92 31.76
C GLY E 47 19.39 -33.49 31.30
N LEU E 48 18.39 -32.81 31.85
CA LEU E 48 17.92 -31.54 31.31
C LEU E 48 18.13 -30.39 32.30
N GLU E 49 17.94 -29.17 31.79
CA GLU E 49 17.74 -27.99 32.62
C GLU E 49 17.09 -26.90 31.79
N TRP E 50 16.26 -26.09 32.44
CA TRP E 50 15.74 -24.87 31.85
C TRP E 50 16.79 -23.79 31.90
N VAL E 51 16.75 -22.86 30.93
CA VAL E 51 17.80 -21.84 30.90
C VAL E 51 17.23 -20.42 31.00
N ALA E 52 16.47 -19.98 30.01
CA ALA E 52 16.17 -18.55 29.88
C ALA E 52 15.13 -18.39 28.78
N TYR E 53 14.52 -17.20 28.72
CA TYR E 53 13.38 -17.03 27.81
C TYR E 53 13.01 -15.56 27.65
N ILE E 54 12.52 -15.24 26.45
CA ILE E 54 12.06 -13.89 26.10
C ILE E 54 10.63 -14.02 25.60
N SER E 55 9.76 -13.09 26.00
CA SER E 55 8.46 -12.91 25.36
C SER E 55 8.45 -11.51 24.73
N SER E 56 8.44 -11.46 23.41
CA SER E 56 8.67 -10.21 22.68
C SER E 56 7.36 -9.48 22.37
N TYR E 57 6.25 -9.94 22.95
CA TYR E 57 5.04 -9.12 23.05
C TYR E 57 4.87 -8.65 24.49
N TYR E 58 5.93 -8.68 25.28
CA TYR E 58 5.97 -7.96 26.52
C TYR E 58 7.34 -7.39 26.81
N GLY E 59 8.28 -7.53 25.88
CA GLY E 59 9.67 -7.24 26.14
C GLY E 59 10.24 -7.98 27.32
N SER E 60 9.55 -8.98 27.85
CA SER E 60 9.88 -9.54 29.15
C SER E 60 10.86 -10.70 29.00
N THR E 61 12.10 -10.46 29.38
CA THR E 61 13.18 -11.39 29.15
C THR E 61 13.72 -11.88 30.48
N SER E 62 14.41 -13.01 30.42
CA SER E 62 14.97 -13.62 31.61
C SER E 62 16.21 -14.40 31.21
N TYR E 63 17.31 -14.16 31.92
CA TYR E 63 18.53 -14.94 31.82
C TYR E 63 18.46 -16.10 32.80
N ALA E 64 19.61 -16.72 33.03
CA ALA E 64 19.73 -17.79 34.01
C ALA E 64 20.67 -17.40 35.14
N ASP E 65 20.51 -18.09 36.28
CA ASP E 65 21.22 -17.71 37.49
C ASP E 65 22.72 -17.69 37.31
N SER E 66 23.32 -18.83 36.99
CA SER E 66 24.77 -18.93 36.98
C SER E 66 25.42 -18.29 35.76
N VAL E 67 24.65 -17.64 34.90
CA VAL E 67 25.20 -17.00 33.71
C VAL E 67 24.64 -15.60 33.49
N LYS E 68 23.80 -15.11 34.39
CA LYS E 68 23.10 -13.85 34.17
C LYS E 68 24.09 -12.73 33.91
N GLY E 69 24.13 -12.27 32.68
CA GLY E 69 25.13 -11.34 32.22
C GLY E 69 25.97 -11.86 31.07
N ARG E 70 25.93 -13.16 30.82
CA ARG E 70 26.66 -13.73 29.70
C ARG E 70 25.75 -14.21 28.58
N PHE E 71 24.45 -14.32 28.82
CA PHE E 71 23.53 -14.91 27.85
C PHE E 71 22.44 -13.91 27.51
N THR E 72 22.71 -13.04 26.53
CA THR E 72 21.77 -12.02 26.09
C THR E 72 20.80 -12.68 25.13
N ILE E 73 19.50 -12.49 25.35
CA ILE E 73 18.55 -13.04 24.40
C ILE E 73 18.09 -11.90 23.51
N SER E 74 17.67 -12.24 22.29
CA SER E 74 16.89 -11.34 21.45
C SER E 74 16.04 -12.22 20.55
N ALA E 75 14.83 -11.76 20.25
CA ALA E 75 13.92 -12.54 19.43
C ALA E 75 13.45 -11.68 18.27
N ASP E 76 14.22 -11.69 17.18
CA ASP E 76 13.97 -10.82 16.05
C ASP E 76 12.70 -11.23 15.32
N THR E 77 11.76 -10.30 15.17
CA THR E 77 10.44 -10.60 14.66
C THR E 77 10.26 -10.24 13.19
N SER E 78 11.26 -9.60 12.58
CA SER E 78 11.19 -9.30 11.16
C SER E 78 11.76 -10.40 10.30
N LYS E 79 12.91 -10.97 10.70
CA LYS E 79 13.42 -12.17 10.05
C LYS E 79 13.12 -13.41 10.87
N ASN E 80 12.28 -13.28 11.88
CA ASN E 80 11.71 -14.41 12.62
C ASN E 80 12.79 -15.43 12.99
N THR E 81 13.67 -15.00 13.90
CA THR E 81 14.70 -15.89 14.40
C THR E 81 15.17 -15.42 15.76
N ALA E 82 15.44 -16.39 16.63
CA ALA E 82 15.92 -16.13 17.98
C ALA E 82 17.44 -16.12 17.93
N TYR E 83 18.03 -15.13 18.59
CA TYR E 83 19.47 -14.98 18.64
C TYR E 83 19.95 -14.88 20.08
N LEU E 84 20.73 -15.86 20.50
CA LEU E 84 21.34 -15.87 21.82
C LEU E 84 22.79 -15.44 21.68
N GLN E 85 23.09 -14.23 22.13
CA GLN E 85 24.45 -13.78 22.29
C GLN E 85 25.03 -14.52 23.50
N MET E 86 25.91 -15.50 23.24
CA MET E 86 26.60 -16.26 24.29
C MET E 86 27.93 -15.60 24.60
N ASN E 87 28.15 -15.31 25.88
CA ASN E 87 29.35 -14.63 26.32
C ASN E 87 30.23 -15.60 27.10
N SER E 88 31.31 -16.03 26.45
CA SER E 88 32.46 -16.69 27.05
C SER E 88 32.20 -18.14 27.48
N LEU E 89 30.94 -18.56 27.50
CA LEU E 89 30.53 -19.96 27.37
C LEU E 89 31.47 -20.92 28.09
N ARG E 90 31.51 -20.86 29.43
CA ARG E 90 32.56 -21.52 30.20
C ARG E 90 32.51 -23.04 30.03
N ALA E 91 33.44 -23.72 30.68
CA ALA E 91 33.76 -25.11 30.36
C ALA E 91 32.56 -26.04 30.52
N GLU E 92 31.98 -26.09 31.72
CA GLU E 92 30.99 -27.11 32.04
C GLU E 92 29.60 -26.73 31.52
N ASP E 93 29.59 -26.31 30.25
CA ASP E 93 28.36 -26.00 29.55
C ASP E 93 28.37 -26.63 28.16
N THR E 94 28.89 -27.84 28.04
CA THR E 94 28.87 -28.59 26.80
C THR E 94 27.53 -29.28 26.58
N ALA E 95 26.47 -28.81 27.24
CA ALA E 95 25.15 -29.38 27.11
C ALA E 95 24.60 -29.14 25.71
N VAL E 96 23.60 -29.94 25.32
CA VAL E 96 22.84 -29.66 24.11
C VAL E 96 21.88 -28.53 24.45
N TYR E 97 21.72 -27.58 23.54
CA TYR E 97 20.78 -26.50 23.78
C TYR E 97 19.68 -26.55 22.73
N TYR E 98 18.50 -26.98 23.14
CA TYR E 98 17.34 -27.07 22.28
C TYR E 98 16.53 -25.79 22.36
N CYS E 99 16.04 -25.34 21.21
CA CYS E 99 15.12 -24.22 21.14
C CYS E 99 13.74 -24.70 21.56
N ALA E 100 13.18 -24.10 22.61
CA ALA E 100 11.94 -24.56 23.20
C ALA E 100 10.85 -23.52 22.97
N ARG E 101 9.64 -24.02 22.76
CA ARG E 101 8.47 -23.18 22.64
C ARG E 101 7.62 -23.36 23.88
N SER E 102 6.95 -22.30 24.30
CA SER E 102 6.02 -22.43 25.42
C SER E 102 4.60 -22.55 24.88
N PHE E 103 3.64 -22.47 25.78
CA PHE E 103 2.32 -23.05 25.59
C PHE E 103 1.37 -22.08 24.91
N SER E 104 0.23 -22.62 24.51
CA SER E 104 -0.89 -21.86 24.00
C SER E 104 -2.18 -22.51 24.51
N ILE E 105 -2.73 -21.98 25.61
CA ILE E 105 -3.90 -22.62 26.20
C ILE E 105 -5.07 -22.58 25.24
N ASN E 106 -5.01 -21.69 24.24
CA ASN E 106 -5.97 -21.64 23.15
C ASN E 106 -5.38 -22.17 21.85
N GLY E 107 -4.13 -21.82 21.55
CA GLY E 107 -3.49 -22.15 20.29
C GLY E 107 -2.93 -20.93 19.57
N SER E 108 -3.44 -19.75 19.88
CA SER E 108 -3.12 -18.53 19.15
C SER E 108 -2.01 -17.69 19.78
N TYR E 109 -2.05 -17.47 21.10
CA TYR E 109 -1.04 -16.59 21.71
C TYR E 109 -0.88 -16.93 23.18
N SER E 110 0.04 -16.19 23.81
CA SER E 110 0.44 -16.41 25.20
C SER E 110 0.29 -15.12 26.01
N TRP E 111 -0.51 -15.21 27.08
CA TRP E 111 -0.65 -14.12 28.04
C TRP E 111 0.66 -13.99 28.81
N TRP E 112 0.75 -12.95 29.64
CA TRP E 112 1.94 -12.82 30.47
C TRP E 112 1.70 -13.35 31.87
N TRP E 113 0.49 -13.20 32.41
CA TRP E 113 0.23 -13.63 33.77
C TRP E 113 0.25 -15.14 33.88
N ASP E 114 0.71 -15.64 35.04
CA ASP E 114 0.88 -17.07 35.30
C ASP E 114 1.76 -17.70 34.20
N GLN E 115 3.02 -17.25 34.20
CA GLN E 115 3.94 -17.42 33.07
C GLN E 115 4.17 -18.89 32.76
N ALA E 116 3.82 -19.29 31.54
CA ALA E 116 4.10 -20.63 31.02
C ALA E 116 3.64 -21.71 31.99
N ALA E 117 2.36 -21.70 32.35
CA ALA E 117 1.85 -22.61 33.36
C ALA E 117 1.60 -24.02 32.84
N TYR E 118 1.26 -24.16 31.56
CA TYR E 118 0.79 -25.43 31.03
C TYR E 118 1.81 -26.11 30.12
N GLY E 119 3.09 -26.03 30.45
CA GLY E 119 4.08 -26.89 29.83
C GLY E 119 4.35 -26.54 28.38
N LEU E 120 5.46 -27.10 27.87
CA LEU E 120 6.05 -26.69 26.59
C LEU E 120 5.56 -27.59 25.48
N ASP E 121 4.43 -27.20 24.87
CA ASP E 121 3.76 -28.09 23.92
C ASP E 121 4.41 -28.09 22.55
N TYR E 122 5.65 -27.61 22.43
CA TYR E 122 6.42 -27.75 21.21
C TYR E 122 7.89 -27.63 21.55
N TRP E 123 8.72 -28.41 20.85
CA TRP E 123 10.15 -28.41 21.10
C TRP E 123 10.89 -28.52 19.76
N GLY E 124 12.21 -28.44 19.83
CA GLY E 124 13.05 -28.48 18.64
C GLY E 124 14.34 -29.23 18.91
N GLN E 125 15.24 -29.20 17.92
CA GLN E 125 16.51 -29.91 17.98
C GLN E 125 17.65 -28.94 17.66
N GLY E 126 18.45 -28.61 18.67
CA GLY E 126 19.46 -27.59 18.55
C GLY E 126 20.86 -28.15 18.28
N THR E 127 21.80 -27.22 18.13
CA THR E 127 23.19 -27.57 17.91
C THR E 127 23.87 -27.85 19.24
N LEU E 128 24.21 -29.13 19.47
CA LEU E 128 25.01 -29.49 20.63
C LEU E 128 26.29 -28.67 20.67
N VAL E 129 26.45 -27.91 21.75
CA VAL E 129 27.60 -27.05 21.94
C VAL E 129 28.58 -27.75 22.87
N THR E 130 29.86 -27.41 22.72
CA THR E 130 30.92 -27.99 23.52
C THR E 130 31.99 -26.95 23.76
N VAL E 131 32.64 -27.04 24.91
CA VAL E 131 33.58 -26.02 25.38
C VAL E 131 34.89 -26.73 25.70
N SER E 132 35.91 -26.50 24.88
CA SER E 132 37.23 -27.10 25.12
C SER E 132 38.28 -26.27 24.40
N SER E 133 39.54 -26.61 24.67
CA SER E 133 40.68 -26.04 23.98
C SER E 133 41.48 -27.08 23.21
N ALA E 134 40.85 -28.19 22.83
CA ALA E 134 41.52 -29.20 22.00
C ALA E 134 41.26 -28.91 20.53
N SER E 135 42.32 -29.02 19.71
CA SER E 135 42.21 -28.72 18.29
C SER E 135 41.87 -30.00 17.53
N THR E 136 41.96 -29.96 16.21
CA THR E 136 41.75 -31.16 15.39
C THR E 136 43.02 -32.01 15.41
N LYS E 137 42.87 -33.27 15.80
CA LYS E 137 43.99 -34.19 15.98
C LYS E 137 43.57 -35.59 15.57
N GLY E 138 44.53 -36.38 15.11
CA GLY E 138 44.24 -37.71 14.60
C GLY E 138 44.30 -38.79 15.66
N PRO E 139 43.27 -39.63 15.69
CA PRO E 139 43.25 -40.75 16.65
C PRO E 139 44.17 -41.89 16.25
N SER E 140 45.04 -42.25 17.18
CA SER E 140 45.88 -43.43 17.06
C SER E 140 45.08 -44.59 17.63
N VAL E 141 44.99 -45.67 16.86
CA VAL E 141 44.31 -46.89 17.30
C VAL E 141 45.36 -47.87 17.80
N PHE E 142 45.22 -48.25 19.07
CA PHE E 142 46.04 -49.30 19.65
C PHE E 142 45.12 -50.50 19.80
N PRO E 143 45.25 -51.52 18.97
CA PRO E 143 44.41 -52.69 19.13
C PRO E 143 44.79 -53.48 20.37
N LEU E 144 43.90 -53.51 21.36
CA LEU E 144 44.11 -54.38 22.50
C LEU E 144 43.88 -55.81 22.04
N ALA E 145 44.89 -56.38 21.39
CA ALA E 145 44.77 -57.63 20.70
C ALA E 145 44.34 -58.74 21.66
N PRO E 146 43.66 -59.76 21.15
CA PRO E 146 43.24 -60.86 22.02
C PRO E 146 44.43 -61.48 22.73
N SER E 147 44.25 -61.74 24.02
CA SER E 147 45.37 -62.13 24.86
C SER E 147 46.00 -63.42 24.38
N SER E 148 47.31 -63.54 24.57
CA SER E 148 48.01 -64.80 24.36
C SER E 148 47.46 -65.90 25.26
N LYS E 149 46.69 -65.53 26.28
CA LYS E 149 46.00 -66.46 27.14
C LYS E 149 44.62 -66.83 26.59
N SER E 150 44.46 -66.79 25.27
CA SER E 150 43.19 -67.14 24.65
C SER E 150 42.79 -68.58 24.99
N THR E 151 41.53 -68.76 25.36
CA THR E 151 41.04 -70.08 25.76
C THR E 151 40.85 -70.96 24.52
N SER E 152 41.25 -72.22 24.65
CA SER E 152 41.08 -73.19 23.56
C SER E 152 39.84 -74.03 23.83
N GLY E 153 38.89 -74.01 22.90
CA GLY E 153 37.63 -74.68 23.09
C GLY E 153 36.53 -73.85 23.71
N GLY E 154 36.76 -72.54 23.88
CA GLY E 154 35.77 -71.67 24.48
C GLY E 154 35.51 -70.41 23.67
N THR E 155 35.46 -69.27 24.36
CA THR E 155 35.21 -67.97 23.74
C THR E 155 36.23 -66.97 24.24
N ALA E 156 36.88 -66.28 23.31
CA ALA E 156 37.87 -65.26 23.65
C ALA E 156 37.48 -63.95 22.99
N ALA E 157 37.64 -62.84 23.71
CA ALA E 157 37.32 -61.53 23.19
C ALA E 157 38.52 -60.95 22.45
N LEU E 158 38.25 -60.02 21.53
CA LEU E 158 39.29 -59.26 20.84
C LEU E 158 38.76 -57.88 20.50
N GLY E 159 39.60 -56.88 20.65
CA GLY E 159 39.15 -55.52 20.46
C GLY E 159 40.28 -54.54 20.29
N CYS E 160 39.91 -53.26 20.28
CA CYS E 160 40.85 -52.19 20.02
C CYS E 160 40.37 -50.93 20.71
N LEU E 161 41.31 -50.06 21.05
CA LEU E 161 41.00 -48.74 21.58
C LEU E 161 41.48 -47.69 20.59
N VAL E 162 40.71 -46.62 20.44
CA VAL E 162 41.13 -45.43 19.69
C VAL E 162 41.36 -44.33 20.71
N LYS E 163 42.35 -43.48 20.47
CA LYS E 163 42.71 -42.45 21.43
C LYS E 163 43.36 -41.26 20.75
N ASP E 164 43.45 -40.17 21.51
CA ASP E 164 44.26 -39.00 21.15
C ASP E 164 43.72 -38.32 19.89
N TYR E 165 42.45 -37.92 19.96
CA TYR E 165 41.83 -37.18 18.87
C TYR E 165 40.83 -36.17 19.42
N PHE E 166 40.56 -35.16 18.62
CA PHE E 166 39.49 -34.21 18.89
C PHE E 166 38.99 -33.57 17.60
N PRO E 167 37.68 -33.35 17.46
CA PRO E 167 36.66 -33.90 18.36
C PRO E 167 36.11 -35.20 17.80
N GLU E 168 34.97 -35.64 18.32
CA GLU E 168 34.29 -36.79 17.74
C GLU E 168 33.89 -36.50 16.29
N PRO E 169 33.44 -37.52 15.54
CA PRO E 169 33.26 -38.94 15.85
C PRO E 169 34.25 -39.86 15.17
N VAL E 170 34.42 -41.06 15.72
CA VAL E 170 35.22 -42.11 15.08
C VAL E 170 34.30 -43.32 14.90
N THR E 171 34.19 -43.80 13.67
CA THR E 171 33.54 -45.07 13.37
C THR E 171 34.52 -46.20 13.62
N VAL E 172 34.28 -46.95 14.69
CA VAL E 172 35.11 -48.09 15.07
C VAL E 172 34.37 -49.35 14.62
N SER E 173 34.82 -49.93 13.52
CA SER E 173 34.20 -51.13 12.97
C SER E 173 35.25 -52.21 12.76
N TRP E 174 34.79 -53.36 12.29
CA TRP E 174 35.61 -54.57 12.23
C TRP E 174 35.53 -55.22 10.86
N ASN E 175 36.71 -55.57 10.32
CA ASN E 175 36.84 -56.05 8.94
C ASN E 175 36.21 -55.07 7.96
N SER E 176 36.71 -53.83 7.99
CA SER E 176 36.20 -52.76 7.13
C SER E 176 34.71 -52.55 7.31
N GLY E 177 34.21 -52.86 8.52
CA GLY E 177 32.82 -52.65 8.85
C GLY E 177 31.89 -53.77 8.42
N ALA E 178 32.39 -54.80 7.76
CA ALA E 178 31.56 -55.91 7.32
C ALA E 178 31.10 -56.81 8.46
N LEU E 179 31.78 -56.76 9.60
CA LEU E 179 31.47 -57.61 10.75
C LEU E 179 31.17 -56.70 11.94
N THR E 180 29.88 -56.51 12.24
CA THR E 180 29.46 -55.60 13.31
C THR E 180 28.48 -56.25 14.27
N SER E 181 28.32 -57.56 14.24
CA SER E 181 27.31 -58.24 15.06
C SER E 181 27.84 -58.50 16.47
N GLY E 182 27.05 -58.10 17.46
CA GLY E 182 27.40 -58.33 18.85
C GLY E 182 28.36 -57.32 19.44
N VAL E 183 29.00 -56.52 18.60
CA VAL E 183 30.06 -55.60 19.02
C VAL E 183 29.40 -54.52 19.89
N HIS E 184 30.08 -54.10 20.95
CA HIS E 184 29.57 -53.06 21.84
C HIS E 184 30.36 -51.78 21.62
N THR E 185 29.66 -50.71 21.24
CA THR E 185 30.25 -49.39 21.08
C THR E 185 30.33 -48.70 22.45
N PHE E 186 31.55 -48.44 22.91
CA PHE E 186 31.77 -47.82 24.20
C PHE E 186 31.89 -46.31 24.06
N PRO E 187 31.53 -45.56 25.10
CA PRO E 187 31.44 -44.10 24.95
C PRO E 187 32.76 -43.46 24.56
N ALA E 188 32.68 -42.42 23.75
CA ALA E 188 33.86 -41.66 23.32
C ALA E 188 34.34 -40.82 24.49
N VAL E 189 35.37 -41.32 25.18
CA VAL E 189 35.82 -40.69 26.42
C VAL E 189 36.69 -39.47 26.10
N LEU E 190 36.54 -38.43 26.92
CA LEU E 190 37.33 -37.21 26.82
C LEU E 190 38.71 -37.45 27.42
N GLN E 191 39.74 -37.10 26.66
CA GLN E 191 41.10 -37.25 27.15
C GLN E 191 41.40 -36.16 28.18
N SER E 192 42.36 -36.46 29.06
CA SER E 192 42.62 -35.59 30.21
C SER E 192 43.05 -34.19 29.77
N SER E 193 43.68 -34.07 28.61
CA SER E 193 44.10 -32.76 28.12
C SER E 193 43.02 -32.08 27.31
N GLY E 194 42.05 -32.84 26.81
CA GLY E 194 40.97 -32.31 25.99
C GLY E 194 40.66 -33.11 24.74
N LEU E 195 41.49 -34.09 24.38
CA LEU E 195 41.26 -34.92 23.21
C LEU E 195 40.21 -35.97 23.53
N TYR E 196 40.02 -36.96 22.68
CA TYR E 196 39.00 -37.97 22.92
C TYR E 196 39.60 -39.35 22.71
N SER E 197 38.83 -40.37 23.10
CA SER E 197 39.21 -41.78 23.02
C SER E 197 37.97 -42.61 23.29
N LEU E 198 38.04 -43.89 22.92
CA LEU E 198 37.01 -44.86 23.24
C LEU E 198 37.54 -46.26 22.97
N SER E 199 36.74 -47.27 23.34
CA SER E 199 37.10 -48.66 23.17
C SER E 199 36.01 -49.40 22.41
N SER E 200 36.37 -50.56 21.87
CA SER E 200 35.38 -51.42 21.21
C SER E 200 35.95 -52.82 21.05
N VAL E 201 35.22 -53.80 21.58
CA VAL E 201 35.67 -55.19 21.64
C VAL E 201 34.48 -56.09 21.35
N VAL E 202 34.77 -57.29 20.85
CA VAL E 202 33.73 -58.29 20.56
C VAL E 202 34.33 -59.66 20.81
N THR E 203 33.48 -60.60 21.24
CA THR E 203 33.92 -61.96 21.53
C THR E 203 33.76 -62.86 20.31
N VAL E 204 34.72 -63.76 20.13
CA VAL E 204 34.75 -64.73 19.05
C VAL E 204 34.95 -66.11 19.66
N PRO E 205 34.25 -67.15 19.19
CA PRO E 205 34.55 -68.51 19.63
C PRO E 205 35.99 -68.88 19.33
N SER E 206 36.49 -69.89 20.04
CA SER E 206 37.91 -70.24 20.03
C SER E 206 38.34 -70.92 18.73
N SER E 207 37.51 -70.90 17.69
CA SER E 207 37.88 -71.57 16.45
C SER E 207 38.27 -70.58 15.36
N SER E 208 37.85 -69.31 15.50
CA SER E 208 38.07 -68.32 14.46
C SER E 208 38.97 -67.17 14.91
N LEU E 209 39.82 -67.41 15.90
CA LEU E 209 40.82 -66.41 16.28
C LEU E 209 42.01 -66.39 15.35
N GLY E 210 42.57 -67.56 15.04
CA GLY E 210 43.70 -67.66 14.13
C GLY E 210 43.32 -68.16 12.76
N THR E 211 42.14 -68.78 12.66
CA THR E 211 41.60 -69.18 11.36
C THR E 211 41.43 -67.97 10.45
N GLN E 212 40.85 -66.89 10.98
CA GLN E 212 40.75 -65.62 10.29
C GLN E 212 41.43 -64.54 11.13
N THR E 213 41.93 -63.52 10.45
CA THR E 213 42.59 -62.39 11.09
C THR E 213 41.82 -61.12 10.79
N TYR E 214 41.35 -60.46 11.85
CA TYR E 214 40.37 -59.39 11.73
C TYR E 214 41.07 -58.04 11.66
N ILE E 215 40.29 -57.02 11.30
CA ILE E 215 40.76 -55.65 11.15
C ILE E 215 39.92 -54.74 12.04
N CYS E 216 40.59 -53.88 12.80
CA CYS E 216 39.93 -52.81 13.56
C CYS E 216 40.06 -51.53 12.75
N ASN E 217 39.05 -51.23 11.93
CA ASN E 217 39.07 -50.04 11.12
C ASN E 217 38.41 -48.89 11.87
N VAL E 218 38.97 -47.69 11.71
CA VAL E 218 38.43 -46.50 12.35
C VAL E 218 38.37 -45.37 11.33
N ASN E 219 37.31 -44.57 11.42
CA ASN E 219 37.04 -43.47 10.51
C ASN E 219 36.83 -42.20 11.33
N HIS E 220 37.75 -41.24 11.22
CA HIS E 220 37.62 -39.95 11.90
C HIS E 220 37.64 -38.86 10.84
N LYS E 221 36.53 -38.14 10.72
CA LYS E 221 36.33 -37.11 9.71
C LYS E 221 36.98 -35.79 10.10
N PRO E 222 36.85 -35.31 11.35
CA PRO E 222 37.59 -34.11 11.75
C PRO E 222 39.09 -34.20 11.55
N SER E 223 39.67 -35.40 11.58
CA SER E 223 41.09 -35.61 11.34
C SER E 223 41.38 -36.28 10.01
N ASN E 224 40.35 -36.65 9.25
CA ASN E 224 40.51 -37.21 7.91
C ASN E 224 41.40 -38.44 7.91
N THR E 225 41.25 -39.28 8.93
CA THR E 225 42.08 -40.48 9.07
C THR E 225 41.20 -41.72 9.11
N LYS E 226 41.46 -42.64 8.20
CA LYS E 226 40.73 -43.91 8.11
C LYS E 226 41.79 -45.00 8.29
N VAL E 227 42.02 -45.40 9.52
CA VAL E 227 43.11 -46.30 9.87
C VAL E 227 42.61 -47.73 9.84
N ASP E 228 43.32 -48.57 9.10
CA ASP E 228 43.05 -50.00 9.02
C ASP E 228 44.17 -50.75 9.71
N LYS E 229 43.80 -51.56 10.70
CA LYS E 229 44.79 -52.20 11.56
C LYS E 229 44.44 -53.66 11.82
N LYS E 230 45.43 -54.53 11.65
CA LYS E 230 45.21 -55.96 11.79
C LYS E 230 45.34 -56.39 13.25
N VAL E 231 44.36 -57.16 13.72
CA VAL E 231 44.34 -57.67 15.08
C VAL E 231 44.61 -59.16 15.04
N GLU E 232 45.29 -59.66 16.07
CA GLU E 232 45.70 -61.06 16.12
C GLU E 232 46.07 -61.45 17.54
N PRO E 233 45.72 -62.66 17.99
CA PRO E 233 46.16 -63.11 19.31
C PRO E 233 47.67 -63.04 19.45
N LYS E 234 48.12 -62.72 20.66
CA LYS E 234 49.55 -62.51 20.91
C LYS E 234 50.32 -63.81 20.72
N SER E 235 51.37 -63.76 19.90
CA SER E 235 52.29 -64.86 19.72
C SER E 235 53.57 -64.55 20.49
N CYS E 236 53.68 -65.07 21.70
CA CYS E 236 54.80 -64.76 22.59
C CYS E 236 56.15 -65.07 21.97
C1 CLR F . -14.01 19.57 56.14
C2 CLR F . -15.36 19.53 56.81
C3 CLR F . -15.95 20.92 56.96
C4 CLR F . -15.61 21.83 55.73
C5 CLR F . -14.54 21.44 54.71
C6 CLR F . -13.72 22.39 54.24
C7 CLR F . -12.68 22.05 53.17
C8 CLR F . -12.88 20.60 52.66
C9 CLR F . -12.90 19.71 53.92
C10 CLR F . -14.20 19.95 54.69
C11 CLR F . -12.63 18.22 53.63
C12 CLR F . -11.42 17.99 52.72
C13 CLR F . -11.76 18.66 51.37
C14 CLR F . -11.78 20.16 51.73
C15 CLR F . -11.82 20.80 50.33
C16 CLR F . -10.61 20.05 49.67
C17 CLR F . -10.64 18.58 50.29
C18 CLR F . -13.04 18.10 50.77
C19 CLR F . -15.31 19.04 54.10
C20 CLR F . -10.84 17.48 49.22
C21 CLR F . -10.42 16.06 49.66
C22 CLR F . -10.02 17.84 47.92
C23 CLR F . -8.57 17.35 47.95
C24 CLR F . -7.69 18.64 47.78
C25 CLR F . -6.84 19.01 49.02
C26 CLR F . -6.56 17.73 49.82
C27 CLR F . -5.54 19.74 48.69
O1 CLR F . -17.34 20.82 57.22
C1 CLR G . -12.78 39.16 53.71
C2 CLR G . -13.13 39.29 55.20
C3 CLR G . -12.30 40.18 56.15
C4 CLR G . -10.91 40.48 55.57
C5 CLR G . -10.50 39.51 54.50
C6 CLR G . -9.85 38.41 54.84
C7 CLR G . -9.11 37.68 53.73
C8 CLR G . -9.34 38.48 52.44
C9 CLR G . -10.84 38.61 52.22
C10 CLR G . -11.38 39.60 53.27
C11 CLR G . -11.14 38.88 50.75
C12 CLR G . -10.45 37.93 49.76
C13 CLR G . -8.94 38.18 49.90
C14 CLR G . -8.73 37.65 51.36
C15 CLR G . -7.23 37.35 51.56
C16 CLR G . -7.01 36.52 50.24
C17 CLR G . -7.88 37.28 49.14
C18 CLR G . -8.71 39.66 49.70
C19 CLR G . -11.37 41.06 52.75
C20 CLR G . -6.83 37.93 48.22
C21 CLR G . -7.33 38.34 46.83
C22 CLR G . -5.71 36.86 48.06
C23 CLR G . -5.19 36.67 46.65
C24 CLR G . -4.04 37.71 46.43
C25 CLR G . -3.76 37.82 44.91
C26 CLR G . -2.56 36.92 44.54
C27 CLR G . -5.00 37.66 44.03
O1 CLR G . -12.96 41.37 56.56
#